data_9NK8
#
_entry.id   9NK8
#
_cell.length_a   1.00
_cell.length_b   1.00
_cell.length_c   1.00
_cell.angle_alpha   90.00
_cell.angle_beta   90.00
_cell.angle_gamma   90.00
#
_symmetry.space_group_name_H-M   'P 1'
#
loop_
_entity.id
_entity.type
_entity.pdbx_description
1 polymer Sam35
2 polymer Sam50
3 polymer Sam37
4 polymer 'darobactin A'
5 non-polymer ERGOSTEROL
#
loop_
_entity_poly.entity_id
_entity_poly.type
_entity_poly.pdbx_seq_one_letter_code
_entity_poly.pdbx_strand_id
1 'polypeptide(L)'
;MSASIPSAAPSWRKMQIPRPLQRLFDYFPLRIYEPNELPERSQQLTSGDLPTLYVFSTDSDARLGLPSFNPGCLKWQTLL
RLANLDFRILPSTNHSSPTGSLPFLLPPRTSPTASPAPIPASGLLSFARKNPWRPGKAADLDLGHLDADLPPRAQAYLAL
ITHSLRNAWLCALYLDPTHDALLRRLYVDPASSSRAVRAALLHQLRRAAAEQVATASSGGGKIVSLAPVDSADGIDEEAV
YRSARDALDALASLLRESETAWFFGTERPGSFDAALFSYTHLMVEYMSEEEDTESAKGRVSLGRMVKEAGNGELAEHRER
MLGVAWPEWDGYRR
;
A
2 'polypeptide(L)'
;MSASSLGFGGSNAVDKVNATTTPGTVATPNSGPTKMLDEHILTPASISTLEVHGATNTRRSLLDQIFKPVLEDTAAAGTT
LGQVLDRVGAATKKLARFDIFKEEGFGVFLSEAAPPQSAPPTDRTDLDISIRVKEKSRLVFSAGTDFGNAEGSAYTNAVV
RNIFGGAETLTVNASTGTRTRSAYNATFSTPINGNPDLRLSVEALRSATQKPWASHEEHLTGANLRLAWLTEKGDTHALA
YSSVWRQLTGLAPTASPTVRADAGDSLKSSLTHTFTRDRRDNPMLPQSGYLFRSVSELAGWGPLNGDVSFAKTEVEASGA
LPVAIPGLAGKSGVSVGGGLRLGVLYPLPLGYSLTGAAQPSRINDRFQLGGPNDVRGFKIGGLGPHDGVDAVGGDVFAAG
SVNALLPLPRTGPDSPLRLQLYANAGRLVALNSKGTDKEGKEGLAMDSAAVFKGVKSAVGKLTNGIPSLAAGVGLVYAHP
VARFELNFSLPLVLRRGEEGRKGLQVGVGISFL
;
B
3 'polypeptide(L)'
;MSSAWSHPQFEKGGGSGGGSGGSAWSHPQFEKGGAVQLHVWGPAFGLPSIDAECLAAIAYLAQTLGSADYQLIQSSPSAV
PTQHLPTLYDSRTSTWIGGFTSITAHLHTHPPPTFQSAPQPTDGSSSTTTTTTTTTTAASATADGTAYTAFLSAHAAPLL
ALSLYVSSANYGAATRPAYSAVLPLPLPWTEPPAVRAAMARRAAHLGLSSLDADAAAERARAEERRAAADGWVAVPPHAT
AGRAAGGGGGGGGGGGKGGGVAAVLTPEQKSRIRLEEAAREVLDVLAEVDWAAGGGGRQVAAEVRCLAFGYLALMLLPDV
PRPWLREIMEGRYPALCTFVRDFRARVFPQGGKLLPWADGGAQASASASASASAVALRFVRAVMAEVPLVGEWWSRWWTA
RKKREVLASKGAKPAPSNDLLLLLGAGLGLTVVGAGVFFYRGLPPFGEAVQVWRKPVVGLSSFGAAGAMFSGALYGLD
;
C
4 'polypeptide(L)' WN(UX8)SKSF D
#
loop_
_chem_comp.id
_chem_comp.type
_chem_comp.name
_chem_comp.formula
ERG non-polymer ERGOSTEROL 'C28 H44 O'
#
# COMPACT_ATOMS: atom_id res chain seq x y z
N ILE A 17 -37.57 -14.54 -25.17
CA ILE A 17 -36.71 -15.68 -25.45
C ILE A 17 -36.24 -16.43 -24.19
N PRO A 18 -35.82 -15.70 -23.14
CA PRO A 18 -35.49 -16.41 -21.89
C PRO A 18 -36.67 -17.14 -21.28
N ARG A 19 -37.89 -16.61 -21.42
CA ARG A 19 -39.04 -17.22 -20.76
C ARG A 19 -39.34 -18.63 -21.25
N PRO A 20 -39.45 -18.92 -22.56
CA PRO A 20 -39.73 -20.31 -22.98
C PRO A 20 -38.61 -21.28 -22.62
N LEU A 21 -37.37 -20.81 -22.65
CA LEU A 21 -36.24 -21.70 -22.38
C LEU A 21 -35.95 -21.87 -20.90
N GLN A 22 -36.65 -21.14 -20.02
CA GLN A 22 -36.43 -21.30 -18.58
C GLN A 22 -36.77 -22.70 -18.12
N ARG A 23 -37.65 -23.41 -18.83
CA ARG A 23 -37.92 -24.80 -18.53
C ARG A 23 -36.74 -25.72 -18.83
N LEU A 24 -35.73 -25.20 -19.54
CA LEU A 24 -34.56 -26.01 -19.85
C LEU A 24 -33.39 -25.65 -18.94
N PHE A 25 -33.20 -24.36 -18.67
CA PHE A 25 -32.13 -23.92 -17.80
C PHE A 25 -32.29 -24.41 -16.37
N ASP A 26 -33.53 -24.53 -15.88
CA ASP A 26 -33.76 -24.99 -14.52
C ASP A 26 -33.43 -26.46 -14.33
N TYR A 27 -33.29 -27.22 -15.42
CA TYR A 27 -32.96 -28.63 -15.33
C TYR A 27 -31.50 -28.87 -14.96
N PHE A 28 -30.61 -27.97 -15.33
CA PHE A 28 -29.19 -28.12 -15.08
C PHE A 28 -28.76 -27.29 -13.87
N PRO A 29 -27.76 -27.74 -13.10
CA PRO A 29 -26.96 -28.96 -13.26
C PRO A 29 -27.72 -30.24 -12.95
N LEU A 30 -27.36 -31.34 -13.59
CA LEU A 30 -28.07 -32.60 -13.40
C LEU A 30 -27.72 -33.27 -12.09
N ARG A 31 -26.49 -33.10 -11.61
CA ARG A 31 -26.05 -33.69 -10.36
C ARG A 31 -25.36 -32.61 -9.53
N ILE A 32 -25.74 -32.51 -8.26
CA ILE A 32 -25.15 -31.55 -7.34
C ILE A 32 -24.55 -32.33 -6.17
N TYR A 33 -23.25 -32.16 -5.97
CA TYR A 33 -22.53 -32.87 -4.93
C TYR A 33 -22.34 -31.99 -3.70
N GLU A 34 -21.86 -32.61 -2.63
CA GLU A 34 -21.54 -31.87 -1.42
C GLU A 34 -20.35 -30.96 -1.66
N PRO A 35 -20.28 -29.83 -0.98
CA PRO A 35 -19.23 -28.85 -1.25
C PRO A 35 -17.85 -29.38 -0.93
N ASN A 36 -16.86 -28.87 -1.66
CA ASN A 36 -15.48 -29.24 -1.39
C ASN A 36 -15.04 -28.68 -0.03
N GLU A 37 -14.25 -29.47 0.68
CA GLU A 37 -13.76 -29.04 1.99
C GLU A 37 -12.76 -27.91 1.84
N LEU A 38 -12.74 -27.02 2.81
CA LEU A 38 -11.84 -25.89 2.80
C LEU A 38 -10.40 -26.35 3.03
N PRO A 39 -9.42 -25.53 2.65
CA PRO A 39 -8.02 -25.90 2.84
C PRO A 39 -7.69 -26.11 4.32
N GLU A 40 -6.53 -26.74 4.55
CA GLU A 40 -6.11 -27.03 5.91
C GLU A 40 -5.91 -25.76 6.72
N ARG A 41 -5.30 -24.75 6.12
CA ARG A 41 -5.07 -23.50 6.84
C ARG A 41 -6.37 -22.84 7.23
N SER A 42 -7.37 -22.88 6.35
CA SER A 42 -8.68 -22.32 6.66
C SER A 42 -9.35 -23.09 7.78
N GLN A 43 -9.24 -24.42 7.76
CA GLN A 43 -9.91 -25.24 8.77
C GLN A 43 -9.33 -24.99 10.16
N GLN A 44 -8.01 -24.83 10.26
CA GLN A 44 -7.39 -24.66 11.57
C GLN A 44 -7.68 -23.30 12.16
N LEU A 45 -7.67 -22.25 11.32
CA LEU A 45 -7.74 -20.90 11.85
C LEU A 45 -9.16 -20.40 12.01
N THR A 46 -10.02 -20.62 11.02
CA THR A 46 -11.34 -20.01 10.97
C THR A 46 -12.43 -20.86 11.59
N SER A 47 -12.11 -22.03 12.14
CA SER A 47 -13.10 -22.89 12.76
C SER A 47 -13.04 -22.73 14.27
N GLY A 48 -14.17 -22.35 14.86
CA GLY A 48 -14.24 -22.20 16.30
C GLY A 48 -15.68 -22.08 16.74
N ASP A 49 -15.91 -22.44 18.00
CA ASP A 49 -17.26 -22.37 18.57
C ASP A 49 -17.54 -21.04 19.26
N LEU A 50 -16.52 -20.25 19.53
CA LEU A 50 -16.69 -18.97 20.20
C LEU A 50 -16.34 -17.83 19.24
N PRO A 51 -17.00 -16.68 19.36
CA PRO A 51 -16.62 -15.54 18.53
C PRO A 51 -15.18 -15.15 18.79
N THR A 52 -14.48 -14.80 17.72
CA THR A 52 -13.06 -14.51 17.78
C THR A 52 -12.81 -13.05 17.49
N LEU A 53 -12.05 -12.39 18.36
CA LEU A 53 -11.68 -11.00 18.19
C LEU A 53 -10.24 -10.94 17.71
N TYR A 54 -10.02 -10.28 16.58
CA TYR A 54 -8.71 -10.22 15.97
C TYR A 54 -7.98 -8.96 16.42
N VAL A 55 -6.86 -9.16 17.13
CA VAL A 55 -6.12 -8.06 17.74
C VAL A 55 -4.63 -8.26 17.45
N PHE A 56 -3.86 -7.23 17.78
CA PHE A 56 -2.41 -7.33 17.72
C PHE A 56 -1.90 -8.03 18.97
N SER A 57 -1.51 -9.30 18.84
CA SER A 57 -0.98 -10.03 19.97
C SER A 57 -0.08 -11.14 19.46
N THR A 58 0.57 -11.83 20.39
CA THR A 58 1.42 -12.95 20.06
C THR A 58 0.66 -14.26 20.23
N ASP A 59 1.20 -15.32 19.63
CA ASP A 59 0.54 -16.63 19.72
C ASP A 59 0.51 -17.16 21.14
N SER A 60 1.53 -16.83 21.94
CA SER A 60 1.51 -17.24 23.34
C SER A 60 0.53 -16.39 24.14
N ASP A 61 0.44 -15.09 23.84
CA ASP A 61 -0.53 -14.24 24.50
C ASP A 61 -1.95 -14.65 24.15
N ALA A 62 -2.19 -14.95 22.87
CA ALA A 62 -3.54 -15.27 22.42
C ALA A 62 -4.06 -16.57 23.04
N ARG A 63 -3.16 -17.47 23.43
CA ARG A 63 -3.59 -18.71 24.05
C ARG A 63 -4.31 -18.46 25.37
N LEU A 64 -3.73 -17.59 26.21
CA LEU A 64 -4.34 -17.31 27.50
C LEU A 64 -5.29 -16.12 27.48
N GLY A 65 -5.42 -15.45 26.34
CA GLY A 65 -6.26 -14.27 26.25
C GLY A 65 -5.69 -13.06 26.96
N LEU A 66 -4.39 -12.99 27.13
CA LEU A 66 -3.75 -11.87 27.82
C LEU A 66 -3.88 -10.60 27.01
N PRO A 67 -3.76 -9.44 27.65
CA PRO A 67 -4.00 -8.17 26.95
C PRO A 67 -3.09 -7.99 25.75
N SER A 68 -3.64 -7.43 24.69
CA SER A 68 -2.86 -7.14 23.50
C SER A 68 -1.91 -5.99 23.76
N PHE A 69 -0.89 -5.87 22.92
CA PHE A 69 0.10 -4.81 23.06
C PHE A 69 -0.25 -3.56 22.26
N ASN A 70 -1.39 -3.54 21.59
CA ASN A 70 -1.82 -2.37 20.86
C ASN A 70 -2.91 -1.66 21.64
N PRO A 71 -2.70 -0.41 22.04
CA PRO A 71 -3.70 0.28 22.87
C PRO A 71 -5.05 0.42 22.20
N GLY A 72 -5.10 0.56 20.88
CA GLY A 72 -6.37 0.59 20.20
C GLY A 72 -7.13 -0.71 20.29
N CYS A 73 -6.42 -1.84 20.17
CA CYS A 73 -7.05 -3.14 20.29
C CYS A 73 -7.33 -3.50 21.74
N LEU A 74 -6.49 -3.06 22.67
CA LEU A 74 -6.68 -3.38 24.08
C LEU A 74 -7.90 -2.68 24.65
N LYS A 75 -8.26 -1.53 24.09
CA LYS A 75 -9.44 -0.80 24.57
C LYS A 75 -10.70 -1.64 24.40
N TRP A 76 -10.87 -2.22 23.21
CA TRP A 76 -12.07 -3.00 22.96
C TRP A 76 -12.00 -4.38 23.60
N GLN A 77 -10.80 -4.96 23.68
CA GLN A 77 -10.65 -6.24 24.36
C GLN A 77 -11.04 -6.12 25.82
N THR A 78 -10.76 -4.97 26.44
CA THR A 78 -11.12 -4.77 27.84
C THR A 78 -12.63 -4.65 28.01
N LEU A 79 -13.28 -3.90 27.12
CA LEU A 79 -14.72 -3.71 27.24
C LEU A 79 -15.48 -5.01 27.04
N LEU A 80 -15.05 -5.83 26.09
CA LEU A 80 -15.72 -7.11 25.85
C LEU A 80 -15.57 -8.03 27.04
N ARG A 81 -14.47 -7.94 27.78
CA ARG A 81 -14.32 -8.73 28.99
C ARG A 81 -15.16 -8.17 30.12
N LEU A 82 -15.36 -6.85 30.15
CA LEU A 82 -16.28 -6.25 31.11
C LEU A 82 -17.73 -6.50 30.72
N ALA A 83 -18.02 -6.67 29.43
CA ALA A 83 -19.36 -6.99 28.97
C ALA A 83 -19.75 -8.43 29.24
N ASN A 84 -18.85 -9.22 29.83
CA ASN A 84 -19.10 -10.63 30.10
C ASN A 84 -19.44 -11.39 28.83
N LEU A 85 -18.71 -11.07 27.76
CA LEU A 85 -18.82 -11.85 26.53
C LEU A 85 -17.76 -12.94 26.52
N ASP A 86 -18.18 -14.15 26.15
CA ASP A 86 -17.26 -15.29 26.04
C ASP A 86 -16.70 -15.30 24.63
N PHE A 87 -15.39 -15.10 24.51
CA PHE A 87 -14.76 -14.98 23.21
C PHE A 87 -13.29 -15.35 23.33
N ARG A 88 -12.65 -15.57 22.19
CA ARG A 88 -11.23 -15.86 22.11
C ARG A 88 -10.58 -14.83 21.20
N ILE A 89 -9.31 -14.54 21.46
CA ILE A 89 -8.59 -13.58 20.63
C ILE A 89 -7.59 -14.31 19.76
N LEU A 90 -7.28 -13.72 18.61
CA LEU A 90 -6.29 -14.28 17.71
C LEU A 90 -5.43 -13.15 17.14
N PRO A 91 -4.14 -13.39 16.97
CA PRO A 91 -3.30 -12.38 16.32
C PRO A 91 -3.73 -12.15 14.89
N SER A 92 -3.58 -10.91 14.43
CA SER A 92 -4.00 -10.55 13.08
C SER A 92 -3.24 -9.29 12.66
N THR A 93 -3.70 -8.69 11.56
CA THR A 93 -3.09 -7.50 11.01
C THR A 93 -4.18 -6.62 10.40
N ASN A 94 -3.83 -5.34 10.17
CA ASN A 94 -4.83 -4.38 9.71
C ASN A 94 -5.38 -4.73 8.35
N HIS A 95 -4.62 -5.47 7.54
CA HIS A 95 -5.07 -5.77 6.19
C HIS A 95 -6.34 -6.60 6.17
N SER A 96 -6.55 -7.43 7.19
CA SER A 96 -7.71 -8.30 7.23
C SER A 96 -8.95 -7.62 7.80
N SER A 97 -8.81 -6.43 8.38
CA SER A 97 -9.93 -5.77 9.02
C SER A 97 -10.92 -5.23 7.98
N PRO A 98 -12.22 -5.37 8.25
CA PRO A 98 -13.20 -4.81 7.31
C PRO A 98 -13.13 -3.29 7.20
N THR A 99 -12.66 -2.60 8.22
CA THR A 99 -12.50 -1.15 8.19
C THR A 99 -11.06 -0.73 7.93
N GLY A 100 -10.19 -1.67 7.60
CA GLY A 100 -8.79 -1.35 7.38
C GLY A 100 -7.98 -1.14 8.64
N SER A 101 -8.55 -1.41 9.81
CA SER A 101 -7.84 -1.23 11.07
C SER A 101 -8.42 -2.18 12.11
N LEU A 102 -7.55 -2.78 12.89
CA LEU A 102 -7.96 -3.67 13.97
C LEU A 102 -8.56 -2.86 15.11
N PRO A 103 -9.38 -3.50 15.97
CA PRO A 103 -9.80 -4.89 15.96
C PRO A 103 -11.15 -5.11 15.30
N PHE A 104 -11.51 -6.37 15.06
CA PHE A 104 -12.81 -6.74 14.56
C PHE A 104 -13.12 -8.14 15.04
N LEU A 105 -14.41 -8.48 15.03
CA LEU A 105 -14.86 -9.74 15.60
C LEU A 105 -15.59 -10.55 14.53
N LEU A 106 -15.22 -11.81 14.39
CA LEU A 106 -15.91 -12.72 13.49
C LEU A 106 -16.74 -13.70 14.31
N PRO A 107 -18.06 -13.70 14.19
CA PRO A 107 -18.87 -14.68 14.90
C PRO A 107 -18.61 -16.08 14.36
N PRO A 108 -18.84 -17.11 15.16
CA PRO A 108 -18.51 -18.48 14.72
C PRO A 108 -19.33 -18.89 13.50
N ARG A 109 -18.74 -19.77 12.70
CA ARG A 109 -19.39 -20.26 11.49
C ARG A 109 -20.69 -20.98 11.81
N THR A 110 -21.74 -20.64 11.07
CA THR A 110 -22.97 -21.42 11.15
C THR A 110 -22.87 -22.73 10.41
N SER A 111 -22.16 -22.74 9.28
CA SER A 111 -21.92 -23.94 8.49
C SER A 111 -20.46 -23.93 8.08
N PRO A 112 -19.89 -25.09 7.75
CA PRO A 112 -18.44 -25.15 7.48
C PRO A 112 -17.98 -24.30 6.31
N THR A 113 -18.87 -23.89 5.41
CA THR A 113 -18.49 -23.07 4.26
C THR A 113 -19.17 -21.71 4.24
N ALA A 114 -19.83 -21.32 5.34
CA ALA A 114 -20.48 -20.02 5.41
C ALA A 114 -20.19 -19.40 6.77
N SER A 115 -20.20 -18.07 6.80
CA SER A 115 -19.89 -17.33 8.01
C SER A 115 -20.66 -16.02 7.99
N PRO A 116 -21.12 -15.55 9.15
CA PRO A 116 -21.77 -14.24 9.19
C PRO A 116 -20.78 -13.12 8.97
N ALA A 117 -21.32 -11.92 8.70
CA ALA A 117 -20.49 -10.78 8.38
C ALA A 117 -19.66 -10.36 9.59
N PRO A 118 -18.43 -9.88 9.37
CA PRO A 118 -17.60 -9.45 10.50
C PRO A 118 -18.17 -8.22 11.17
N ILE A 119 -17.93 -8.12 12.48
CA ILE A 119 -18.35 -6.98 13.28
C ILE A 119 -17.20 -6.00 13.36
N PRO A 120 -17.35 -4.77 12.89
CA PRO A 120 -16.26 -3.80 13.00
C PRO A 120 -16.09 -3.36 14.46
N ALA A 121 -15.09 -2.50 14.67
CA ALA A 121 -14.81 -2.04 16.03
C ALA A 121 -15.97 -1.29 16.64
N SER A 122 -16.63 -0.44 15.84
CA SER A 122 -17.72 0.38 16.37
C SER A 122 -18.92 -0.44 16.79
N GLY A 123 -19.13 -1.60 16.20
CA GLY A 123 -20.31 -2.39 16.50
C GLY A 123 -20.07 -3.52 17.48
N LEU A 124 -18.91 -3.52 18.14
CA LEU A 124 -18.59 -4.60 19.06
C LEU A 124 -19.53 -4.62 20.25
N LEU A 125 -19.84 -3.45 20.81
CA LEU A 125 -20.68 -3.42 22.00
C LEU A 125 -22.11 -3.83 21.71
N SER A 126 -22.63 -3.48 20.52
CA SER A 126 -23.96 -3.96 20.16
C SER A 126 -23.99 -5.47 20.03
N PHE A 127 -22.92 -6.07 19.52
CA PHE A 127 -22.86 -7.52 19.42
C PHE A 127 -22.88 -8.16 20.80
N ALA A 128 -22.16 -7.58 21.76
CA ALA A 128 -22.09 -8.16 23.09
C ALA A 128 -23.44 -8.12 23.79
N ARG A 129 -24.27 -7.13 23.48
CA ARG A 129 -25.58 -7.04 24.12
C ARG A 129 -26.52 -8.13 23.64
N LYS A 130 -26.32 -8.63 22.43
CA LYS A 130 -27.18 -9.67 21.88
C LYS A 130 -26.80 -11.07 22.32
N ASN A 131 -25.62 -11.25 22.90
CA ASN A 131 -25.12 -12.59 23.28
C ASN A 131 -24.73 -12.61 24.75
N PRO A 132 -25.72 -12.62 25.65
CA PRO A 132 -25.40 -12.71 27.09
C PRO A 132 -24.91 -14.10 27.45
N TRP A 133 -23.87 -14.16 28.27
CA TRP A 133 -23.35 -15.45 28.72
C TRP A 133 -23.23 -15.46 30.24
N LEU A 141 -28.54 -8.33 29.32
CA LEU A 141 -28.19 -7.55 30.49
C LEU A 141 -27.85 -6.12 30.09
N ASP A 142 -28.05 -5.18 31.00
CA ASP A 142 -27.82 -3.76 30.75
C ASP A 142 -26.32 -3.51 30.64
N LEU A 143 -25.85 -3.22 29.43
CA LEU A 143 -24.48 -2.80 29.20
C LEU A 143 -24.38 -1.32 28.87
N GLY A 144 -25.30 -0.51 29.41
CA GLY A 144 -25.30 0.91 29.11
C GLY A 144 -24.10 1.64 29.66
N HIS A 145 -23.53 1.17 30.78
CA HIS A 145 -22.37 1.84 31.35
C HIS A 145 -21.13 1.75 30.46
N LEU A 146 -21.05 0.74 29.60
CA LEU A 146 -19.91 0.59 28.71
C LEU A 146 -19.97 1.50 27.49
N ASP A 147 -21.13 2.09 27.21
CA ASP A 147 -21.26 3.01 26.08
C ASP A 147 -22.14 4.19 26.46
N ALA A 148 -22.15 4.54 27.75
CA ALA A 148 -22.91 5.69 28.20
C ALA A 148 -22.32 6.97 27.65
N ASP A 149 -23.19 7.93 27.36
CA ASP A 149 -22.74 9.23 26.87
C ASP A 149 -22.08 9.99 28.01
N LEU A 150 -20.81 10.38 27.80
CA LEU A 150 -20.06 11.03 28.84
C LEU A 150 -20.61 12.42 29.10
N PRO A 151 -20.54 12.91 30.34
CA PRO A 151 -20.91 14.30 30.62
C PRO A 151 -20.01 15.25 29.88
N PRO A 152 -20.45 16.49 29.64
CA PRO A 152 -19.62 17.42 28.87
C PRO A 152 -18.22 17.63 29.44
N ARG A 153 -18.09 17.66 30.77
CA ARG A 153 -16.76 17.77 31.36
C ARG A 153 -15.92 16.54 31.06
N ALA A 154 -16.53 15.36 31.09
CA ALA A 154 -15.82 14.14 30.78
C ALA A 154 -15.33 14.10 29.34
N GLN A 155 -15.98 14.82 28.43
CA GLN A 155 -15.51 14.88 27.06
C GLN A 155 -14.15 15.57 26.97
N ALA A 156 -13.94 16.61 27.79
CA ALA A 156 -12.66 17.31 27.78
C ALA A 156 -11.54 16.39 28.24
N TYR A 157 -11.77 15.61 29.30
CA TYR A 157 -10.72 14.74 29.82
C TYR A 157 -10.44 13.59 28.86
N LEU A 158 -11.45 13.11 28.14
CA LEU A 158 -11.21 12.05 27.17
C LEU A 158 -10.27 12.50 26.06
N ALA A 159 -10.18 13.80 25.80
CA ALA A 159 -9.21 14.30 24.83
C ALA A 159 -7.79 14.10 25.30
N LEU A 160 -7.56 14.04 26.62
CA LEU A 160 -6.22 13.73 27.11
C LEU A 160 -5.81 12.32 26.74
N ILE A 161 -6.72 11.36 26.86
CA ILE A 161 -6.39 9.97 26.55
C ILE A 161 -6.19 9.79 25.05
N THR A 162 -7.12 10.32 24.25
CA THR A 162 -7.10 10.10 22.82
C THR A 162 -6.02 10.89 22.10
N HIS A 163 -5.57 12.01 22.66
CA HIS A 163 -4.58 12.85 21.99
C HIS A 163 -3.29 13.00 22.79
N SER A 164 -3.36 13.38 24.06
CA SER A 164 -2.12 13.60 24.81
C SER A 164 -1.38 12.30 25.07
N LEU A 165 -2.09 11.27 25.52
CA LEU A 165 -1.43 9.99 25.82
C LEU A 165 -1.12 9.21 24.54
N ARG A 166 -2.00 9.30 23.54
CA ARG A 166 -1.76 8.55 22.30
C ARG A 166 -0.49 9.03 21.61
N ASN A 167 -0.28 10.34 21.57
CA ASN A 167 0.91 10.88 20.91
C ASN A 167 2.18 10.49 21.67
N ALA A 168 2.10 10.43 23.00
CA ALA A 168 3.25 9.96 23.76
C ALA A 168 3.55 8.50 23.47
N TRP A 169 2.51 7.68 23.33
CA TRP A 169 2.72 6.27 22.99
C TRP A 169 3.38 6.14 21.62
N LEU A 170 2.90 6.90 20.64
CA LEU A 170 3.43 6.79 19.29
C LEU A 170 4.87 7.28 19.22
N CYS A 171 5.17 8.41 19.86
CA CYS A 171 6.52 8.95 19.83
C CYS A 171 7.49 8.03 20.55
N ALA A 172 7.10 7.53 21.72
CA ALA A 172 8.03 6.75 22.53
C ALA A 172 8.25 5.36 21.95
N LEU A 173 7.24 4.82 21.26
CA LEU A 173 7.39 3.46 20.73
C LEU A 173 8.09 3.47 19.38
N TYR A 174 7.50 4.14 18.39
CA TYR A 174 7.99 4.08 17.03
C TYR A 174 9.24 4.93 16.81
N LEU A 175 9.32 6.09 17.43
CA LEU A 175 10.35 7.08 17.12
C LEU A 175 11.51 7.08 18.09
N ASP A 176 11.52 6.21 19.09
CA ASP A 176 12.60 6.16 20.06
C ASP A 176 13.53 5.02 19.72
N PRO A 177 14.81 5.25 19.48
CA PRO A 177 15.74 4.15 19.19
C PRO A 177 15.88 3.19 20.35
N THR A 178 15.54 3.63 21.56
CA THR A 178 15.62 2.76 22.72
C THR A 178 14.63 1.60 22.61
N HIS A 179 13.45 1.85 22.05
CA HIS A 179 12.43 0.81 21.91
C HIS A 179 12.45 0.18 20.52
N ASP A 180 13.56 0.31 19.79
CA ASP A 180 13.64 -0.29 18.47
C ASP A 180 13.54 -1.80 18.54
N ALA A 181 14.21 -2.41 19.53
CA ALA A 181 14.15 -3.86 19.68
C ALA A 181 12.73 -4.32 20.01
N LEU A 182 12.04 -3.58 20.88
CA LEU A 182 10.67 -3.95 21.24
C LEU A 182 9.73 -3.80 20.05
N LEU A 183 9.82 -2.66 19.35
CA LEU A 183 8.95 -2.42 18.20
C LEU A 183 9.20 -3.46 17.12
N ARG A 184 10.47 -3.79 16.88
CA ARG A 184 10.80 -4.80 15.89
C ARG A 184 10.23 -6.15 16.29
N ARG A 185 10.35 -6.50 17.56
CA ARG A 185 9.88 -7.80 18.03
C ARG A 185 8.37 -7.90 17.96
N LEU A 186 7.66 -6.81 18.28
CA LEU A 186 6.21 -6.87 18.40
C LEU A 186 5.53 -6.84 17.04
N TYR A 187 5.91 -5.90 16.19
CA TYR A 187 5.12 -5.57 15.00
C TYR A 187 5.65 -6.15 13.71
N VAL A 188 6.97 -6.15 13.49
CA VAL A 188 7.47 -6.45 12.15
C VAL A 188 8.10 -7.84 12.09
N ASP A 189 8.66 -8.30 13.21
CA ASP A 189 9.25 -9.64 13.22
C ASP A 189 8.23 -10.74 12.92
N PRO A 190 7.04 -10.78 13.54
CA PRO A 190 6.07 -11.82 13.16
C PRO A 190 5.51 -11.67 11.77
N ALA A 191 5.66 -10.51 11.13
CA ALA A 191 5.10 -10.31 9.80
C ALA A 191 5.79 -11.17 8.74
N SER A 192 7.11 -11.23 8.76
CA SER A 192 7.84 -12.02 7.78
C SER A 192 9.25 -12.28 8.30
N SER A 193 9.87 -13.30 7.73
CA SER A 193 11.24 -13.65 8.09
C SER A 193 12.28 -13.00 7.18
N SER A 194 11.85 -12.28 6.15
CA SER A 194 12.77 -11.66 5.21
C SER A 194 13.29 -10.34 5.78
N ARG A 195 14.62 -10.22 5.86
CA ARG A 195 15.21 -8.98 6.38
C ARG A 195 14.87 -7.80 5.49
N ALA A 196 14.87 -7.99 4.18
CA ALA A 196 14.51 -6.90 3.28
C ALA A 196 13.07 -6.46 3.46
N VAL A 197 12.16 -7.42 3.64
CA VAL A 197 10.76 -7.08 3.87
C VAL A 197 10.57 -6.45 5.24
N ARG A 198 11.29 -6.95 6.24
CA ARG A 198 11.19 -6.40 7.59
C ARG A 198 11.62 -4.93 7.60
N ALA A 199 12.71 -4.62 6.91
CA ALA A 199 13.17 -3.24 6.85
C ALA A 199 12.15 -2.35 6.17
N ALA A 200 11.54 -2.83 5.09
CA ALA A 200 10.53 -2.04 4.40
C ALA A 200 9.31 -1.82 5.28
N LEU A 201 8.85 -2.86 5.99
CA LEU A 201 7.69 -2.71 6.86
C LEU A 201 7.98 -1.76 8.01
N LEU A 202 9.19 -1.83 8.57
CA LEU A 202 9.54 -0.96 9.68
C LEU A 202 9.50 0.50 9.26
N HIS A 203 9.96 0.80 8.04
CA HIS A 203 9.95 2.18 7.57
C HIS A 203 8.53 2.70 7.41
N GLN A 204 7.63 1.87 6.88
CA GLN A 204 6.24 2.31 6.71
C GLN A 204 5.58 2.55 8.06
N LEU A 205 5.86 1.70 9.05
CA LEU A 205 5.29 1.90 10.37
C LEU A 205 5.73 3.22 10.97
N ARG A 206 7.02 3.54 10.86
CA ARG A 206 7.52 4.76 11.45
C ARG A 206 7.04 5.99 10.68
N ARG A 207 6.90 5.86 9.36
CA ARG A 207 6.37 6.96 8.57
C ARG A 207 4.93 7.27 8.97
N ALA A 208 4.11 6.23 9.11
CA ALA A 208 2.71 6.43 9.47
C ALA A 208 2.58 6.98 10.89
N ALA A 209 3.38 6.45 11.81
CA ALA A 209 3.31 6.92 13.19
C ALA A 209 3.74 8.38 13.31
N ALA A 210 4.81 8.75 12.60
CA ALA A 210 5.29 10.13 12.65
C ALA A 210 4.28 11.08 12.04
N GLU A 211 3.51 10.60 11.06
CA GLU A 211 2.50 11.45 10.44
C GLU A 211 1.41 11.82 11.41
N GLN A 212 0.97 10.87 12.25
CA GLN A 212 -0.10 11.13 13.19
C GLN A 212 0.35 12.08 14.29
N VAL A 213 1.57 11.89 14.80
CA VAL A 213 2.08 12.79 15.83
C VAL A 213 2.27 14.19 15.28
N ALA A 214 2.66 14.30 14.01
CA ALA A 214 2.84 15.62 13.40
C ALA A 214 1.54 16.40 13.34
N THR A 215 0.40 15.72 13.31
CA THR A 215 -0.89 16.40 13.35
C THR A 215 -1.21 16.99 14.72
N ALA A 216 -0.53 16.52 15.77
CA ALA A 216 -0.79 17.05 17.10
C ALA A 216 -0.40 18.52 17.19
N SER A 217 -1.13 19.25 18.03
CA SER A 217 -0.88 20.68 18.16
C SER A 217 0.42 20.94 18.91
N SER A 218 0.66 20.18 19.98
CA SER A 218 1.82 20.45 20.83
C SER A 218 3.13 20.02 20.16
N GLY A 219 3.27 18.74 19.88
CA GLY A 219 4.50 18.24 19.28
C GLY A 219 4.60 18.41 17.79
N GLY A 220 3.56 18.95 17.15
CA GLY A 220 3.58 19.13 15.71
C GLY A 220 3.03 20.47 15.29
N GLY A 221 2.23 20.48 14.24
CA GLY A 221 1.72 21.72 13.68
C GLY A 221 2.65 22.39 12.70
N LYS A 222 3.86 21.86 12.51
CA LYS A 222 4.76 22.39 11.50
C LYS A 222 4.30 21.95 10.11
N ILE A 223 4.46 22.86 9.14
CA ILE A 223 4.04 22.56 7.74
C ILE A 223 5.21 22.91 6.81
N VAL A 224 5.72 21.92 6.07
CA VAL A 224 6.86 22.17 5.13
C VAL A 224 6.30 22.35 3.72
N SER A 225 5.36 21.50 3.31
CA SER A 225 4.76 21.59 1.95
C SER A 225 3.33 21.04 1.98
N LEU A 226 2.74 20.81 0.79
CA LEU A 226 1.39 20.25 0.74
C LEU A 226 1.34 18.86 1.37
N ALA A 227 2.38 18.06 1.17
CA ALA A 227 2.43 16.73 1.77
C ALA A 227 2.58 16.84 3.28
N PRO A 228 1.97 15.94 4.03
CA PRO A 228 2.07 16.00 5.49
C PRO A 228 3.48 15.67 5.97
N VAL A 229 3.82 16.18 7.14
CA VAL A 229 5.10 15.85 7.76
C VAL A 229 5.08 14.39 8.18
N ASP A 230 6.09 13.63 7.76
CA ASP A 230 6.13 12.20 8.02
C ASP A 230 7.50 11.74 8.50
N SER A 231 8.18 12.56 9.29
CA SER A 231 9.47 12.20 9.84
C SER A 231 9.56 12.69 11.28
N ALA A 232 10.44 12.05 12.04
CA ALA A 232 10.63 12.46 13.43
C ALA A 232 11.25 13.84 13.55
N ASP A 233 11.78 14.38 12.46
CA ASP A 233 12.34 15.73 12.49
C ASP A 233 11.28 16.79 12.65
N GLY A 234 10.05 16.54 12.16
CA GLY A 234 8.98 17.48 12.35
C GLY A 234 8.26 17.35 13.67
N ILE A 235 8.68 16.41 14.51
CA ILE A 235 8.06 16.16 15.80
C ILE A 235 8.91 16.78 16.89
N ASP A 236 8.27 17.48 17.82
CA ASP A 236 8.94 18.03 19.00
C ASP A 236 8.77 17.04 20.13
N GLU A 237 9.87 16.39 20.53
CA GLU A 237 9.80 15.34 21.54
C GLU A 237 9.37 15.90 22.90
N GLU A 238 9.94 17.04 23.30
CA GLU A 238 9.58 17.61 24.60
C GLU A 238 8.12 18.01 24.66
N ALA A 239 7.58 18.60 23.59
CA ALA A 239 6.19 19.01 23.61
C ALA A 239 5.26 17.82 23.77
N VAL A 240 5.58 16.70 23.12
CA VAL A 240 4.79 15.49 23.29
C VAL A 240 4.99 14.91 24.69
N TYR A 241 6.25 14.87 25.15
CA TYR A 241 6.54 14.31 26.46
C TYR A 241 5.91 15.16 27.58
N ARG A 242 6.04 16.48 27.46
CA ARG A 242 5.51 17.36 28.50
C ARG A 242 3.99 17.30 28.56
N SER A 243 3.34 17.21 27.40
CA SER A 243 1.88 17.11 27.38
C SER A 243 1.42 15.83 28.07
N ALA A 244 2.12 14.72 27.83
CA ALA A 244 1.76 13.47 28.49
C ALA A 244 1.94 13.56 30.00
N ARG A 245 3.04 14.15 30.45
CA ARG A 245 3.26 14.30 31.88
C ARG A 245 2.20 15.18 32.51
N ASP A 246 1.76 16.22 31.80
CA ASP A 246 0.68 17.05 32.30
C ASP A 246 -0.66 16.32 32.24
N ALA A 247 -0.85 15.48 31.22
CA ALA A 247 -2.10 14.74 31.11
C ALA A 247 -2.28 13.76 32.25
N LEU A 248 -1.22 13.03 32.61
CA LEU A 248 -1.33 12.03 33.66
C LEU A 248 -1.63 12.66 35.00
N ASP A 249 -1.02 13.82 35.29
CA ASP A 249 -1.34 14.53 36.52
C ASP A 249 -2.79 14.97 36.53
N ALA A 250 -3.29 15.44 35.40
CA ALA A 250 -4.69 15.84 35.32
C ALA A 250 -5.63 14.66 35.51
N LEU A 251 -5.32 13.53 34.85
CA LEU A 251 -6.17 12.36 34.98
C LEU A 251 -6.14 11.81 36.41
N ALA A 252 -4.98 11.87 37.06
CA ALA A 252 -4.90 11.44 38.45
C ALA A 252 -5.77 12.32 39.34
N SER A 253 -5.80 13.63 39.07
CA SER A 253 -6.66 14.52 39.84
C SER A 253 -8.13 14.19 39.62
N LEU A 254 -8.52 13.88 38.38
CA LEU A 254 -9.92 13.54 38.11
C LEU A 254 -10.32 12.26 38.84
N LEU A 255 -9.44 11.25 38.82
CA LEU A 255 -9.74 10.00 39.51
C LEU A 255 -9.85 10.20 41.01
N ARG A 256 -9.01 11.06 41.59
CA ARG A 256 -9.06 11.31 43.01
C ARG A 256 -10.37 11.97 43.44
N GLU A 257 -11.06 12.67 42.52
CA GLU A 257 -12.32 13.29 42.85
C GLU A 257 -13.42 12.28 43.15
N SER A 258 -13.41 11.13 42.49
CA SER A 258 -14.47 10.15 42.68
C SER A 258 -14.34 9.46 44.03
N GLU A 259 -15.49 9.23 44.66
CA GLU A 259 -15.51 8.55 45.95
C GLU A 259 -15.34 7.04 45.82
N THR A 260 -15.54 6.49 44.62
CA THR A 260 -15.34 5.07 44.37
C THR A 260 -13.99 4.85 43.71
N ALA A 261 -13.76 3.61 43.27
CA ALA A 261 -12.49 3.27 42.66
C ALA A 261 -12.43 3.58 41.18
N TRP A 262 -13.51 4.06 40.58
CA TRP A 262 -13.59 4.31 39.15
C TRP A 262 -13.92 5.77 38.91
N PHE A 263 -13.76 6.19 37.66
CA PHE A 263 -13.99 7.58 37.30
C PHE A 263 -15.45 7.96 37.48
N PHE A 264 -15.68 9.19 37.95
CA PHE A 264 -17.00 9.78 38.10
C PHE A 264 -17.87 9.02 39.09
N GLY A 265 -17.26 8.26 39.99
CA GLY A 265 -18.00 7.61 41.05
C GLY A 265 -18.82 6.40 40.64
N THR A 266 -18.67 5.92 39.41
CA THR A 266 -19.42 4.75 38.98
C THR A 266 -18.98 3.52 39.76
N GLU A 267 -19.93 2.61 39.98
CA GLU A 267 -19.67 1.40 40.72
C GLU A 267 -19.01 0.31 39.88
N ARG A 268 -19.01 0.45 38.56
CA ARG A 268 -18.37 -0.49 37.67
C ARG A 268 -17.54 0.27 36.65
N PRO A 269 -16.44 -0.32 36.17
CA PRO A 269 -15.66 0.35 35.14
C PRO A 269 -16.47 0.57 33.88
N GLY A 270 -16.23 1.70 33.23
CA GLY A 270 -16.98 2.05 32.04
C GLY A 270 -16.10 2.25 30.83
N SER A 271 -16.62 2.97 29.83
CA SER A 271 -15.85 3.20 28.61
C SER A 271 -14.64 4.09 28.89
N PHE A 272 -14.78 5.03 29.83
CA PHE A 272 -13.65 5.90 30.17
C PHE A 272 -12.53 5.13 30.84
N ASP A 273 -12.86 4.24 31.79
CA ASP A 273 -11.83 3.46 32.47
C ASP A 273 -11.10 2.56 31.50
N ALA A 274 -11.83 1.90 30.60
CA ALA A 274 -11.19 1.02 29.62
C ALA A 274 -10.32 1.81 28.65
N ALA A 275 -10.71 3.05 28.34
CA ALA A 275 -9.90 3.87 27.45
C ALA A 275 -8.57 4.24 28.10
N LEU A 276 -8.60 4.62 29.38
CA LEU A 276 -7.37 4.95 30.09
C LEU A 276 -6.53 3.72 30.33
N PHE A 277 -7.17 2.60 30.70
CA PHE A 277 -6.43 1.39 31.02
C PHE A 277 -5.63 0.90 29.82
N SER A 278 -6.14 1.12 28.61
CA SER A 278 -5.45 0.63 27.42
C SER A 278 -4.10 1.32 27.24
N TYR A 279 -3.90 2.47 27.87
CA TYR A 279 -2.62 3.16 27.78
C TYR A 279 -1.77 2.97 29.04
N THR A 280 -2.38 3.07 30.21
CA THR A 280 -1.62 2.93 31.45
C THR A 280 -1.05 1.53 31.60
N HIS A 281 -1.79 0.50 31.17
CA HIS A 281 -1.27 -0.85 31.28
C HIS A 281 -0.05 -1.05 30.40
N LEU A 282 -0.13 -0.61 29.14
CA LEU A 282 0.96 -0.85 28.22
C LEU A 282 2.19 -0.01 28.55
N MET A 283 1.99 1.21 29.04
CA MET A 283 3.12 2.03 29.45
C MET A 283 3.88 1.38 30.60
N VAL A 284 3.16 0.83 31.57
CA VAL A 284 3.82 0.13 32.67
C VAL A 284 4.42 -1.19 32.19
N GLU A 285 3.75 -1.89 31.29
CA GLU A 285 4.24 -3.20 30.85
C GLU A 285 5.55 -3.08 30.07
N TYR A 286 5.57 -2.20 29.07
CA TYR A 286 6.67 -2.20 28.12
C TYR A 286 7.65 -1.05 28.29
N MET A 287 7.26 0.04 28.95
CA MET A 287 8.17 1.16 29.15
C MET A 287 8.29 1.55 30.61
N SER A 288 8.49 0.57 31.49
CA SER A 288 8.79 0.85 32.89
C SER A 288 10.26 0.54 33.21
N GLU A 289 11.09 0.38 32.18
CA GLU A 289 12.49 0.05 32.38
C GLU A 289 13.24 1.23 33.00
N GLU A 290 14.45 0.94 33.49
CA GLU A 290 15.29 1.91 34.17
C GLU A 290 16.39 2.45 33.27
N GLU A 291 16.31 2.17 31.97
CA GLU A 291 17.28 2.69 31.02
C GLU A 291 16.93 4.09 30.55
N ASP A 292 15.66 4.34 30.22
CA ASP A 292 15.23 5.68 29.86
C ASP A 292 15.29 6.64 31.04
N THR A 293 14.93 6.17 32.23
CA THR A 293 15.02 7.00 33.43
C THR A 293 16.45 7.28 33.85
N GLU A 294 17.43 6.59 33.26
CA GLU A 294 18.83 6.82 33.59
C GLU A 294 19.25 8.21 33.13
N SER A 295 20.29 8.74 33.78
CA SER A 295 20.79 10.08 33.43
C SER A 295 21.29 10.17 32.01
N ALA A 296 21.59 9.03 31.37
CA ALA A 296 22.01 9.05 29.97
C ALA A 296 20.92 9.60 29.06
N LYS A 297 19.66 9.52 29.48
CA LYS A 297 18.54 10.07 28.73
C LYS A 297 17.96 11.31 29.37
N GLY A 298 17.95 11.39 30.70
CA GLY A 298 17.50 12.59 31.38
C GLY A 298 16.01 12.79 31.42
N ARG A 299 15.23 11.78 31.05
CA ARG A 299 13.78 11.88 31.05
C ARG A 299 13.19 10.69 31.77
N VAL A 300 12.03 10.91 32.37
CA VAL A 300 11.33 9.84 33.09
C VAL A 300 10.55 9.00 32.09
N SER A 301 10.69 7.68 32.18
CA SER A 301 9.99 6.80 31.27
C SER A 301 8.48 6.90 31.45
N LEU A 302 7.75 6.51 30.41
CA LEU A 302 6.29 6.59 30.47
C LEU A 302 5.74 5.72 31.59
N GLY A 303 6.25 4.50 31.72
CA GLY A 303 5.79 3.63 32.80
C GLY A 303 6.09 4.16 34.18
N ARG A 304 7.15 4.96 34.31
CA ARG A 304 7.45 5.57 35.61
C ARG A 304 6.53 6.74 35.92
N MET A 305 6.16 7.52 34.91
CA MET A 305 5.25 8.63 35.14
C MET A 305 3.86 8.12 35.51
N VAL A 306 3.45 6.99 34.95
CA VAL A 306 2.14 6.42 35.29
C VAL A 306 2.07 6.07 36.77
N LYS A 307 3.10 5.42 37.30
CA LYS A 307 3.14 5.07 38.71
C LYS A 307 3.39 6.27 39.61
N GLU A 308 4.02 7.31 39.09
CA GLU A 308 4.29 8.51 39.89
C GLU A 308 3.23 9.58 39.74
N ALA A 309 2.25 9.38 38.87
CA ALA A 309 1.22 10.39 38.65
C ALA A 309 0.40 10.60 39.91
N GLY A 310 0.24 11.85 40.30
CA GLY A 310 -0.49 12.16 41.51
C GLY A 310 0.18 11.50 42.70
N ASN A 311 -0.62 10.83 43.52
CA ASN A 311 -0.12 10.03 44.62
C ASN A 311 0.00 8.55 44.26
N GLY A 312 -0.23 8.19 43.01
CA GLY A 312 -0.25 6.82 42.59
C GLY A 312 -1.62 6.27 42.24
N GLU A 313 -2.60 7.13 41.98
CA GLU A 313 -3.95 6.65 41.68
C GLU A 313 -3.97 5.83 40.40
N LEU A 314 -3.29 6.29 39.36
CA LEU A 314 -3.29 5.58 38.10
C LEU A 314 -2.60 4.22 38.17
N ALA A 315 -1.67 4.05 39.11
CA ALA A 315 -1.03 2.75 39.26
C ALA A 315 -2.00 1.72 39.85
N GLU A 316 -2.71 2.10 40.90
CA GLU A 316 -3.64 1.17 41.53
C GLU A 316 -4.92 1.02 40.71
N HIS A 317 -5.28 2.04 39.93
CA HIS A 317 -6.40 1.90 39.01
C HIS A 317 -6.10 0.83 37.96
N ARG A 318 -4.86 0.81 37.45
CA ARG A 318 -4.46 -0.24 36.53
C ARG A 318 -4.46 -1.60 37.21
N GLU A 319 -4.03 -1.66 38.46
CA GLU A 319 -4.09 -2.91 39.20
C GLU A 319 -5.52 -3.37 39.41
N ARG A 320 -6.41 -2.43 39.76
CA ARG A 320 -7.80 -2.79 40.01
C ARG A 320 -8.51 -3.20 38.73
N MET A 321 -8.20 -2.52 37.61
CA MET A 321 -8.85 -2.86 36.35
C MET A 321 -8.46 -4.26 35.90
N LEU A 322 -7.20 -4.64 36.12
CA LEU A 322 -6.77 -6.01 35.82
C LEU A 322 -7.49 -7.02 36.72
N GLY A 323 -7.68 -6.68 37.99
CA GLY A 323 -8.36 -7.58 38.91
C GLY A 323 -9.80 -7.80 38.56
N VAL A 324 -10.38 -6.98 37.69
CA VAL A 324 -11.77 -7.13 37.30
C VAL A 324 -11.89 -7.84 35.95
N ALA A 325 -11.09 -7.44 34.97
CA ALA A 325 -11.17 -8.01 33.64
C ALA A 325 -10.31 -9.25 33.47
N TRP A 326 -9.19 -9.35 34.18
CA TRP A 326 -8.30 -10.50 34.13
C TRP A 326 -8.03 -11.01 35.54
N PRO A 327 -9.05 -11.53 36.22
CA PRO A 327 -8.85 -11.96 37.61
C PRO A 327 -7.87 -13.10 37.78
N GLU A 328 -7.73 -13.96 36.77
CA GLU A 328 -6.87 -15.13 36.90
C GLU A 328 -5.41 -14.82 36.62
N TRP A 329 -5.12 -13.66 36.02
CA TRP A 329 -3.78 -13.36 35.53
C TRP A 329 -2.88 -12.88 36.66
N ASP A 330 -1.59 -13.13 36.50
CA ASP A 330 -0.59 -12.72 37.48
C ASP A 330 0.71 -12.43 36.73
N GLY A 331 1.64 -11.79 37.42
CA GLY A 331 2.89 -11.43 36.79
C GLY A 331 2.79 -10.37 35.72
N TYR A 332 1.98 -9.33 35.94
CA TYR A 332 1.75 -8.30 34.95
C TYR A 332 2.59 -7.04 35.17
N ARG A 333 3.52 -7.04 36.13
CA ARG A 333 4.24 -5.81 36.45
C ARG A 333 5.03 -5.30 35.25
N ARG A 334 5.84 -6.15 34.65
CA ARG A 334 6.63 -5.78 33.48
C ARG A 334 6.86 -6.99 32.57
N LEU B 37 12.90 -22.39 -63.49
CA LEU B 37 13.76 -21.79 -62.47
C LEU B 37 14.32 -22.87 -61.55
N ASP B 38 13.54 -23.94 -61.36
CA ASP B 38 13.98 -25.03 -60.49
C ASP B 38 15.25 -25.70 -61.01
N GLU B 39 15.50 -25.67 -62.32
CA GLU B 39 16.71 -26.25 -62.87
C GLU B 39 17.96 -25.50 -62.43
N HIS B 40 17.79 -24.30 -61.87
CA HIS B 40 18.97 -23.53 -61.38
C HIS B 40 19.42 -24.10 -60.02
N ILE B 41 18.48 -24.73 -59.30
CA ILE B 41 18.81 -25.29 -57.96
C ILE B 41 19.39 -26.69 -58.08
N LEU B 42 19.15 -27.38 -59.21
CA LEU B 42 19.61 -28.77 -59.38
C LEU B 42 21.09 -28.78 -59.81
N THR B 43 21.54 -27.68 -60.41
CA THR B 43 22.92 -27.60 -60.90
C THR B 43 23.90 -27.59 -59.74
N PRO B 44 25.14 -28.02 -59.97
CA PRO B 44 26.19 -27.85 -58.96
C PRO B 44 26.45 -26.37 -58.72
N ALA B 45 26.82 -26.04 -57.48
CA ALA B 45 27.10 -24.65 -57.13
C ALA B 45 28.16 -24.60 -56.05
N SER B 46 28.77 -23.42 -55.92
CA SER B 46 29.78 -23.16 -54.92
C SER B 46 29.81 -21.66 -54.62
N ILE B 47 29.28 -21.27 -53.46
CA ILE B 47 29.23 -19.87 -53.09
C ILE B 47 30.64 -19.39 -52.77
N SER B 48 30.96 -18.16 -53.17
CA SER B 48 32.28 -17.59 -52.95
C SER B 48 32.33 -16.60 -51.80
N THR B 49 31.39 -15.67 -51.72
CA THR B 49 31.42 -14.67 -50.65
C THR B 49 30.01 -14.17 -50.38
N LEU B 50 29.82 -13.64 -49.17
CA LEU B 50 28.55 -13.07 -48.75
C LEU B 50 28.81 -11.76 -48.02
N GLU B 51 27.91 -10.80 -48.20
CA GLU B 51 28.04 -9.48 -47.61
C GLU B 51 26.74 -9.09 -46.94
N VAL B 52 26.85 -8.40 -45.82
CA VAL B 52 25.70 -7.87 -45.09
C VAL B 52 25.81 -6.34 -45.09
N HIS B 53 24.69 -5.68 -45.34
CA HIS B 53 24.67 -4.24 -45.55
C HIS B 53 23.77 -3.58 -44.52
N GLY B 54 24.31 -2.57 -43.84
CA GLY B 54 23.53 -1.74 -42.94
C GLY B 54 23.67 -2.06 -41.47
N ALA B 55 24.44 -3.09 -41.10
CA ALA B 55 24.62 -3.47 -39.71
C ALA B 55 25.74 -2.64 -39.06
N THR B 56 25.47 -1.34 -38.93
CA THR B 56 26.47 -0.43 -38.39
C THR B 56 26.58 -0.56 -36.86
N ASN B 57 25.45 -0.73 -36.17
CA ASN B 57 25.51 -0.76 -34.72
C ASN B 57 25.91 -2.13 -34.18
N THR B 58 25.47 -3.20 -34.83
CA THR B 58 25.74 -4.54 -34.30
C THR B 58 27.18 -4.94 -34.58
N ARG B 59 27.84 -5.50 -33.57
CA ARG B 59 29.22 -5.93 -33.72
C ARG B 59 29.31 -7.08 -34.71
N ARG B 60 30.39 -7.09 -35.49
CA ARG B 60 30.56 -8.15 -36.50
C ARG B 60 30.73 -9.50 -35.85
N SER B 61 31.33 -9.55 -34.66
CA SER B 61 31.52 -10.82 -33.97
C SER B 61 30.20 -11.53 -33.71
N LEU B 62 29.18 -10.79 -33.30
CA LEU B 62 27.86 -11.39 -33.16
C LEU B 62 27.35 -11.89 -34.50
N LEU B 63 27.58 -11.11 -35.57
CA LEU B 63 27.14 -11.53 -36.90
C LEU B 63 27.84 -12.80 -37.36
N ASP B 64 29.05 -13.06 -36.84
CA ASP B 64 29.80 -14.23 -37.29
C ASP B 64 29.08 -15.53 -36.93
N GLN B 65 28.49 -15.59 -35.74
CA GLN B 65 27.94 -16.84 -35.24
C GLN B 65 26.90 -17.46 -36.16
N ILE B 66 26.23 -16.66 -36.97
CA ILE B 66 25.18 -17.17 -37.85
C ILE B 66 25.79 -17.55 -39.19
N PHE B 67 26.86 -16.86 -39.58
CA PHE B 67 27.38 -17.00 -40.94
C PHE B 67 28.56 -17.95 -41.05
N LYS B 68 29.31 -18.18 -39.98
CA LYS B 68 30.33 -19.21 -40.03
C LYS B 68 29.77 -20.59 -40.35
N PRO B 69 28.69 -21.07 -39.72
CA PRO B 69 28.13 -22.36 -40.17
C PRO B 69 27.69 -22.32 -41.61
N VAL B 70 27.21 -21.16 -42.08
CA VAL B 70 27.01 -20.97 -43.51
C VAL B 70 28.35 -21.00 -44.23
N LEU B 71 29.36 -20.34 -43.67
CA LEU B 71 30.66 -20.27 -44.31
C LEU B 71 31.34 -21.63 -44.36
N GLU B 72 31.24 -22.42 -43.28
CA GLU B 72 31.88 -23.73 -43.27
C GLU B 72 31.24 -24.67 -44.31
N ASP B 73 29.91 -24.72 -44.37
CA ASP B 73 29.22 -25.59 -45.32
C ASP B 73 29.10 -24.86 -46.66
N THR B 74 30.18 -24.94 -47.43
CA THR B 74 30.25 -24.32 -48.75
C THR B 74 30.92 -25.27 -49.73
N ALA B 75 30.38 -25.31 -50.95
CA ALA B 75 30.88 -26.17 -52.02
C ALA B 75 30.94 -27.64 -51.61
N ALA B 76 30.05 -28.07 -50.72
CA ALA B 76 30.07 -29.43 -50.24
C ALA B 76 29.77 -30.45 -51.34
N ALA B 77 28.79 -30.17 -52.21
CA ALA B 77 28.42 -31.10 -53.26
C ALA B 77 27.58 -30.37 -54.30
N GLY B 78 27.24 -31.08 -55.36
CA GLY B 78 26.35 -30.55 -56.38
C GLY B 78 24.95 -30.40 -55.81
N THR B 79 24.13 -29.60 -56.52
CA THR B 79 22.77 -29.30 -56.09
C THR B 79 22.75 -28.67 -54.69
N THR B 80 23.82 -27.97 -54.35
CA THR B 80 23.95 -27.42 -52.99
C THR B 80 22.98 -26.28 -52.76
N LEU B 81 22.45 -25.65 -53.82
CA LEU B 81 21.44 -24.63 -53.64
C LEU B 81 20.21 -25.18 -52.92
N GLY B 82 19.90 -26.45 -53.15
CA GLY B 82 18.88 -27.11 -52.34
C GLY B 82 19.26 -27.09 -50.86
N GLN B 83 20.55 -27.25 -50.56
CA GLN B 83 21.02 -27.08 -49.20
C GLN B 83 21.21 -25.61 -48.86
N VAL B 84 21.78 -24.83 -49.79
CA VAL B 84 22.20 -23.46 -49.50
C VAL B 84 21.00 -22.59 -49.17
N LEU B 85 19.99 -22.59 -50.06
CA LEU B 85 18.85 -21.70 -49.86
C LEU B 85 18.11 -21.99 -48.57
N ASP B 86 18.07 -23.26 -48.14
CA ASP B 86 17.42 -23.58 -46.88
C ASP B 86 18.26 -23.14 -45.69
N ARG B 87 19.58 -23.30 -45.77
CA ARG B 87 20.41 -22.92 -44.63
C ARG B 87 20.47 -21.41 -44.44
N VAL B 88 20.50 -20.64 -45.53
CA VAL B 88 20.31 -19.20 -45.39
C VAL B 88 18.85 -18.92 -45.06
N GLY B 89 17.94 -19.76 -45.55
CA GLY B 89 16.56 -19.66 -45.13
C GLY B 89 16.40 -19.87 -43.63
N ALA B 90 17.32 -20.62 -43.04
CA ALA B 90 17.37 -20.70 -41.58
C ALA B 90 17.87 -19.39 -40.99
N ALA B 91 18.80 -18.73 -41.69
CA ALA B 91 19.45 -17.55 -41.13
C ALA B 91 18.48 -16.38 -41.03
N THR B 92 17.53 -16.26 -41.97
CA THR B 92 16.72 -15.05 -42.03
C THR B 92 15.88 -14.87 -40.77
N LYS B 93 15.22 -15.92 -40.28
CA LYS B 93 14.52 -15.77 -39.02
C LYS B 93 15.45 -15.98 -37.83
N LYS B 94 16.65 -16.52 -38.08
CA LYS B 94 17.67 -16.53 -37.04
C LYS B 94 18.04 -15.11 -36.65
N LEU B 95 18.26 -14.25 -37.65
CA LEU B 95 18.51 -12.84 -37.37
C LEU B 95 17.24 -12.14 -36.90
N ALA B 96 16.08 -12.59 -37.40
CA ALA B 96 14.83 -12.00 -36.95
C ALA B 96 14.58 -12.27 -35.47
N ARG B 97 15.08 -13.39 -34.95
CA ARG B 97 14.95 -13.67 -33.53
C ARG B 97 15.82 -12.76 -32.67
N PHE B 98 16.79 -12.06 -33.27
CA PHE B 98 17.53 -11.04 -32.56
C PHE B 98 16.69 -9.80 -32.29
N ASP B 99 15.63 -9.59 -33.05
CA ASP B 99 14.70 -8.46 -32.98
C ASP B 99 15.37 -7.11 -33.23
N ILE B 100 16.65 -7.09 -33.61
CA ILE B 100 17.36 -5.85 -33.91
C ILE B 100 16.90 -5.20 -35.20
N PHE B 101 16.69 -5.95 -36.27
CA PHE B 101 16.45 -5.39 -37.59
C PHE B 101 14.97 -5.43 -37.92
N LYS B 102 14.55 -4.45 -38.72
CA LYS B 102 13.15 -4.39 -39.15
C LYS B 102 12.81 -5.62 -39.99
N GLU B 103 11.59 -6.11 -39.82
CA GLU B 103 11.18 -7.33 -40.50
C GLU B 103 11.11 -7.16 -42.02
N GLU B 104 10.98 -5.93 -42.51
CA GLU B 104 10.86 -5.71 -43.95
C GLU B 104 12.22 -5.64 -44.65
N GLY B 105 13.30 -5.44 -43.91
CA GLY B 105 14.61 -5.28 -44.52
C GLY B 105 15.35 -6.58 -44.72
N PHE B 106 14.94 -7.38 -45.70
CA PHE B 106 15.60 -8.64 -46.01
C PHE B 106 15.71 -8.83 -47.51
N GLY B 107 16.11 -7.77 -48.21
CA GLY B 107 16.24 -7.84 -49.66
C GLY B 107 17.41 -8.72 -50.07
N VAL B 108 17.11 -9.80 -50.78
CA VAL B 108 18.10 -10.78 -51.21
C VAL B 108 18.43 -10.51 -52.67
N PHE B 109 19.72 -10.37 -52.96
CA PHE B 109 20.20 -10.11 -54.31
C PHE B 109 21.16 -11.21 -54.77
N LEU B 110 20.79 -12.46 -54.53
CA LEU B 110 21.59 -13.58 -54.98
C LEU B 110 21.61 -13.61 -56.51
N SER B 111 22.80 -13.85 -57.06
CA SER B 111 22.97 -13.89 -58.51
C SER B 111 24.21 -14.69 -58.85
N GLU B 112 24.41 -14.93 -60.13
CA GLU B 112 25.61 -15.60 -60.61
C GLU B 112 26.82 -14.70 -60.40
N ALA B 113 27.92 -15.30 -59.96
CA ALA B 113 29.15 -14.54 -59.72
C ALA B 113 29.69 -13.97 -61.03
N ALA B 114 30.00 -12.68 -60.99
CA ALA B 114 30.56 -12.02 -62.17
C ALA B 114 31.92 -12.57 -62.58
N PRO B 115 32.91 -12.72 -61.70
CA PRO B 115 34.22 -13.21 -62.14
C PRO B 115 34.14 -14.67 -62.57
N PRO B 116 34.92 -15.06 -63.56
CA PRO B 116 34.90 -16.45 -64.03
C PRO B 116 35.70 -17.36 -63.10
N GLN B 117 35.57 -18.66 -63.36
CA GLN B 117 36.27 -19.69 -62.60
C GLN B 117 36.99 -20.63 -63.56
N SER B 118 38.07 -21.23 -63.09
CA SER B 118 38.84 -22.15 -63.91
C SER B 118 38.14 -23.51 -63.97
N ALA B 119 37.59 -23.82 -65.15
CA ALA B 119 36.84 -25.06 -65.40
C ALA B 119 35.78 -25.27 -64.34
N PRO B 120 34.78 -24.40 -64.23
CA PRO B 120 33.75 -24.57 -63.21
C PRO B 120 32.85 -25.75 -63.55
N PRO B 121 32.28 -26.42 -62.53
CA PRO B 121 31.34 -27.51 -62.80
C PRO B 121 30.13 -27.06 -63.60
N THR B 122 29.67 -25.82 -63.39
CA THR B 122 28.50 -25.29 -64.07
C THR B 122 28.68 -23.79 -64.20
N ASP B 123 28.07 -23.20 -65.23
CA ASP B 123 28.19 -21.77 -65.46
C ASP B 123 27.74 -20.96 -64.26
N ARG B 124 26.78 -21.46 -63.49
CA ARG B 124 26.32 -20.80 -62.28
C ARG B 124 26.79 -21.51 -61.01
N THR B 125 27.94 -22.18 -61.06
CA THR B 125 28.49 -22.80 -59.85
C THR B 125 28.84 -21.74 -58.82
N ASP B 126 29.43 -20.63 -59.27
CA ASP B 126 29.80 -19.56 -58.35
C ASP B 126 28.69 -18.51 -58.30
N LEU B 127 28.34 -18.08 -57.08
CA LEU B 127 27.26 -17.13 -56.87
C LEU B 127 27.76 -15.97 -56.02
N ASP B 128 27.16 -14.80 -56.19
CA ASP B 128 27.39 -13.66 -55.33
C ASP B 128 26.10 -13.33 -54.59
N ILE B 129 26.20 -13.16 -53.28
CA ILE B 129 25.05 -12.89 -52.43
C ILE B 129 25.36 -11.69 -51.54
N SER B 130 24.42 -10.75 -51.49
CA SER B 130 24.49 -9.62 -50.58
C SER B 130 23.11 -9.42 -49.96
N ILE B 131 23.07 -9.16 -48.66
CA ILE B 131 21.82 -9.03 -47.93
C ILE B 131 21.69 -7.59 -47.43
N ARG B 132 20.50 -7.02 -47.59
CA ARG B 132 20.20 -5.67 -47.14
C ARG B 132 19.31 -5.74 -45.91
N VAL B 133 19.77 -5.12 -44.82
CA VAL B 133 19.01 -5.07 -43.58
C VAL B 133 19.06 -3.65 -43.03
N LYS B 134 17.93 -3.22 -42.45
CA LYS B 134 17.84 -1.94 -41.78
C LYS B 134 17.50 -2.20 -40.32
N GLU B 135 18.33 -1.69 -39.41
CA GLU B 135 18.11 -1.90 -37.99
C GLU B 135 16.89 -1.13 -37.51
N LYS B 136 16.20 -1.70 -36.53
CA LYS B 136 15.09 -1.00 -35.91
C LYS B 136 15.60 0.20 -35.13
N SER B 137 14.67 1.06 -34.73
CA SER B 137 15.03 2.27 -34.00
C SER B 137 15.75 1.92 -32.70
N ARG B 138 16.87 2.60 -32.45
CA ARG B 138 17.65 2.30 -31.25
C ARG B 138 16.86 2.58 -29.98
N LEU B 139 16.19 3.71 -29.90
CA LEU B 139 15.46 4.11 -28.72
C LEU B 139 14.03 4.40 -29.10
N VAL B 140 13.10 3.91 -28.28
CA VAL B 140 11.67 4.17 -28.46
C VAL B 140 11.10 4.63 -27.12
N PHE B 141 10.47 5.80 -27.13
CA PHE B 141 9.84 6.36 -25.93
C PHE B 141 8.35 6.52 -26.21
N SER B 142 7.54 6.13 -25.23
CA SER B 142 6.10 6.23 -25.39
C SER B 142 5.48 6.68 -24.08
N ALA B 143 4.39 7.44 -24.21
CA ALA B 143 3.64 7.91 -23.06
C ALA B 143 2.25 8.28 -23.52
N GLY B 144 1.34 8.40 -22.56
CA GLY B 144 -0.01 8.79 -22.90
C GLY B 144 -0.91 8.69 -21.69
N THR B 145 -2.20 8.96 -21.93
CA THR B 145 -3.22 8.88 -20.92
C THR B 145 -4.48 8.33 -21.54
N ASP B 146 -5.37 7.80 -20.70
CA ASP B 146 -6.62 7.23 -21.18
C ASP B 146 -7.68 7.48 -20.10
N PHE B 147 -8.47 8.54 -20.28
CA PHE B 147 -9.49 8.89 -19.29
C PHE B 147 -10.68 7.95 -19.31
N GLY B 148 -10.81 7.10 -20.33
CA GLY B 148 -11.93 6.18 -20.40
C GLY B 148 -11.90 5.09 -19.33
N ASN B 149 -10.71 4.69 -18.88
CA ASN B 149 -10.64 3.66 -17.85
C ASN B 149 -10.57 4.28 -16.46
N ALA B 150 -9.79 5.34 -16.29
CA ALA B 150 -9.66 6.00 -15.00
C ALA B 150 -9.51 7.50 -15.22
N GLU B 151 -9.87 8.27 -14.20
CA GLU B 151 -9.83 9.72 -14.30
C GLU B 151 -8.41 10.26 -14.48
N GLY B 152 -7.41 9.55 -13.97
CA GLY B 152 -6.04 10.00 -14.10
C GLY B 152 -5.11 8.94 -14.63
N SER B 153 -5.66 7.99 -15.41
CA SER B 153 -4.87 6.90 -15.95
C SER B 153 -3.83 7.43 -16.92
N ALA B 154 -2.57 7.11 -16.65
CA ALA B 154 -1.47 7.52 -17.52
C ALA B 154 -0.39 6.46 -17.47
N TYR B 155 0.31 6.30 -18.59
CA TYR B 155 1.37 5.30 -18.70
C TYR B 155 2.57 5.92 -19.41
N THR B 156 3.74 5.35 -19.11
CA THR B 156 4.98 5.80 -19.72
C THR B 156 5.81 4.58 -20.08
N ASN B 157 6.26 4.51 -21.32
CA ASN B 157 7.04 3.38 -21.78
C ASN B 157 8.30 3.89 -22.47
N ALA B 158 9.41 3.22 -22.21
CA ALA B 158 10.67 3.52 -22.87
C ALA B 158 11.37 2.22 -23.19
N VAL B 159 11.88 2.13 -24.42
CA VAL B 159 12.57 0.93 -24.90
C VAL B 159 13.90 1.35 -25.49
N VAL B 160 14.97 0.74 -25.00
CA VAL B 160 16.31 0.89 -25.55
C VAL B 160 16.78 -0.46 -26.02
N ARG B 161 17.17 -0.56 -27.28
CA ARG B 161 17.51 -1.85 -27.86
C ARG B 161 18.90 -1.79 -28.49
N ASN B 162 19.53 -2.96 -28.55
CA ASN B 162 20.86 -3.12 -29.13
C ASN B 162 21.86 -2.17 -28.49
N ILE B 163 21.87 -2.13 -27.16
CA ILE B 163 22.93 -1.43 -26.46
C ILE B 163 24.21 -2.25 -26.55
N PHE B 164 25.35 -1.58 -26.48
CA PHE B 164 26.67 -2.18 -26.60
C PHE B 164 26.82 -3.05 -27.85
N GLY B 165 25.95 -2.90 -28.84
CA GLY B 165 26.13 -3.58 -30.11
C GLY B 165 25.88 -5.06 -30.10
N GLY B 166 25.30 -5.61 -29.04
CA GLY B 166 25.13 -7.05 -28.96
C GLY B 166 23.71 -7.52 -28.67
N ALA B 167 22.73 -6.74 -29.13
CA ALA B 167 21.31 -7.06 -29.01
C ALA B 167 20.81 -7.04 -27.56
N GLU B 168 21.51 -6.36 -26.66
CA GLU B 168 20.96 -6.12 -25.33
C GLU B 168 19.79 -5.15 -25.42
N THR B 169 18.75 -5.42 -24.63
CA THR B 169 17.57 -4.55 -24.63
C THR B 169 17.28 -4.14 -23.20
N LEU B 170 16.56 -3.03 -23.06
CA LEU B 170 16.14 -2.51 -21.77
C LEU B 170 14.81 -1.80 -21.94
N THR B 171 13.78 -2.29 -21.24
CA THR B 171 12.45 -1.71 -21.33
C THR B 171 12.04 -1.24 -19.94
N VAL B 172 11.46 -0.04 -19.86
CA VAL B 172 11.00 0.52 -18.60
C VAL B 172 9.55 0.95 -18.79
N ASN B 173 8.68 0.47 -17.91
CA ASN B 173 7.26 0.80 -17.94
C ASN B 173 6.86 1.41 -16.61
N ALA B 174 6.04 2.46 -16.68
CA ALA B 174 5.49 3.09 -15.49
C ALA B 174 4.03 3.45 -15.75
N SER B 175 3.17 3.16 -14.78
CA SER B 175 1.75 3.39 -14.94
C SER B 175 1.18 3.98 -13.65
N THR B 176 0.30 4.95 -13.80
CA THR B 176 -0.40 5.55 -12.67
C THR B 176 -1.87 5.68 -13.04
N GLY B 177 -2.65 6.24 -12.11
CA GLY B 177 -4.05 6.47 -12.36
C GLY B 177 -4.79 6.98 -11.14
N THR B 178 -6.01 6.49 -10.94
CA THR B 178 -6.80 6.82 -9.76
C THR B 178 -7.32 5.53 -9.16
N ARG B 179 -7.55 5.56 -7.84
CA ARG B 179 -7.96 4.39 -7.08
C ARG B 179 -6.96 3.26 -7.22
N THR B 180 -5.71 3.60 -7.51
CA THR B 180 -4.66 2.61 -7.72
C THR B 180 -3.32 3.22 -7.36
N ARG B 181 -2.35 2.35 -7.10
CA ARG B 181 -1.00 2.77 -6.81
C ARG B 181 -0.15 2.72 -8.08
N SER B 182 1.02 3.34 -8.02
CA SER B 182 1.91 3.39 -9.16
C SER B 182 2.50 2.01 -9.43
N ALA B 183 2.63 1.66 -10.72
CA ALA B 183 3.20 0.39 -11.13
C ALA B 183 4.42 0.63 -11.99
N TYR B 184 5.54 0.02 -11.61
CA TYR B 184 6.80 0.16 -12.30
C TYR B 184 7.22 -1.18 -12.87
N ASN B 185 8.10 -1.14 -13.86
CA ASN B 185 8.68 -2.33 -14.46
C ASN B 185 9.98 -1.95 -15.16
N ALA B 186 10.97 -2.83 -15.12
CA ALA B 186 12.27 -2.59 -15.74
C ALA B 186 12.92 -3.92 -16.05
N THR B 187 12.93 -4.29 -17.32
CA THR B 187 13.46 -5.57 -17.76
C THR B 187 14.69 -5.34 -18.63
N PHE B 188 15.79 -6.00 -18.30
CA PHE B 188 16.99 -5.99 -19.11
C PHE B 188 17.23 -7.38 -19.68
N SER B 189 17.27 -7.48 -21.01
CA SER B 189 17.38 -8.76 -21.68
C SER B 189 18.59 -8.76 -22.59
N THR B 190 19.22 -9.92 -22.73
CA THR B 190 20.42 -10.03 -23.54
C THR B 190 20.62 -11.48 -23.97
N PRO B 191 21.09 -11.72 -25.19
CA PRO B 191 21.54 -13.06 -25.55
C PRO B 191 22.88 -13.36 -24.87
N ILE B 192 23.14 -14.64 -24.68
CA ILE B 192 24.32 -15.11 -23.96
C ILE B 192 25.35 -15.59 -24.98
N ASN B 193 26.54 -15.00 -24.93
CA ASN B 193 27.67 -15.41 -25.76
C ASN B 193 27.31 -15.39 -27.25
N GLY B 194 26.51 -14.41 -27.64
CA GLY B 194 26.16 -14.26 -29.04
C GLY B 194 25.18 -15.27 -29.58
N ASN B 195 24.57 -16.08 -28.74
CA ASN B 195 23.60 -17.07 -29.20
C ASN B 195 22.19 -16.49 -29.11
N PRO B 196 21.49 -16.29 -30.22
CA PRO B 196 20.13 -15.73 -30.14
C PRO B 196 19.14 -16.62 -29.42
N ASP B 197 19.38 -17.93 -29.37
CA ASP B 197 18.45 -18.86 -28.73
C ASP B 197 18.58 -18.90 -27.22
N LEU B 198 19.70 -18.45 -26.67
CA LEU B 198 19.94 -18.47 -25.23
C LEU B 198 19.89 -17.03 -24.73
N ARG B 199 18.80 -16.68 -24.05
CA ARG B 199 18.54 -15.31 -23.65
C ARG B 199 18.41 -15.24 -22.13
N LEU B 200 19.15 -14.32 -21.52
CA LEU B 200 19.10 -14.09 -20.08
C LEU B 200 18.39 -12.78 -19.81
N SER B 201 17.43 -12.81 -18.89
CA SER B 201 16.59 -11.65 -18.60
C SER B 201 16.62 -11.34 -17.12
N VAL B 202 16.75 -10.06 -16.79
CA VAL B 202 16.68 -9.58 -15.41
C VAL B 202 15.56 -8.55 -15.35
N GLU B 203 14.63 -8.74 -14.42
CA GLU B 203 13.44 -7.91 -14.35
C GLU B 203 13.22 -7.44 -12.93
N ALA B 204 12.90 -6.15 -12.77
CA ALA B 204 12.47 -5.58 -11.51
C ALA B 204 11.00 -5.21 -11.62
N LEU B 205 10.21 -5.60 -10.63
CA LEU B 205 8.77 -5.56 -10.75
C LEU B 205 8.15 -4.88 -9.55
N ARG B 206 7.11 -4.09 -9.79
CA ARG B 206 6.21 -3.59 -8.76
C ARG B 206 4.84 -3.39 -9.38
N SER B 207 3.86 -4.16 -8.91
CA SER B 207 2.54 -4.12 -9.50
C SER B 207 1.50 -4.56 -8.47
N ALA B 208 0.25 -4.24 -8.76
CA ALA B 208 -0.88 -4.68 -7.95
C ALA B 208 -1.87 -5.41 -8.85
N THR B 209 -2.31 -6.58 -8.41
CA THR B 209 -3.19 -7.44 -9.20
C THR B 209 -4.54 -7.54 -8.51
N GLN B 210 -5.60 -7.24 -9.23
CA GLN B 210 -6.95 -7.39 -8.70
C GLN B 210 -7.39 -8.83 -8.81
N LYS B 211 -8.00 -9.35 -7.74
CA LYS B 211 -8.46 -10.74 -7.68
C LYS B 211 -9.91 -10.75 -7.20
N PRO B 212 -10.84 -10.36 -8.07
CA PRO B 212 -12.24 -10.27 -7.65
C PRO B 212 -12.86 -11.59 -7.23
N TRP B 213 -12.37 -12.72 -7.75
CA TRP B 213 -12.96 -14.00 -7.39
C TRP B 213 -12.68 -14.38 -5.94
N ALA B 214 -11.73 -13.72 -5.30
CA ALA B 214 -11.41 -13.97 -3.90
C ALA B 214 -11.55 -12.71 -3.06
N SER B 215 -12.16 -11.67 -3.63
CA SER B 215 -12.50 -10.44 -2.91
C SER B 215 -11.26 -9.79 -2.28
N HIS B 216 -10.16 -9.74 -3.03
CA HIS B 216 -8.97 -9.07 -2.54
C HIS B 216 -8.10 -8.69 -3.73
N GLU B 217 -6.99 -8.02 -3.44
CA GLU B 217 -5.99 -7.70 -4.44
C GLU B 217 -4.61 -8.01 -3.87
N GLU B 218 -3.67 -8.30 -4.75
CA GLU B 218 -2.33 -8.71 -4.38
C GLU B 218 -1.33 -7.67 -4.86
N HIS B 219 -0.49 -7.18 -3.95
CA HIS B 219 0.57 -6.26 -4.29
C HIS B 219 1.88 -7.02 -4.42
N LEU B 220 2.51 -6.91 -5.60
CA LEU B 220 3.74 -7.62 -5.89
C LEU B 220 4.90 -6.65 -5.96
N THR B 221 6.05 -7.08 -5.45
CA THR B 221 7.26 -6.27 -5.48
C THR B 221 8.45 -7.19 -5.35
N GLY B 222 9.26 -7.28 -6.41
CA GLY B 222 10.40 -8.15 -6.37
C GLY B 222 11.12 -8.17 -7.71
N ALA B 223 12.06 -9.10 -7.83
CA ALA B 223 12.88 -9.21 -9.02
C ALA B 223 12.89 -10.65 -9.50
N ASN B 224 13.01 -10.82 -10.82
CA ASN B 224 13.04 -12.13 -11.45
C ASN B 224 14.27 -12.23 -12.33
N LEU B 225 14.92 -13.39 -12.28
CA LEU B 225 16.05 -13.71 -13.14
C LEU B 225 15.68 -14.91 -13.98
N ARG B 226 15.68 -14.74 -15.30
CA ARG B 226 15.26 -15.80 -16.21
C ARG B 226 16.39 -16.16 -17.16
N LEU B 227 16.44 -17.43 -17.54
CA LEU B 227 17.39 -17.92 -18.54
C LEU B 227 16.58 -18.76 -19.53
N ALA B 228 16.01 -18.10 -20.53
CA ALA B 228 15.23 -18.79 -21.55
C ALA B 228 16.15 -19.40 -22.59
N TRP B 229 15.87 -20.64 -22.97
CA TRP B 229 16.70 -21.36 -23.91
C TRP B 229 15.79 -22.10 -24.89
N LEU B 230 16.14 -22.03 -26.17
CA LEU B 230 15.38 -22.69 -27.22
C LEU B 230 16.22 -23.80 -27.83
N THR B 231 15.76 -25.04 -27.68
CA THR B 231 16.50 -26.19 -28.16
C THR B 231 16.45 -26.26 -29.68
N GLU B 232 17.40 -27.00 -30.25
CA GLU B 232 17.47 -27.12 -31.71
C GLU B 232 16.23 -27.80 -32.27
N LYS B 233 15.55 -28.61 -31.47
CA LYS B 233 14.36 -29.31 -31.91
C LYS B 233 13.09 -28.45 -31.84
N GLY B 234 13.20 -27.23 -31.32
CA GLY B 234 12.05 -26.38 -31.14
C GLY B 234 11.50 -26.36 -29.73
N ASP B 235 11.95 -27.26 -28.85
CA ASP B 235 11.53 -27.24 -27.46
C ASP B 235 12.06 -25.99 -26.77
N THR B 236 11.26 -25.43 -25.88
CA THR B 236 11.62 -24.23 -25.15
C THR B 236 11.84 -24.56 -23.69
N HIS B 237 12.99 -24.17 -23.16
CA HIS B 237 13.31 -24.32 -21.75
C HIS B 237 13.41 -22.94 -21.11
N ALA B 238 13.08 -22.87 -19.83
CA ALA B 238 13.15 -21.61 -19.11
C ALA B 238 13.34 -21.87 -17.63
N LEU B 239 14.48 -21.46 -17.10
CA LEU B 239 14.79 -21.60 -15.69
C LEU B 239 14.80 -20.21 -15.08
N ALA B 240 13.87 -19.94 -14.18
CA ALA B 240 13.67 -18.61 -13.63
C ALA B 240 13.78 -18.65 -12.11
N TYR B 241 14.48 -17.65 -11.56
CA TYR B 241 14.52 -17.44 -10.12
C TYR B 241 13.72 -16.19 -9.78
N SER B 242 12.81 -16.30 -8.83
CA SER B 242 11.91 -15.23 -8.47
C SER B 242 11.97 -14.97 -6.98
N SER B 243 11.94 -13.70 -6.60
CA SER B 243 11.91 -13.29 -5.19
C SER B 243 10.97 -12.10 -5.09
N VAL B 244 9.70 -12.37 -4.79
CA VAL B 244 8.65 -11.36 -4.83
C VAL B 244 8.05 -11.21 -3.45
N TRP B 245 7.80 -9.96 -3.06
CA TRP B 245 7.11 -9.66 -1.81
C TRP B 245 5.62 -9.52 -2.10
N ARG B 246 4.84 -10.55 -1.76
CA ARG B 246 3.40 -10.51 -1.94
C ARG B 246 2.75 -9.86 -0.73
N GLN B 247 1.64 -9.17 -0.96
CA GLN B 247 0.89 -8.53 0.12
C GLN B 247 -0.58 -8.49 -0.25
N LEU B 248 -1.42 -9.14 0.54
CA LEU B 248 -2.86 -9.16 0.30
C LEU B 248 -3.51 -7.99 1.04
N THR B 249 -4.00 -7.01 0.29
CA THR B 249 -4.63 -5.84 0.87
C THR B 249 -5.95 -5.59 0.14
N GLY B 250 -6.66 -4.56 0.59
CA GLY B 250 -7.88 -4.15 -0.09
C GLY B 250 -8.96 -5.21 -0.13
N LEU B 251 -9.19 -5.89 0.99
CA LEU B 251 -10.24 -6.91 1.03
C LEU B 251 -11.59 -6.25 0.80
N ALA B 252 -12.38 -6.86 -0.08
CA ALA B 252 -13.74 -6.41 -0.29
C ALA B 252 -14.58 -6.68 0.96
N PRO B 253 -15.68 -5.95 1.15
CA PRO B 253 -16.53 -6.19 2.32
C PRO B 253 -17.08 -7.59 2.39
N THR B 254 -17.13 -8.32 1.26
CA THR B 254 -17.63 -9.68 1.27
C THR B 254 -16.53 -10.72 1.47
N ALA B 255 -15.32 -10.30 1.84
CA ALA B 255 -14.22 -11.24 1.99
C ALA B 255 -14.53 -12.28 3.06
N SER B 256 -14.28 -13.54 2.74
CA SER B 256 -14.56 -14.65 3.64
C SER B 256 -13.50 -14.72 4.74
N PRO B 257 -13.78 -15.45 5.82
CA PRO B 257 -12.76 -15.63 6.87
C PRO B 257 -11.47 -16.24 6.36
N THR B 258 -11.55 -17.12 5.36
CA THR B 258 -10.33 -17.71 4.81
C THR B 258 -9.45 -16.64 4.17
N VAL B 259 -10.04 -15.73 3.42
CA VAL B 259 -9.26 -14.66 2.80
C VAL B 259 -8.67 -13.75 3.87
N ARG B 260 -9.46 -13.43 4.90
CA ARG B 260 -8.96 -12.57 5.96
C ARG B 260 -7.79 -13.20 6.70
N ALA B 261 -7.87 -14.51 6.96
CA ALA B 261 -6.80 -15.19 7.68
C ALA B 261 -5.51 -15.25 6.88
N ASP B 262 -5.60 -15.19 5.55
CA ASP B 262 -4.41 -15.25 4.71
C ASP B 262 -3.92 -13.88 4.27
N ALA B 263 -4.55 -12.80 4.74
CA ALA B 263 -4.08 -11.47 4.40
C ALA B 263 -2.77 -11.17 5.10
N GLY B 264 -2.03 -10.22 4.55
CA GLY B 264 -0.74 -9.86 5.11
C GLY B 264 0.39 -10.04 4.13
N ASP B 265 1.60 -9.97 4.67
CA ASP B 265 2.81 -10.00 3.85
C ASP B 265 3.37 -11.42 3.75
N SER B 266 4.06 -11.69 2.64
CA SER B 266 4.69 -12.97 2.41
C SER B 266 5.79 -12.80 1.39
N LEU B 267 6.98 -13.32 1.70
CA LEU B 267 8.09 -13.29 0.75
C LEU B 267 8.27 -14.68 0.17
N LYS B 268 8.17 -14.79 -1.15
CA LYS B 268 8.38 -16.06 -1.83
C LYS B 268 9.63 -15.95 -2.70
N SER B 269 10.64 -16.73 -2.36
CA SER B 269 11.83 -16.88 -3.19
C SER B 269 11.83 -18.28 -3.77
N SER B 270 11.62 -18.38 -5.08
CA SER B 270 11.39 -19.68 -5.69
C SER B 270 12.22 -19.81 -6.96
N LEU B 271 12.47 -21.07 -7.33
CA LEU B 271 13.16 -21.42 -8.55
C LEU B 271 12.24 -22.29 -9.39
N THR B 272 11.92 -21.83 -10.60
CA THR B 272 10.91 -22.49 -11.41
C THR B 272 11.47 -22.83 -12.78
N HIS B 273 11.04 -23.97 -13.31
CA HIS B 273 11.48 -24.46 -14.62
C HIS B 273 10.25 -24.66 -15.50
N THR B 274 10.30 -24.09 -16.70
CA THR B 274 9.20 -24.19 -17.66
C THR B 274 9.69 -24.87 -18.93
N PHE B 275 9.01 -25.94 -19.33
CA PHE B 275 9.32 -26.69 -20.53
C PHE B 275 8.10 -26.66 -21.45
N THR B 276 8.35 -26.59 -22.76
CA THR B 276 7.26 -26.45 -23.71
C THR B 276 7.66 -27.09 -25.03
N ARG B 277 7.00 -28.19 -25.38
CA ARG B 277 7.15 -28.81 -26.69
C ARG B 277 5.86 -28.59 -27.46
N ASP B 278 5.89 -27.64 -28.40
CA ASP B 278 4.71 -27.27 -29.17
C ASP B 278 4.91 -27.73 -30.60
N ARG B 279 4.11 -28.71 -31.03
CA ARG B 279 4.14 -29.22 -32.39
C ARG B 279 2.83 -28.96 -33.12
N ARG B 280 1.97 -28.12 -32.58
CA ARG B 280 0.69 -27.84 -33.20
C ARG B 280 0.90 -27.06 -34.50
N ASP B 281 0.15 -27.45 -35.54
CA ASP B 281 0.29 -26.81 -36.84
C ASP B 281 -0.07 -25.33 -36.77
N ASN B 282 -1.18 -25.01 -36.13
CA ASN B 282 -1.55 -23.63 -35.84
C ASN B 282 -1.70 -23.53 -34.33
N PRO B 283 -0.72 -22.97 -33.61
CA PRO B 283 -0.82 -22.94 -32.15
C PRO B 283 -1.99 -22.13 -31.64
N MET B 284 -2.56 -21.27 -32.47
CA MET B 284 -3.61 -20.39 -32.00
C MET B 284 -4.99 -20.99 -32.23
N LEU B 285 -5.07 -22.02 -33.07
CA LEU B 285 -6.26 -22.84 -33.30
C LEU B 285 -5.78 -24.20 -33.82
N PRO B 286 -5.58 -25.18 -32.94
CA PRO B 286 -4.91 -26.42 -33.35
C PRO B 286 -5.81 -27.32 -34.17
N GLN B 287 -5.34 -27.69 -35.36
CA GLN B 287 -5.98 -28.72 -36.16
C GLN B 287 -5.23 -30.03 -36.16
N SER B 288 -3.92 -29.99 -35.90
CA SER B 288 -3.12 -31.20 -35.83
C SER B 288 -1.92 -30.92 -34.93
N GLY B 289 -1.26 -32.00 -34.51
CA GLY B 289 -0.12 -31.87 -33.64
C GLY B 289 -0.51 -31.83 -32.18
N TYR B 290 0.52 -31.75 -31.33
CA TYR B 290 0.33 -31.84 -29.90
C TYR B 290 1.18 -30.80 -29.19
N LEU B 291 0.78 -30.47 -27.98
CA LEU B 291 1.48 -29.54 -27.12
C LEU B 291 1.72 -30.17 -25.76
N PHE B 292 2.92 -29.98 -25.21
CA PHE B 292 3.25 -30.45 -23.88
C PHE B 292 3.93 -29.32 -23.12
N ARG B 293 3.43 -29.05 -21.92
CA ARG B 293 4.02 -28.04 -21.05
C ARG B 293 4.22 -28.60 -19.65
N SER B 294 5.31 -28.18 -19.02
CA SER B 294 5.62 -28.53 -17.65
C SER B 294 6.13 -27.30 -16.93
N VAL B 295 5.58 -27.02 -15.76
CA VAL B 295 5.98 -25.88 -14.95
C VAL B 295 6.23 -26.40 -13.55
N SER B 296 7.50 -26.66 -13.23
CA SER B 296 7.90 -27.15 -11.93
C SER B 296 8.51 -26.01 -11.13
N GLU B 297 8.01 -25.79 -9.92
CA GLU B 297 8.45 -24.68 -9.09
C GLU B 297 8.80 -25.18 -7.70
N LEU B 298 9.98 -24.79 -7.21
CA LEU B 298 10.41 -25.09 -5.86
C LEU B 298 10.60 -23.77 -5.13
N ALA B 299 9.96 -23.63 -3.98
CA ALA B 299 9.99 -22.40 -3.22
C ALA B 299 10.45 -22.67 -1.79
N GLY B 300 11.33 -21.81 -1.29
CA GLY B 300 11.64 -21.77 0.12
C GLY B 300 12.52 -22.88 0.66
N TRP B 301 12.55 -24.03 -0.01
CA TRP B 301 13.29 -25.17 0.50
C TRP B 301 14.79 -25.00 0.28
N GLY B 302 15.57 -25.44 1.25
CA GLY B 302 17.01 -25.44 1.14
C GLY B 302 17.60 -24.04 1.08
N PRO B 303 18.47 -23.81 0.10
CA PRO B 303 19.12 -22.50 -0.01
C PRO B 303 18.15 -21.35 -0.20
N LEU B 304 17.03 -21.57 -0.86
CA LEU B 304 16.01 -20.55 -0.95
C LEU B 304 15.47 -20.24 0.44
N ASN B 305 15.10 -18.98 0.66
CA ASN B 305 14.56 -18.60 1.95
C ASN B 305 13.38 -17.67 1.73
N GLY B 306 12.39 -17.79 2.60
CA GLY B 306 11.20 -16.98 2.49
C GLY B 306 10.14 -17.45 3.46
N ASP B 307 8.95 -16.90 3.29
CA ASP B 307 7.83 -17.20 4.16
C ASP B 307 7.00 -18.39 3.69
N VAL B 308 7.29 -18.93 2.52
CA VAL B 308 6.57 -20.07 1.98
C VAL B 308 7.57 -21.15 1.59
N SER B 309 7.09 -22.39 1.53
CA SER B 309 7.95 -23.51 1.19
C SER B 309 7.09 -24.61 0.61
N PHE B 310 7.26 -24.89 -0.68
CA PHE B 310 6.46 -25.91 -1.35
C PHE B 310 7.16 -26.33 -2.63
N ALA B 311 6.64 -27.40 -3.23
CA ALA B 311 7.08 -27.86 -4.54
C ALA B 311 5.85 -28.01 -5.43
N LYS B 312 5.68 -27.08 -6.35
CA LYS B 312 4.50 -27.01 -7.20
C LYS B 312 4.87 -27.43 -8.62
N THR B 313 4.05 -28.31 -9.20
CA THR B 313 4.27 -28.78 -10.56
C THR B 313 2.95 -28.79 -11.31
N GLU B 314 3.04 -28.54 -12.62
CA GLU B 314 1.88 -28.58 -13.51
C GLU B 314 2.29 -29.26 -14.80
N VAL B 315 1.38 -30.08 -15.35
CA VAL B 315 1.59 -30.74 -16.63
C VAL B 315 0.37 -30.47 -17.49
N GLU B 316 0.59 -30.01 -18.72
CA GLU B 316 -0.50 -29.68 -19.64
C GLU B 316 -0.22 -30.34 -20.98
N ALA B 317 -0.93 -31.43 -21.26
CA ALA B 317 -0.81 -32.13 -22.53
C ALA B 317 -2.04 -31.88 -23.37
N SER B 318 -1.82 -31.54 -24.64
CA SER B 318 -2.91 -31.23 -25.56
C SER B 318 -2.60 -31.84 -26.91
N GLY B 319 -3.63 -32.00 -27.73
CA GLY B 319 -3.45 -32.57 -29.05
C GLY B 319 -4.68 -32.38 -29.89
N ALA B 320 -4.51 -32.58 -31.19
CA ALA B 320 -5.59 -32.50 -32.15
C ALA B 320 -5.38 -33.53 -33.24
N LEU B 321 -6.45 -33.89 -33.91
CA LEU B 321 -6.37 -34.91 -34.94
C LEU B 321 -7.33 -34.61 -36.08
N PRO B 322 -6.83 -34.27 -37.27
CA PRO B 322 -7.73 -34.06 -38.40
C PRO B 322 -8.41 -35.35 -38.82
N VAL B 323 -9.63 -35.22 -39.31
CA VAL B 323 -10.39 -36.35 -39.84
C VAL B 323 -10.88 -36.01 -41.23
N ALA B 324 -10.68 -36.92 -42.17
CA ALA B 324 -11.11 -36.71 -43.54
C ALA B 324 -12.45 -37.38 -43.78
N ILE B 325 -13.15 -36.91 -44.82
CA ILE B 325 -14.45 -37.47 -45.16
C ILE B 325 -14.48 -37.84 -46.65
N PRO B 326 -15.26 -38.84 -47.04
CA PRO B 326 -15.29 -39.22 -48.46
C PRO B 326 -15.83 -38.15 -49.37
N GLY B 327 -16.64 -37.22 -48.86
CA GLY B 327 -17.27 -36.22 -49.68
C GLY B 327 -16.39 -35.10 -50.17
N LEU B 328 -15.16 -34.99 -49.66
CA LEU B 328 -14.24 -33.94 -50.09
C LEU B 328 -12.82 -34.40 -49.79
N ALA B 329 -12.01 -34.53 -50.84
CA ALA B 329 -10.61 -34.90 -50.66
C ALA B 329 -9.81 -33.70 -50.16
N GLY B 330 -8.60 -33.99 -49.69
CA GLY B 330 -7.74 -32.93 -49.20
C GLY B 330 -8.07 -32.55 -47.76
N LYS B 331 -7.87 -31.29 -47.43
CA LYS B 331 -8.11 -30.80 -46.08
C LYS B 331 -9.61 -30.59 -45.88
N SER B 332 -10.21 -31.44 -45.03
CA SER B 332 -11.65 -31.34 -44.79
C SER B 332 -12.00 -30.18 -43.88
N GLY B 333 -11.16 -29.86 -42.91
CA GLY B 333 -11.42 -28.80 -41.96
C GLY B 333 -11.98 -29.24 -40.63
N VAL B 334 -12.50 -30.46 -40.54
CA VAL B 334 -13.01 -31.00 -39.28
C VAL B 334 -11.89 -31.73 -38.57
N SER B 335 -11.83 -31.56 -37.26
CA SER B 335 -10.80 -32.20 -36.45
C SER B 335 -11.33 -32.43 -35.05
N VAL B 336 -10.71 -33.39 -34.36
CA VAL B 336 -11.08 -33.75 -33.00
C VAL B 336 -9.86 -33.53 -32.12
N GLY B 337 -10.07 -32.82 -31.01
CA GLY B 337 -8.97 -32.45 -30.15
C GLY B 337 -9.17 -33.01 -28.75
N GLY B 338 -8.23 -32.69 -27.88
CA GLY B 338 -8.29 -33.16 -26.51
C GLY B 338 -7.43 -32.30 -25.62
N GLY B 339 -7.39 -32.65 -24.35
CA GLY B 339 -6.59 -31.91 -23.40
C GLY B 339 -6.58 -32.62 -22.06
N LEU B 340 -5.54 -32.31 -21.28
CA LEU B 340 -5.38 -32.91 -19.96
C LEU B 340 -4.37 -32.07 -19.18
N ARG B 341 -4.81 -31.52 -18.06
CA ARG B 341 -3.97 -30.66 -17.23
C ARG B 341 -3.99 -31.18 -15.80
N LEU B 342 -2.80 -31.33 -15.22
CA LEU B 342 -2.66 -31.83 -13.86
C LEU B 342 -1.79 -30.87 -13.05
N GLY B 343 -1.93 -30.94 -11.73
CA GLY B 343 -1.15 -30.09 -10.84
C GLY B 343 -1.21 -30.59 -9.43
N VAL B 344 -0.06 -30.54 -8.76
CA VAL B 344 0.08 -30.94 -7.36
C VAL B 344 0.90 -29.89 -6.64
N LEU B 345 0.42 -29.46 -5.46
CA LEU B 345 1.12 -28.48 -4.64
C LEU B 345 1.46 -29.16 -3.31
N TYR B 346 2.74 -29.43 -3.10
CA TYR B 346 3.19 -30.23 -1.97
C TYR B 346 3.89 -29.35 -0.95
N PRO B 347 3.34 -29.18 0.26
CA PRO B 347 4.03 -28.39 1.29
C PRO B 347 5.34 -29.05 1.70
N LEU B 348 6.35 -28.23 1.92
CA LEU B 348 7.67 -28.69 2.31
C LEU B 348 8.17 -27.91 3.52
N PRO B 349 9.00 -28.53 4.36
CA PRO B 349 9.62 -27.79 5.45
C PRO B 349 10.69 -26.85 4.94
N LEU B 350 10.95 -25.82 5.73
CA LEU B 350 12.09 -24.95 5.46
C LEU B 350 13.37 -25.66 5.88
N GLY B 351 14.50 -25.12 5.44
CA GLY B 351 15.76 -25.75 5.72
C GLY B 351 16.08 -26.85 4.73
N TYR B 352 17.11 -27.62 5.06
CA TYR B 352 17.68 -28.61 4.15
C TYR B 352 17.20 -30.02 4.43
N SER B 353 16.16 -30.19 5.24
CA SER B 353 15.67 -31.50 5.63
C SER B 353 14.38 -31.82 4.88
N LEU B 354 14.34 -32.99 4.25
CA LEU B 354 13.10 -33.44 3.62
C LEU B 354 12.06 -33.86 4.63
N THR B 355 12.49 -34.30 5.82
CA THR B 355 11.57 -34.68 6.88
C THR B 355 11.49 -33.57 7.91
N GLY B 356 10.29 -33.08 8.15
CA GLY B 356 10.11 -32.01 9.11
C GLY B 356 8.73 -31.41 9.01
N ALA B 357 8.46 -30.48 9.92
CA ALA B 357 7.15 -29.84 9.98
C ALA B 357 6.96 -28.92 8.78
N ALA B 358 5.82 -29.06 8.12
CA ALA B 358 5.50 -28.31 6.91
C ALA B 358 4.28 -27.43 7.15
N GLN B 359 4.39 -26.17 6.79
CA GLN B 359 3.25 -25.26 6.93
C GLN B 359 2.24 -25.52 5.83
N PRO B 360 0.95 -25.42 6.12
CA PRO B 360 -0.06 -25.58 5.07
C PRO B 360 -0.02 -24.44 4.08
N SER B 361 -0.52 -24.70 2.88
CA SER B 361 -0.43 -23.75 1.78
C SER B 361 -1.32 -22.53 2.06
N ARG B 362 -1.02 -21.45 1.33
CA ARG B 362 -1.71 -20.18 1.48
C ARG B 362 -2.44 -19.85 0.19
N ILE B 363 -3.38 -18.90 0.27
CA ILE B 363 -4.26 -18.62 -0.86
C ILE B 363 -3.48 -18.05 -2.03
N ASN B 364 -2.29 -17.48 -1.78
CA ASN B 364 -1.48 -16.97 -2.88
C ASN B 364 -1.02 -18.09 -3.80
N ASP B 365 -0.68 -19.24 -3.24
CA ASP B 365 -0.03 -20.31 -3.97
C ASP B 365 -0.98 -21.39 -4.46
N ARG B 366 -2.17 -21.49 -3.89
CA ARG B 366 -3.07 -22.58 -4.25
C ARG B 366 -3.57 -22.40 -5.69
N PHE B 367 -3.83 -23.53 -6.34
CA PHE B 367 -4.29 -23.52 -7.72
C PHE B 367 -5.68 -22.93 -7.83
N GLN B 368 -5.96 -22.32 -8.98
CA GLN B 368 -7.28 -21.81 -9.30
C GLN B 368 -7.77 -22.47 -10.60
N LEU B 369 -9.04 -22.84 -10.62
CA LEU B 369 -9.59 -23.56 -11.75
C LEU B 369 -10.96 -23.01 -12.09
N GLY B 370 -11.34 -23.14 -13.34
CA GLY B 370 -12.61 -22.63 -13.82
C GLY B 370 -12.44 -21.35 -14.61
N GLY B 371 -13.40 -21.10 -15.50
CA GLY B 371 -13.37 -19.91 -16.32
C GLY B 371 -13.31 -20.24 -17.79
N PRO B 372 -13.41 -19.22 -18.65
CA PRO B 372 -13.39 -19.47 -20.10
C PRO B 372 -12.09 -20.06 -20.59
N ASN B 373 -11.00 -19.94 -19.83
CA ASN B 373 -9.73 -20.52 -20.26
C ASN B 373 -9.49 -21.89 -19.61
N ASP B 374 -9.58 -21.96 -18.29
CA ASP B 374 -9.23 -23.20 -17.60
C ASP B 374 -10.27 -24.29 -17.82
N VAL B 375 -11.48 -24.08 -17.33
CA VAL B 375 -12.56 -25.05 -17.52
C VAL B 375 -13.78 -24.30 -18.02
N ARG B 376 -14.05 -24.44 -19.32
CA ARG B 376 -15.08 -23.64 -19.97
C ARG B 376 -16.47 -23.98 -19.42
N GLY B 377 -17.29 -22.95 -19.27
CA GLY B 377 -18.64 -23.13 -18.76
C GLY B 377 -18.84 -22.76 -17.30
N PHE B 378 -17.81 -22.28 -16.62
CA PHE B 378 -17.90 -21.92 -15.22
C PHE B 378 -17.44 -20.48 -15.02
N LYS B 379 -17.77 -19.95 -13.84
CA LYS B 379 -17.28 -18.65 -13.45
C LYS B 379 -15.76 -18.67 -13.35
N ILE B 380 -15.14 -17.50 -13.59
CA ILE B 380 -13.69 -17.41 -13.45
C ILE B 380 -13.32 -17.80 -12.03
N GLY B 381 -12.56 -18.87 -11.89
CA GLY B 381 -12.31 -19.42 -10.57
C GLY B 381 -13.49 -20.10 -9.95
N GLY B 382 -14.45 -20.54 -10.76
CA GLY B 382 -15.68 -21.09 -10.24
C GLY B 382 -15.64 -22.51 -9.74
N LEU B 383 -14.50 -23.20 -9.86
CA LEU B 383 -14.37 -24.55 -9.37
C LEU B 383 -13.57 -24.58 -8.07
N GLY B 384 -13.63 -25.71 -7.39
CA GLY B 384 -12.86 -25.92 -6.19
C GLY B 384 -13.54 -25.39 -4.95
N PRO B 385 -12.83 -25.39 -3.83
CA PRO B 385 -13.43 -24.94 -2.56
C PRO B 385 -13.88 -23.49 -2.63
N HIS B 386 -15.02 -23.21 -2.03
CA HIS B 386 -15.56 -21.86 -1.93
C HIS B 386 -15.92 -21.59 -0.48
N ASP B 387 -15.43 -20.48 0.04
CA ASP B 387 -15.77 -20.02 1.38
C ASP B 387 -16.78 -18.89 1.23
N GLY B 388 -18.05 -19.19 1.42
CA GLY B 388 -19.07 -18.22 1.12
C GLY B 388 -19.12 -17.98 -0.37
N VAL B 389 -18.71 -16.78 -0.80
CA VAL B 389 -18.65 -16.47 -2.22
C VAL B 389 -17.24 -16.44 -2.76
N ASP B 390 -16.23 -16.37 -1.89
CA ASP B 390 -14.85 -16.30 -2.34
C ASP B 390 -14.39 -17.66 -2.83
N ALA B 391 -13.64 -17.66 -3.93
CA ALA B 391 -13.08 -18.89 -4.47
C ALA B 391 -11.67 -19.08 -3.93
N VAL B 392 -11.55 -19.85 -2.85
CA VAL B 392 -10.26 -20.18 -2.26
C VAL B 392 -9.68 -21.34 -3.07
N GLY B 393 -8.37 -21.35 -3.23
CA GLY B 393 -7.73 -22.28 -4.14
C GLY B 393 -7.74 -23.70 -3.62
N GLY B 394 -7.19 -24.58 -4.44
CA GLY B 394 -6.98 -25.96 -4.04
C GLY B 394 -5.54 -26.37 -4.25
N ASP B 395 -5.14 -27.51 -3.68
CA ASP B 395 -3.76 -27.95 -3.75
C ASP B 395 -3.52 -28.98 -4.85
N VAL B 396 -4.53 -29.77 -5.21
CA VAL B 396 -4.41 -30.77 -6.26
C VAL B 396 -5.57 -30.57 -7.23
N PHE B 397 -5.27 -30.58 -8.52
CA PHE B 397 -6.31 -30.37 -9.52
C PHE B 397 -6.04 -31.21 -10.74
N ALA B 398 -7.09 -31.42 -11.53
CA ALA B 398 -7.00 -32.23 -12.75
C ALA B 398 -8.14 -31.83 -13.66
N ALA B 399 -7.83 -31.22 -14.80
CA ALA B 399 -8.82 -30.78 -15.76
C ALA B 399 -8.60 -31.48 -17.09
N GLY B 400 -9.69 -31.65 -17.83
CA GLY B 400 -9.61 -32.30 -19.13
C GLY B 400 -10.63 -31.71 -20.08
N SER B 401 -10.41 -31.94 -21.36
CA SER B 401 -11.27 -31.36 -22.39
C SER B 401 -11.33 -32.29 -23.59
N VAL B 402 -12.49 -32.31 -24.23
CA VAL B 402 -12.68 -32.95 -25.52
C VAL B 402 -13.48 -32.02 -26.41
N ASN B 403 -12.94 -31.68 -27.56
CA ASN B 403 -13.60 -30.73 -28.44
C ASN B 403 -13.43 -31.15 -29.89
N ALA B 404 -14.33 -30.66 -30.73
CA ALA B 404 -14.30 -30.92 -32.16
C ALA B 404 -14.57 -29.63 -32.92
N LEU B 405 -13.69 -29.31 -33.86
CA LEU B 405 -13.82 -28.10 -34.68
C LEU B 405 -14.46 -28.46 -36.01
N LEU B 406 -15.42 -27.64 -36.43
CA LEU B 406 -16.08 -27.85 -37.71
C LEU B 406 -16.18 -26.54 -38.48
N PRO B 407 -16.07 -26.57 -39.80
CA PRO B 407 -16.25 -25.36 -40.59
C PRO B 407 -17.71 -25.16 -40.98
N LEU B 408 -18.09 -23.90 -41.12
CA LEU B 408 -19.45 -23.55 -41.49
C LEU B 408 -19.68 -23.82 -42.97
N PRO B 409 -20.91 -24.17 -43.36
CA PRO B 409 -21.19 -24.44 -44.77
C PRO B 409 -21.06 -23.19 -45.61
N ARG B 410 -20.78 -23.41 -46.91
CA ARG B 410 -20.59 -22.34 -47.87
C ARG B 410 -19.45 -21.41 -47.44
N THR B 411 -18.47 -21.97 -46.74
CA THR B 411 -17.28 -21.24 -46.32
C THR B 411 -16.12 -22.21 -46.30
N GLY B 412 -15.01 -21.83 -46.92
CA GLY B 412 -13.87 -22.70 -47.06
C GLY B 412 -13.23 -23.06 -45.73
N PRO B 413 -12.63 -24.26 -45.66
CA PRO B 413 -11.93 -24.65 -44.43
C PRO B 413 -10.72 -23.79 -44.12
N ASP B 414 -10.19 -23.04 -45.08
CA ASP B 414 -9.08 -22.14 -44.83
C ASP B 414 -9.49 -20.92 -44.00
N SER B 415 -10.78 -20.71 -43.78
CA SER B 415 -11.22 -19.56 -43.00
C SER B 415 -10.78 -19.73 -41.54
N PRO B 416 -10.41 -18.63 -40.88
CA PRO B 416 -9.93 -18.72 -39.49
C PRO B 416 -11.02 -18.85 -38.46
N LEU B 417 -12.28 -18.89 -38.87
CA LEU B 417 -13.41 -18.94 -37.93
C LEU B 417 -14.17 -20.25 -38.14
N ARG B 418 -14.45 -20.95 -37.04
CA ARG B 418 -15.01 -22.29 -37.09
C ARG B 418 -16.00 -22.50 -35.95
N LEU B 419 -16.82 -23.53 -36.12
CA LEU B 419 -17.73 -23.97 -35.07
C LEU B 419 -17.04 -24.98 -34.17
N GLN B 420 -17.38 -24.95 -32.88
CA GLN B 420 -16.73 -25.77 -31.88
C GLN B 420 -17.75 -26.44 -30.98
N LEU B 421 -17.60 -27.75 -30.78
CA LEU B 421 -18.36 -28.50 -29.80
C LEU B 421 -17.41 -29.07 -28.76
N TYR B 422 -17.67 -28.81 -27.49
CA TYR B 422 -16.71 -29.12 -26.44
C TYR B 422 -17.42 -29.72 -25.24
N ALA B 423 -16.64 -30.42 -24.41
CA ALA B 423 -17.09 -30.95 -23.13
C ALA B 423 -15.92 -30.91 -22.17
N ASN B 424 -16.09 -30.21 -21.05
CA ASN B 424 -15.00 -29.95 -20.12
C ASN B 424 -15.31 -30.57 -18.78
N ALA B 425 -14.29 -31.16 -18.16
CA ALA B 425 -14.37 -31.70 -16.81
C ALA B 425 -13.22 -31.14 -15.98
N GLY B 426 -13.44 -31.03 -14.68
CA GLY B 426 -12.41 -30.49 -13.80
C GLY B 426 -12.66 -30.89 -12.37
N ARG B 427 -11.58 -30.98 -11.60
CA ARG B 427 -11.63 -31.22 -10.17
C ARG B 427 -10.55 -30.39 -9.49
N LEU B 428 -10.90 -29.82 -8.34
CA LEU B 428 -9.96 -29.02 -7.57
C LEU B 428 -10.22 -29.30 -6.09
N VAL B 429 -9.24 -29.89 -5.42
CA VAL B 429 -9.38 -30.33 -4.04
C VAL B 429 -8.28 -29.68 -3.21
N ALA B 430 -8.50 -29.66 -1.90
CA ALA B 430 -7.60 -29.02 -0.96
C ALA B 430 -7.07 -30.03 0.04
N LEU B 431 -5.83 -29.83 0.47
CA LEU B 431 -5.17 -30.72 1.41
C LEU B 431 -5.74 -30.52 2.81
N ASN B 432 -6.07 -31.62 3.48
CA ASN B 432 -6.61 -31.58 4.83
C ASN B 432 -5.86 -32.57 5.71
N SER B 433 -5.78 -32.25 7.00
CA SER B 433 -5.15 -33.11 7.99
C SER B 433 -6.16 -33.99 8.72
N LYS B 434 -7.30 -34.30 8.10
CA LYS B 434 -8.31 -35.11 8.76
C LYS B 434 -7.80 -36.51 9.08
N GLY B 435 -6.87 -37.02 8.29
CA GLY B 435 -6.35 -38.36 8.51
C GLY B 435 -5.33 -38.47 9.62
N THR B 436 -4.88 -37.35 10.18
CA THR B 436 -3.91 -37.38 11.26
C THR B 436 -4.58 -37.82 12.56
N ASP B 437 -3.77 -38.39 13.45
CA ASP B 437 -4.28 -38.81 14.75
C ASP B 437 -4.37 -37.64 15.71
N LYS B 438 -3.23 -37.01 16.00
CA LYS B 438 -3.20 -35.88 16.93
C LYS B 438 -2.00 -35.02 16.60
N GLU B 439 -2.16 -33.70 16.77
CA GLU B 439 -1.09 -32.74 16.60
C GLU B 439 -1.32 -31.60 17.57
N GLY B 440 -0.22 -30.97 17.99
CA GLY B 440 -0.31 -29.85 18.91
C GLY B 440 -1.15 -28.74 18.32
N LYS B 441 -2.24 -28.37 19.01
CA LYS B 441 -3.15 -27.36 18.47
C LYS B 441 -2.53 -25.98 18.38
N GLU B 442 -1.48 -25.70 19.17
CA GLU B 442 -0.76 -24.46 19.01
C GLU B 442 -0.09 -24.38 17.63
N GLY B 443 0.51 -25.48 17.18
CA GLY B 443 1.19 -25.49 15.91
C GLY B 443 0.23 -25.57 14.74
N LEU B 444 0.56 -24.84 13.69
CA LEU B 444 -0.14 -24.94 12.42
C LEU B 444 0.54 -25.88 11.45
N ALA B 445 1.81 -26.20 11.68
CA ALA B 445 2.58 -27.03 10.77
C ALA B 445 2.17 -28.49 10.89
N MET B 446 2.39 -29.23 9.81
CA MET B 446 2.08 -30.65 9.74
C MET B 446 3.38 -31.43 9.56
N ASP B 447 3.47 -32.58 10.22
CA ASP B 447 4.66 -33.40 10.08
C ASP B 447 4.71 -34.03 8.68
N SER B 448 5.86 -34.61 8.36
CA SER B 448 6.07 -35.15 7.01
C SER B 448 5.11 -36.28 6.70
N ALA B 449 4.86 -37.17 7.66
CA ALA B 449 3.90 -38.25 7.43
C ALA B 449 2.48 -37.72 7.30
N ALA B 450 2.16 -36.64 7.99
CA ALA B 450 0.82 -36.05 7.89
C ALA B 450 0.58 -35.47 6.51
N VAL B 451 1.56 -34.75 5.95
CA VAL B 451 1.39 -34.16 4.64
C VAL B 451 1.26 -35.22 3.57
N PHE B 452 2.09 -36.26 3.66
CA PHE B 452 2.02 -37.34 2.67
C PHE B 452 0.67 -38.04 2.72
N LYS B 453 0.16 -38.30 3.91
CA LYS B 453 -1.17 -38.89 4.03
C LYS B 453 -2.24 -37.95 3.50
N GLY B 454 -2.07 -36.65 3.73
CA GLY B 454 -3.04 -35.70 3.22
C GLY B 454 -3.03 -35.61 1.71
N VAL B 455 -1.86 -35.63 1.09
CA VAL B 455 -1.78 -35.59 -0.36
C VAL B 455 -2.37 -36.85 -0.97
N LYS B 456 -2.09 -38.01 -0.38
CA LYS B 456 -2.65 -39.25 -0.88
C LYS B 456 -4.18 -39.22 -0.85
N SER B 457 -4.75 -38.70 0.24
CA SER B 457 -6.20 -38.58 0.32
C SER B 457 -6.73 -37.58 -0.69
N ALA B 458 -6.02 -36.48 -0.90
CA ALA B 458 -6.46 -35.46 -1.84
C ALA B 458 -6.48 -36.00 -3.27
N VAL B 459 -5.43 -36.73 -3.66
CA VAL B 459 -5.39 -37.32 -4.98
C VAL B 459 -6.46 -38.39 -5.13
N GLY B 460 -6.73 -39.14 -4.06
CA GLY B 460 -7.78 -40.14 -4.12
C GLY B 460 -9.15 -39.52 -4.35
N LYS B 461 -9.35 -38.29 -3.85
CA LYS B 461 -10.63 -37.62 -4.02
C LYS B 461 -10.89 -37.29 -5.49
N LEU B 462 -9.84 -37.15 -6.30
CA LEU B 462 -10.04 -36.86 -7.71
C LEU B 462 -10.73 -38.01 -8.41
N THR B 463 -10.37 -39.24 -8.07
CA THR B 463 -10.81 -40.41 -8.80
C THR B 463 -12.18 -40.93 -8.36
N ASN B 464 -12.81 -40.34 -7.36
CA ASN B 464 -14.15 -40.73 -6.96
C ASN B 464 -15.14 -39.62 -7.31
N GLY B 465 -16.37 -40.01 -7.63
CA GLY B 465 -17.37 -39.05 -8.03
C GLY B 465 -17.15 -38.50 -9.42
N ILE B 466 -18.23 -38.09 -10.09
CA ILE B 466 -18.10 -37.51 -11.42
C ILE B 466 -17.47 -36.13 -11.29
N PRO B 467 -16.47 -35.78 -12.10
CA PRO B 467 -15.87 -34.44 -12.00
C PRO B 467 -16.86 -33.36 -12.42
N SER B 468 -16.62 -32.15 -11.92
CA SER B 468 -17.42 -31.01 -12.31
C SER B 468 -17.37 -30.84 -13.81
N LEU B 469 -18.50 -31.07 -14.47
CA LEU B 469 -18.54 -31.27 -15.92
C LEU B 469 -19.43 -30.23 -16.58
N ALA B 470 -18.96 -29.71 -17.72
CA ALA B 470 -19.72 -28.75 -18.50
C ALA B 470 -19.57 -29.08 -19.98
N ALA B 471 -20.55 -28.67 -20.77
CA ALA B 471 -20.56 -28.89 -22.20
C ALA B 471 -21.23 -27.71 -22.88
N GLY B 472 -20.93 -27.52 -24.17
CA GLY B 472 -21.52 -26.41 -24.89
C GLY B 472 -21.09 -26.39 -26.33
N VAL B 473 -21.61 -25.40 -27.05
CA VAL B 473 -21.34 -25.18 -28.46
C VAL B 473 -20.96 -23.73 -28.65
N GLY B 474 -19.96 -23.47 -29.48
CA GLY B 474 -19.53 -22.10 -29.67
C GLY B 474 -18.82 -21.89 -30.98
N LEU B 475 -18.58 -20.61 -31.29
CA LEU B 475 -17.82 -20.21 -32.46
C LEU B 475 -16.44 -19.74 -32.02
N VAL B 476 -15.42 -20.13 -32.77
CA VAL B 476 -14.03 -19.81 -32.45
C VAL B 476 -13.42 -19.03 -33.61
N TYR B 477 -12.73 -17.95 -33.27
CA TYR B 477 -12.05 -17.12 -34.25
C TYR B 477 -10.55 -17.18 -33.99
N ALA B 478 -9.78 -17.45 -35.04
CA ALA B 478 -8.34 -17.65 -34.92
C ALA B 478 -7.53 -16.48 -35.45
N HIS B 479 -7.98 -15.25 -35.23
CA HIS B 479 -7.24 -14.10 -35.69
C HIS B 479 -5.95 -14.01 -34.86
N PRO B 480 -4.77 -13.97 -35.49
CA PRO B 480 -3.55 -14.42 -34.81
C PRO B 480 -3.05 -13.57 -33.65
N VAL B 481 -3.79 -12.54 -33.22
CA VAL B 481 -3.35 -11.82 -32.02
C VAL B 481 -3.95 -12.45 -30.77
N ALA B 482 -5.14 -13.04 -30.88
CA ALA B 482 -5.82 -13.66 -29.75
C ALA B 482 -6.97 -14.49 -30.31
N ARG B 483 -7.23 -15.62 -29.64
CA ARG B 483 -8.39 -16.42 -30.00
C ARG B 483 -9.65 -15.85 -29.36
N PHE B 484 -10.72 -15.79 -30.14
CA PHE B 484 -12.00 -15.31 -29.66
C PHE B 484 -13.01 -16.44 -29.72
N GLU B 485 -13.76 -16.62 -28.63
CA GLU B 485 -14.77 -17.66 -28.54
C GLU B 485 -16.09 -17.07 -28.09
N LEU B 486 -17.17 -17.54 -28.70
CA LEU B 486 -18.54 -17.17 -28.32
C LEU B 486 -19.25 -18.48 -28.01
N ASN B 487 -19.23 -18.88 -26.74
CA ASN B 487 -19.69 -20.18 -26.32
C ASN B 487 -21.04 -20.11 -25.64
N PHE B 488 -21.89 -21.09 -25.91
CA PHE B 488 -23.13 -21.29 -25.17
C PHE B 488 -22.96 -22.53 -24.29
N SER B 489 -22.66 -22.31 -23.02
CA SER B 489 -22.29 -23.39 -22.11
C SER B 489 -23.49 -23.82 -21.28
N LEU B 490 -23.37 -24.99 -20.67
CA LEU B 490 -24.47 -25.56 -19.88
C LEU B 490 -23.88 -26.55 -18.88
N PRO B 491 -23.69 -26.14 -17.62
CA PRO B 491 -23.09 -27.04 -16.63
C PRO B 491 -23.96 -28.28 -16.42
N LEU B 492 -23.30 -29.42 -16.23
CA LEU B 492 -23.99 -30.69 -16.04
C LEU B 492 -23.83 -31.25 -14.63
N VAL B 493 -22.59 -31.36 -14.14
CA VAL B 493 -22.31 -31.86 -12.81
C VAL B 493 -21.52 -30.80 -12.06
N LEU B 494 -21.90 -30.56 -10.82
CA LEU B 494 -21.37 -29.42 -10.08
C LEU B 494 -21.40 -29.71 -8.60
N ARG B 495 -20.36 -29.28 -7.89
CA ARG B 495 -20.31 -29.35 -6.44
C ARG B 495 -20.99 -28.12 -5.86
N ARG B 496 -21.70 -28.31 -4.76
CA ARG B 496 -22.37 -27.20 -4.11
C ARG B 496 -21.37 -26.12 -3.74
N GLY B 497 -21.70 -24.88 -4.05
CA GLY B 497 -20.80 -23.77 -3.87
C GLY B 497 -20.04 -23.37 -5.11
N GLU B 498 -19.95 -24.25 -6.10
CA GLU B 498 -19.32 -23.89 -7.37
C GLU B 498 -20.30 -23.11 -8.23
N GLU B 499 -19.76 -22.23 -9.07
CA GLU B 499 -20.56 -21.26 -9.82
C GLU B 499 -20.47 -21.55 -11.31
N GLY B 500 -21.57 -22.05 -11.88
CA GLY B 500 -21.62 -22.25 -13.31
C GLY B 500 -22.32 -21.11 -14.02
N ARG B 501 -22.06 -21.00 -15.32
CA ARG B 501 -22.66 -19.96 -16.16
C ARG B 501 -23.44 -20.63 -17.28
N LYS B 502 -24.78 -20.56 -17.20
CA LYS B 502 -25.62 -21.26 -18.15
C LYS B 502 -25.85 -20.49 -19.44
N GLY B 503 -25.49 -19.22 -19.49
CA GLY B 503 -25.72 -18.39 -20.66
C GLY B 503 -24.55 -18.36 -21.61
N LEU B 504 -24.58 -17.39 -22.52
CA LEU B 504 -23.47 -17.20 -23.43
C LEU B 504 -22.24 -16.70 -22.68
N GLN B 505 -21.07 -17.11 -23.14
CA GLN B 505 -19.82 -16.78 -22.47
C GLN B 505 -18.76 -16.49 -23.52
N VAL B 506 -18.00 -15.42 -23.29
CA VAL B 506 -16.97 -14.98 -24.22
C VAL B 506 -15.61 -15.06 -23.52
N GLY B 507 -14.67 -15.76 -24.16
CA GLY B 507 -13.33 -15.88 -23.63
C GLY B 507 -12.28 -15.56 -24.65
N VAL B 508 -11.38 -14.63 -24.32
CA VAL B 508 -10.35 -14.18 -25.25
C VAL B 508 -8.99 -14.40 -24.59
N GLY B 509 -8.08 -15.03 -25.32
CA GLY B 509 -6.76 -15.29 -24.79
C GLY B 509 -5.99 -16.22 -25.71
N ILE B 510 -4.78 -16.56 -25.27
CA ILE B 510 -3.92 -17.44 -26.05
C ILE B 510 -3.89 -18.86 -25.51
N SER B 511 -4.34 -19.08 -24.27
CA SER B 511 -4.31 -20.38 -23.64
C SER B 511 -5.74 -20.86 -23.41
N PHE B 512 -6.06 -22.04 -23.93
CA PHE B 512 -7.37 -22.65 -23.76
C PHE B 512 -7.19 -24.13 -23.47
N LEU B 513 -8.13 -24.71 -22.75
CA LEU B 513 -8.07 -26.13 -22.42
C LEU B 513 -8.48 -26.98 -23.61
N SER C 2 17.37 5.14 9.15
CA SER C 2 17.60 6.27 8.25
C SER C 2 17.93 7.53 9.04
N SER C 3 17.75 7.45 10.36
CA SER C 3 18.01 8.53 11.31
C SER C 3 17.09 9.73 11.10
N ALA C 4 16.19 9.68 10.12
CA ALA C 4 15.18 10.72 9.96
C ALA C 4 13.88 10.38 10.65
N TRP C 5 13.73 9.16 11.15
CA TRP C 5 12.54 8.71 11.86
C TRP C 5 12.89 8.24 13.27
N SER C 6 13.73 8.99 13.96
CA SER C 6 14.13 8.64 15.32
C SER C 6 14.47 9.91 16.08
N HIS C 7 14.47 9.81 17.41
CA HIS C 7 14.83 10.95 18.23
C HIS C 7 16.29 11.33 17.96
N PRO C 8 16.58 12.62 17.83
CA PRO C 8 17.94 13.03 17.47
C PRO C 8 18.96 12.63 18.53
N GLN C 9 20.14 12.22 18.08
CA GLN C 9 21.22 11.88 18.99
C GLN C 9 21.88 13.15 19.53
N PHE C 10 22.53 13.00 20.67
CA PHE C 10 23.16 14.12 21.35
C PHE C 10 24.61 13.78 21.67
N GLU C 11 25.49 14.76 21.49
CA GLU C 11 26.90 14.54 21.76
C GLU C 11 27.14 14.36 23.25
N LYS C 12 27.98 13.38 23.58
CA LYS C 12 28.25 13.05 24.97
C LYS C 12 29.69 13.39 25.34
N SER C 23 16.10 12.40 26.06
CA SER C 23 15.66 13.06 24.84
C SER C 23 14.79 14.27 25.17
N ALA C 24 14.08 14.21 26.30
CA ALA C 24 13.20 15.30 26.71
C ALA C 24 13.99 16.37 27.47
N TRP C 25 14.76 17.13 26.72
CA TRP C 25 15.56 18.21 27.30
C TRP C 25 14.68 19.41 27.60
N SER C 26 14.60 19.79 28.88
CA SER C 26 13.74 20.89 29.29
C SER C 26 14.33 22.23 28.84
N HIS C 27 13.44 23.16 28.54
CA HIS C 27 13.86 24.49 28.11
C HIS C 27 14.31 25.31 29.33
N PRO C 28 15.19 26.28 29.14
CA PRO C 28 15.61 27.13 30.27
C PRO C 28 14.43 27.93 30.81
N GLN C 29 14.47 28.18 32.11
CA GLN C 29 13.40 28.94 32.75
C GLN C 29 13.51 30.42 32.41
N PHE C 30 12.39 31.01 32.01
CA PHE C 30 12.36 32.44 31.68
C PHE C 30 12.33 33.28 32.95
N GLU C 31 13.00 34.43 32.89
CA GLU C 31 12.96 35.43 33.94
C GLU C 31 12.45 36.73 33.36
N LYS C 32 11.60 37.42 34.12
CA LYS C 32 10.97 38.65 33.65
C LYS C 32 12.02 39.72 33.45
N GLY C 33 11.97 40.41 32.32
CA GLY C 33 12.89 41.50 32.05
C GLY C 33 13.53 41.47 30.69
N GLY C 34 13.77 40.26 30.17
CA GLY C 34 14.43 40.13 28.88
C GLY C 34 13.46 40.35 27.73
N ALA C 35 13.93 41.03 26.70
CA ALA C 35 13.11 41.30 25.53
C ALA C 35 12.92 40.03 24.71
N VAL C 36 11.67 39.73 24.37
CA VAL C 36 11.33 38.55 23.58
C VAL C 36 10.57 39.02 22.34
N GLN C 37 10.62 38.22 21.29
CA GLN C 37 9.96 38.53 20.03
C GLN C 37 9.07 37.36 19.64
N LEU C 38 7.81 37.64 19.36
CA LEU C 38 6.83 36.63 18.99
C LEU C 38 6.55 36.74 17.50
N HIS C 39 6.81 35.67 16.76
CA HIS C 39 6.58 35.64 15.34
C HIS C 39 5.22 35.02 15.05
N VAL C 40 4.32 35.83 14.51
CA VAL C 40 2.94 35.42 14.27
C VAL C 40 2.52 35.82 12.87
N TRP C 41 1.38 35.29 12.44
CA TRP C 41 0.80 35.72 11.17
C TRP C 41 0.36 37.17 11.26
N GLY C 42 0.00 37.73 10.10
CA GLY C 42 -0.45 39.10 10.04
C GLY C 42 -1.88 39.25 10.51
N PRO C 43 -2.30 40.50 10.73
CA PRO C 43 -3.68 40.74 11.15
C PRO C 43 -4.67 40.38 10.06
N ALA C 44 -5.86 39.96 10.49
CA ALA C 44 -6.95 39.65 9.57
C ALA C 44 -8.27 39.70 10.33
N PHE C 45 -9.34 40.00 9.60
CA PHE C 45 -10.69 40.05 10.15
C PHE C 45 -10.79 40.99 11.35
N GLY C 46 -10.00 42.06 11.36
CA GLY C 46 -9.99 42.96 12.50
C GLY C 46 -9.41 42.36 13.75
N LEU C 47 -8.59 41.32 13.63
CA LEU C 47 -7.94 40.66 14.74
C LEU C 47 -6.43 40.79 14.62
N PRO C 48 -5.71 40.73 15.72
CA PRO C 48 -4.25 40.82 15.66
C PRO C 48 -3.60 39.75 14.79
N SER C 49 -4.23 38.59 14.70
CA SER C 49 -3.68 37.49 13.90
C SER C 49 -4.82 36.69 13.30
N ILE C 50 -4.48 35.89 12.29
CA ILE C 50 -5.48 35.08 11.60
C ILE C 50 -5.49 33.64 12.06
N ASP C 51 -4.38 33.14 12.60
CA ASP C 51 -4.29 31.77 13.09
C ASP C 51 -4.76 31.72 14.53
N ALA C 52 -5.46 30.64 14.88
CA ALA C 52 -6.05 30.54 16.21
C ALA C 52 -4.98 30.51 17.29
N GLU C 53 -3.94 29.71 17.10
CA GLU C 53 -2.88 29.62 18.11
C GLU C 53 -2.11 30.94 18.21
N CYS C 54 -1.86 31.59 17.06
CA CYS C 54 -1.14 32.85 17.08
C CYS C 54 -1.93 33.93 17.81
N LEU C 55 -3.24 33.98 17.59
CA LEU C 55 -4.07 34.96 18.28
C LEU C 55 -4.10 34.72 19.77
N ALA C 56 -4.14 33.45 20.20
CA ALA C 56 -4.09 33.14 21.62
C ALA C 56 -2.77 33.59 22.23
N ALA C 57 -1.66 33.35 21.53
CA ALA C 57 -0.36 33.74 22.04
C ALA C 57 -0.24 35.25 22.18
N ILE C 58 -0.80 36.00 21.23
CA ILE C 58 -0.78 37.45 21.31
C ILE C 58 -1.54 37.93 22.54
N ALA C 59 -2.71 37.33 22.79
CA ALA C 59 -3.49 37.71 23.97
C ALA C 59 -2.75 37.40 25.25
N TYR C 60 -2.05 36.26 25.29
CA TYR C 60 -1.32 35.88 26.50
C TYR C 60 -0.22 36.88 26.83
N LEU C 61 0.53 37.33 25.81
CA LEU C 61 1.58 38.30 26.05
C LEU C 61 1.02 39.65 26.47
N ALA C 62 -0.10 40.06 25.84
CA ALA C 62 -0.66 41.37 26.13
C ALA C 62 -1.17 41.48 27.55
N GLN C 63 -1.35 40.36 28.25
CA GLN C 63 -1.87 40.37 29.61
C GLN C 63 -0.82 40.09 30.66
N THR C 64 0.23 39.33 30.34
CA THR C 64 1.23 38.95 31.32
C THR C 64 2.51 39.77 31.23
N LEU C 65 2.79 40.40 30.09
CA LEU C 65 4.00 41.18 29.89
C LEU C 65 3.65 42.63 29.61
N GLY C 66 4.56 43.53 29.97
CA GLY C 66 4.35 44.93 29.72
C GLY C 66 4.42 45.26 28.24
N SER C 67 3.91 46.45 27.90
CA SER C 67 3.85 46.85 26.50
C SER C 67 5.23 46.98 25.86
N ALA C 68 6.26 47.23 26.66
CA ALA C 68 7.61 47.41 26.13
C ALA C 68 8.52 46.22 26.37
N ASP C 69 8.00 45.13 26.92
CA ASP C 69 8.83 43.96 27.22
C ASP C 69 8.80 42.91 26.13
N TYR C 70 8.09 43.14 25.03
CA TYR C 70 8.00 42.15 23.96
C TYR C 70 7.68 42.87 22.66
N GLN C 71 7.89 42.17 21.55
CA GLN C 71 7.58 42.68 20.23
C GLN C 71 6.88 41.62 19.41
N LEU C 72 5.97 42.06 18.54
CA LEU C 72 5.28 41.18 17.62
C LEU C 72 5.85 41.38 16.22
N ILE C 73 6.18 40.29 15.55
CA ILE C 73 6.77 40.31 14.23
C ILE C 73 5.89 39.50 13.29
N GLN C 74 5.31 40.17 12.30
CA GLN C 74 4.53 39.47 11.29
C GLN C 74 5.45 38.59 10.48
N SER C 75 5.07 37.31 10.33
CA SER C 75 5.98 36.35 9.73
C SER C 75 5.18 35.22 9.08
N SER C 76 5.91 34.25 8.57
CA SER C 76 5.36 33.04 7.96
C SER C 76 6.23 31.88 8.42
N PRO C 77 5.73 30.65 8.32
CA PRO C 77 6.52 29.50 8.81
C PRO C 77 7.90 29.38 8.17
N SER C 78 8.03 29.76 6.90
CA SER C 78 9.33 29.66 6.23
C SER C 78 10.35 30.62 6.82
N ALA C 79 9.91 31.65 7.54
CA ALA C 79 10.84 32.66 8.04
C ALA C 79 11.40 32.34 9.42
N VAL C 80 11.02 31.21 10.01
CA VAL C 80 11.51 30.86 11.34
C VAL C 80 12.09 29.44 11.30
N PRO C 81 13.12 29.15 12.10
CA PRO C 81 13.70 27.80 12.08
C PRO C 81 12.77 26.72 12.59
N THR C 82 11.74 27.07 13.37
CA THR C 82 10.83 26.06 13.89
C THR C 82 9.84 25.59 12.83
N GLN C 83 9.69 26.35 11.74
CA GLN C 83 8.71 26.05 10.70
C GLN C 83 7.30 25.92 11.28
N HIS C 84 7.00 26.73 12.28
CA HIS C 84 5.76 26.60 13.02
C HIS C 84 5.43 27.96 13.65
N LEU C 85 4.17 28.34 13.58
CA LEU C 85 3.75 29.58 14.20
C LEU C 85 2.62 29.33 15.18
N PRO C 86 2.56 30.08 16.29
CA PRO C 86 3.47 31.15 16.70
C PRO C 86 4.77 30.59 17.25
N THR C 87 5.86 31.34 17.16
CA THR C 87 7.13 30.93 17.74
C THR C 87 7.74 32.10 18.48
N LEU C 88 8.37 31.80 19.62
CA LEU C 88 8.94 32.83 20.47
C LEU C 88 10.46 32.77 20.39
N TYR C 89 11.08 33.93 20.18
CA TYR C 89 12.53 34.04 20.18
C TYR C 89 12.96 34.77 21.44
N ASP C 90 13.43 34.01 22.42
CA ASP C 90 13.85 34.57 23.71
C ASP C 90 15.28 35.07 23.54
N SER C 91 15.42 36.36 23.20
CA SER C 91 16.72 36.93 22.90
C SER C 91 17.67 36.89 24.09
N ARG C 92 17.14 36.75 25.30
CA ARG C 92 18.00 36.66 26.48
C ARG C 92 18.88 35.43 26.44
N THR C 93 18.41 34.33 25.85
CA THR C 93 19.25 33.17 25.58
C THR C 93 19.22 32.71 24.13
N SER C 94 18.56 33.45 23.23
CA SER C 94 18.48 33.14 21.81
C SER C 94 17.85 31.79 21.52
N THR C 95 16.96 31.31 22.38
CA THR C 95 16.30 30.04 22.16
C THR C 95 15.02 30.23 21.34
N TRP C 96 14.73 29.25 20.49
CA TRP C 96 13.52 29.24 19.69
C TRP C 96 12.52 28.29 20.30
N ILE C 97 11.32 28.80 20.59
CA ILE C 97 10.24 28.00 21.17
C ILE C 97 9.05 28.09 20.24
N GLY C 98 8.54 26.94 19.81
CA GLY C 98 7.44 26.87 18.85
C GLY C 98 6.20 26.26 19.47
N GLY C 99 5.05 26.79 19.09
CA GLY C 99 3.78 26.32 19.61
C GLY C 99 3.27 27.14 20.78
N PHE C 100 1.96 27.24 20.92
CA PHE C 100 1.39 28.05 22.00
C PHE C 100 1.69 27.46 23.36
N THR C 101 1.48 26.15 23.51
CA THR C 101 1.68 25.51 24.80
C THR C 101 3.14 25.60 25.25
N SER C 102 4.08 25.46 24.31
CA SER C 102 5.49 25.57 24.65
C SER C 102 5.85 26.99 25.06
N ILE C 103 5.25 27.99 24.42
CA ILE C 103 5.52 29.38 24.78
C ILE C 103 5.01 29.67 26.19
N THR C 104 3.78 29.25 26.50
CA THR C 104 3.23 29.49 27.83
C THR C 104 4.02 28.76 28.90
N ALA C 105 4.43 27.52 28.63
CA ALA C 105 5.26 26.78 29.58
C ALA C 105 6.60 27.49 29.80
N HIS C 106 7.21 27.99 28.72
CA HIS C 106 8.48 28.69 28.84
C HIS C 106 8.32 29.96 29.67
N LEU C 107 7.26 30.72 29.44
CA LEU C 107 7.08 32.00 30.11
C LEU C 107 6.42 31.87 31.47
N HIS C 108 5.93 30.69 31.83
CA HIS C 108 5.26 30.52 33.11
C HIS C 108 6.24 30.73 34.26
N THR C 109 5.75 31.32 35.34
CA THR C 109 6.55 31.57 36.52
C THR C 109 6.63 30.32 37.39
N THR C 137 -10.08 24.73 45.09
CA THR C 137 -9.35 23.55 44.66
C THR C 137 -8.47 23.85 43.45
N ALA C 138 -7.22 24.25 43.74
CA ALA C 138 -6.28 24.56 42.67
C ALA C 138 -5.97 23.32 41.83
N ALA C 139 -5.84 22.16 42.46
CA ALA C 139 -5.57 20.94 41.72
C ALA C 139 -6.69 20.61 40.75
N SER C 140 -7.94 20.78 41.18
CA SER C 140 -9.06 20.60 40.27
C SER C 140 -9.05 21.65 39.16
N ALA C 141 -8.74 22.90 39.50
CA ALA C 141 -8.65 23.94 38.49
C ALA C 141 -7.48 23.71 37.55
N THR C 142 -6.34 23.25 38.06
CA THR C 142 -5.20 22.96 37.20
C THR C 142 -5.51 21.82 36.24
N ALA C 143 -6.19 20.78 36.73
CA ALA C 143 -6.56 19.67 35.86
C ALA C 143 -7.54 20.10 34.78
N ASP C 144 -8.49 20.96 35.13
CA ASP C 144 -9.45 21.43 34.14
C ASP C 144 -8.75 22.22 33.04
N GLY C 145 -7.81 23.09 33.40
CA GLY C 145 -7.08 23.84 32.39
C GLY C 145 -6.33 22.94 31.44
N THR C 146 -5.73 21.86 31.95
CA THR C 146 -5.05 20.90 31.08
C THR C 146 -6.04 20.18 30.19
N ALA C 147 -7.21 19.84 30.73
CA ALA C 147 -8.19 19.06 29.97
C ALA C 147 -8.72 19.85 28.78
N TYR C 148 -9.09 21.11 29.00
CA TYR C 148 -9.65 21.91 27.92
C TYR C 148 -8.58 22.38 26.95
N THR C 149 -7.34 22.54 27.41
CA THR C 149 -6.26 22.87 26.50
C THR C 149 -6.07 21.79 25.45
N ALA C 150 -6.13 20.53 25.87
CA ALA C 150 -6.07 19.43 24.91
C ALA C 150 -7.34 19.34 24.08
N PHE C 151 -8.49 19.59 24.70
CA PHE C 151 -9.74 19.49 23.96
C PHE C 151 -9.85 20.55 22.87
N LEU C 152 -9.48 21.80 23.19
CA LEU C 152 -9.56 22.86 22.18
C LEU C 152 -8.66 22.55 21.00
N SER C 153 -7.44 22.09 21.27
CA SER C 153 -6.54 21.73 20.17
C SER C 153 -7.04 20.53 19.41
N ALA C 154 -7.59 19.54 20.13
CA ALA C 154 -7.96 18.28 19.49
C ALA C 154 -9.23 18.41 18.64
N HIS C 155 -10.25 19.09 19.14
CA HIS C 155 -11.55 19.09 18.49
C HIS C 155 -12.05 20.46 18.08
N ALA C 156 -11.72 21.52 18.81
CA ALA C 156 -12.13 22.85 18.36
C ALA C 156 -11.36 23.30 17.13
N ALA C 157 -10.11 22.86 16.99
CA ALA C 157 -9.33 23.21 15.79
C ALA C 157 -9.91 22.61 14.52
N PRO C 158 -10.27 21.33 14.44
CA PRO C 158 -10.91 20.83 13.21
C PRO C 158 -12.21 21.54 12.87
N LEU C 159 -12.99 21.93 13.87
CA LEU C 159 -14.20 22.69 13.60
C LEU C 159 -13.88 24.04 12.97
N LEU C 160 -12.86 24.72 13.47
CA LEU C 160 -12.45 26.00 12.89
C LEU C 160 -11.93 25.82 11.47
N ALA C 161 -11.16 24.77 11.23
CA ALA C 161 -10.62 24.53 9.89
C ALA C 161 -11.75 24.27 8.90
N LEU C 162 -12.81 23.59 9.34
CA LEU C 162 -13.92 23.29 8.45
C LEU C 162 -14.61 24.56 7.97
N SER C 163 -14.75 25.55 8.85
CA SER C 163 -15.47 26.77 8.48
C SER C 163 -14.64 27.62 7.53
N LEU C 164 -13.34 27.74 7.78
CA LEU C 164 -12.52 28.70 7.06
C LEU C 164 -11.66 28.09 5.96
N TYR C 165 -11.36 26.82 6.03
CA TYR C 165 -10.42 26.26 5.07
C TYR C 165 -11.03 25.18 4.19
N VAL C 166 -11.76 24.23 4.76
CA VAL C 166 -12.32 23.14 3.97
C VAL C 166 -13.40 23.67 3.03
N SER C 167 -14.25 24.57 3.53
CA SER C 167 -15.31 25.14 2.71
C SER C 167 -14.71 26.05 1.66
N SER C 168 -14.84 25.66 0.39
CA SER C 168 -14.24 26.45 -0.69
C SER C 168 -14.90 27.82 -0.85
N ALA C 169 -16.16 27.96 -0.45
CA ALA C 169 -16.81 29.26 -0.54
C ALA C 169 -16.15 30.28 0.38
N ASN C 170 -15.82 29.87 1.60
CA ASN C 170 -15.20 30.79 2.54
C ASN C 170 -13.73 31.02 2.22
N TYR C 171 -13.05 29.99 1.70
CA TYR C 171 -11.65 30.15 1.35
C TYR C 171 -11.46 31.20 0.26
N GLY C 172 -12.19 31.05 -0.85
CA GLY C 172 -11.94 31.89 -1.99
C GLY C 172 -12.39 33.33 -1.83
N ALA C 173 -13.15 33.62 -0.78
CA ALA C 173 -13.72 34.95 -0.61
C ALA C 173 -13.36 35.63 0.71
N ALA C 174 -12.91 34.88 1.72
CA ALA C 174 -12.72 35.50 3.02
C ALA C 174 -11.32 35.32 3.59
N THR C 175 -10.74 34.13 3.45
CA THR C 175 -9.49 33.86 4.14
C THR C 175 -8.29 33.88 3.21
N ARG C 176 -8.42 33.33 2.00
CA ARG C 176 -7.31 33.43 1.05
C ARG C 176 -6.91 34.86 0.75
N PRO C 177 -7.83 35.81 0.53
CA PRO C 177 -7.40 37.21 0.47
C PRO C 177 -6.70 37.67 1.74
N ALA C 178 -7.15 37.20 2.91
CA ALA C 178 -6.51 37.57 4.16
C ALA C 178 -5.08 37.03 4.25
N TYR C 179 -4.87 35.79 3.81
CA TYR C 179 -3.52 35.23 3.83
C TYR C 179 -2.59 35.97 2.88
N SER C 180 -3.08 36.28 1.67
CA SER C 180 -2.24 36.96 0.70
C SER C 180 -1.92 38.38 1.13
N ALA C 181 -2.79 39.01 1.91
CA ALA C 181 -2.57 40.39 2.31
C ALA C 181 -1.46 40.53 3.34
N VAL C 182 -0.97 39.43 3.91
CA VAL C 182 0.04 39.46 4.96
C VAL C 182 1.30 38.73 4.55
N LEU C 183 1.55 38.55 3.26
CA LEU C 183 2.74 37.87 2.80
C LEU C 183 3.40 38.67 1.66
N PRO C 184 4.71 38.57 1.50
CA PRO C 184 5.37 39.20 0.35
C PRO C 184 4.98 38.51 -0.94
N LEU C 185 5.18 39.24 -2.04
CA LEU C 185 4.47 38.98 -3.30
C LEU C 185 4.55 37.54 -3.79
N PRO C 186 5.71 36.89 -3.88
CA PRO C 186 5.74 35.55 -4.48
C PRO C 186 5.22 34.44 -3.58
N LEU C 187 5.02 34.71 -2.29
CA LEU C 187 4.67 33.66 -1.33
C LEU C 187 3.20 33.20 -1.35
N PRO C 188 2.21 34.07 -1.53
CA PRO C 188 0.81 33.60 -1.46
C PRO C 188 0.49 32.45 -2.40
N TRP C 189 1.37 32.10 -3.33
CA TRP C 189 1.18 30.93 -4.17
C TRP C 189 1.83 29.68 -3.60
N THR C 190 2.50 29.78 -2.47
CA THR C 190 3.15 28.61 -1.87
C THR C 190 2.69 28.32 -0.44
N GLU C 191 2.55 29.35 0.39
CA GLU C 191 2.23 29.14 1.80
C GLU C 191 0.74 28.88 2.03
N PRO C 192 -0.17 29.74 1.58
CA PRO C 192 -1.59 29.50 1.86
C PRO C 192 -2.08 28.16 1.32
N PRO C 193 -1.63 27.71 0.14
CA PRO C 193 -1.99 26.33 -0.26
C PRO C 193 -1.48 25.28 0.70
N ALA C 194 -0.31 25.49 1.30
CA ALA C 194 0.21 24.53 2.26
C ALA C 194 -0.59 24.56 3.55
N VAL C 195 -1.07 25.75 3.95
CA VAL C 195 -1.86 25.86 5.16
C VAL C 195 -3.18 25.12 5.01
N ARG C 196 -3.83 25.25 3.85
CA ARG C 196 -5.11 24.59 3.64
C ARG C 196 -4.97 23.08 3.72
N ALA C 197 -3.88 22.54 3.16
CA ALA C 197 -3.68 21.10 3.21
C ALA C 197 -3.56 20.60 4.64
N ALA C 198 -2.88 21.35 5.50
CA ALA C 198 -2.80 20.99 6.91
C ALA C 198 -4.17 21.05 7.57
N MET C 199 -4.92 22.12 7.32
CA MET C 199 -6.23 22.25 7.95
C MET C 199 -7.22 21.24 7.41
N ALA C 200 -7.14 20.93 6.11
CA ALA C 200 -7.99 19.88 5.55
C ALA C 200 -7.68 18.53 6.19
N ARG C 201 -6.41 18.22 6.41
CA ARG C 201 -6.05 17.01 7.15
C ARG C 201 -6.50 17.11 8.60
N ARG C 202 -6.43 18.32 9.18
CA ARG C 202 -6.84 18.51 10.56
C ARG C 202 -8.32 18.19 10.75
N ALA C 203 -9.15 18.65 9.81
CA ALA C 203 -10.59 18.42 9.89
C ALA C 203 -11.02 17.16 9.17
N ALA C 204 -10.08 16.35 8.68
CA ALA C 204 -10.44 15.16 7.92
C ALA C 204 -11.18 14.14 8.77
N HIS C 205 -10.89 14.08 10.07
CA HIS C 205 -11.52 13.08 10.93
C HIS C 205 -12.99 13.37 11.18
N LEU C 206 -13.47 14.58 10.86
CA LEU C 206 -14.90 14.86 10.97
C LEU C 206 -15.70 14.11 9.92
N GLY C 207 -15.10 13.78 8.78
CA GLY C 207 -15.79 13.08 7.73
C GLY C 207 -16.53 13.96 6.74
N LEU C 208 -16.56 15.26 6.95
CA LEU C 208 -17.27 16.16 6.06
C LEU C 208 -16.29 16.83 5.10
N SER C 209 -16.83 17.33 3.98
CA SER C 209 -16.02 17.95 2.94
C SER C 209 -16.71 19.22 2.45
N SER C 210 -16.21 19.74 1.32
CA SER C 210 -16.56 21.09 0.89
C SER C 210 -18.03 21.26 0.55
N LEU C 211 -18.67 20.27 -0.07
CA LEU C 211 -20.05 20.45 -0.51
C LEU C 211 -21.02 20.58 0.66
N ASP C 212 -20.61 20.14 1.86
CA ASP C 212 -21.46 20.26 3.03
C ASP C 212 -21.60 21.68 3.53
N ALA C 213 -20.81 22.62 2.99
CA ALA C 213 -20.90 24.02 3.39
C ALA C 213 -22.20 24.67 2.95
N ASP C 214 -22.97 24.03 2.07
CA ASP C 214 -24.22 24.58 1.56
C ASP C 214 -25.20 24.88 2.69
N THR C 266 -33.50 15.66 1.34
CA THR C 266 -32.75 16.65 0.60
C THR C 266 -31.27 16.59 0.97
N PRO C 267 -30.41 16.43 -0.04
CA PRO C 267 -28.96 16.37 0.23
C PRO C 267 -28.43 17.61 0.93
N GLU C 268 -28.99 18.79 0.63
CA GLU C 268 -28.58 20.00 1.33
C GLU C 268 -28.94 19.93 2.81
N GLN C 269 -30.12 19.42 3.14
CA GLN C 269 -30.58 19.39 4.52
C GLN C 269 -29.70 18.50 5.38
N LYS C 270 -29.35 17.31 4.88
CA LYS C 270 -28.50 16.42 5.66
C LYS C 270 -27.09 16.99 5.82
N SER C 271 -26.60 17.68 4.80
CA SER C 271 -25.32 18.37 4.94
C SER C 271 -25.42 19.47 6.00
N ARG C 272 -26.53 20.22 5.99
CA ARG C 272 -26.69 21.30 6.96
C ARG C 272 -26.79 20.77 8.38
N ILE C 273 -27.53 19.67 8.58
CA ILE C 273 -27.71 19.16 9.94
C ILE C 273 -26.42 18.56 10.47
N ARG C 274 -25.59 18.01 9.58
CA ARG C 274 -24.28 17.54 10.02
C ARG C 274 -23.37 18.69 10.41
N LEU C 275 -23.52 19.84 9.74
CA LEU C 275 -22.79 21.04 10.14
C LEU C 275 -23.18 21.45 11.55
N GLU C 276 -24.49 21.46 11.85
CA GLU C 276 -24.94 21.86 13.17
C GLU C 276 -24.62 20.79 14.20
N GLU C 277 -24.63 19.52 13.80
CA GLU C 277 -24.32 18.45 14.75
C GLU C 277 -22.86 18.49 15.17
N ALA C 278 -21.95 18.63 14.20
CA ALA C 278 -20.53 18.65 14.53
C ALA C 278 -20.16 19.85 15.39
N ALA C 279 -20.72 21.02 15.09
CA ALA C 279 -20.45 22.20 15.90
C ALA C 279 -21.01 22.06 17.30
N ARG C 280 -22.19 21.44 17.44
CA ARG C 280 -22.79 21.29 18.75
C ARG C 280 -22.02 20.29 19.60
N GLU C 281 -21.41 19.29 18.97
CA GLU C 281 -20.62 18.31 19.71
C GLU C 281 -19.44 18.96 20.41
N VAL C 282 -18.94 20.07 19.88
CA VAL C 282 -17.80 20.77 20.47
C VAL C 282 -18.25 21.91 21.36
N LEU C 283 -19.19 22.73 20.90
CA LEU C 283 -19.59 23.91 21.65
C LEU C 283 -20.33 23.53 22.93
N ASP C 284 -20.92 22.35 22.99
CA ASP C 284 -21.54 21.91 24.24
C ASP C 284 -20.51 21.76 25.34
N VAL C 285 -19.34 21.21 25.03
CA VAL C 285 -18.29 21.05 26.02
C VAL C 285 -17.76 22.40 26.47
N LEU C 286 -17.56 23.33 25.53
CA LEU C 286 -16.97 24.62 25.88
C LEU C 286 -17.91 25.46 26.71
N ALA C 287 -19.23 25.31 26.53
CA ALA C 287 -20.19 26.07 27.30
C ALA C 287 -20.20 25.70 28.77
N GLU C 288 -19.57 24.58 29.13
CA GLU C 288 -19.51 24.17 30.53
C GLU C 288 -18.67 25.14 31.37
N VAL C 289 -17.66 25.76 30.76
CA VAL C 289 -16.70 26.58 31.47
C VAL C 289 -17.17 28.02 31.53
N ASP C 290 -16.90 28.69 32.64
CA ASP C 290 -17.16 30.12 32.78
C ASP C 290 -15.95 30.87 32.23
N TRP C 291 -15.96 31.07 30.92
CA TRP C 291 -14.84 31.74 30.27
C TRP C 291 -14.69 33.18 30.73
N ALA C 292 -15.80 33.87 30.98
CA ALA C 292 -15.74 35.26 31.42
C ALA C 292 -15.14 35.41 32.80
N ALA C 293 -14.99 34.32 33.56
CA ALA C 293 -14.42 34.34 34.90
C ALA C 293 -15.19 35.28 35.82
N GLY C 294 -16.49 35.43 35.57
CA GLY C 294 -17.31 36.27 36.43
C GLY C 294 -17.83 35.59 37.67
N GLY C 295 -17.60 34.28 37.79
CA GLY C 295 -18.08 33.53 38.94
C GLY C 295 -18.98 32.37 38.53
N GLY C 296 -18.95 31.30 39.32
CA GLY C 296 -19.75 30.13 39.00
C GLY C 296 -19.15 29.33 37.85
N GLY C 297 -19.93 28.37 37.37
CA GLY C 297 -19.47 27.51 36.30
C GLY C 297 -18.21 26.75 36.71
N ARG C 298 -17.22 26.75 35.82
CA ARG C 298 -15.93 26.14 36.11
C ARG C 298 -14.84 27.18 35.90
N GLN C 299 -13.96 27.32 36.89
CA GLN C 299 -12.88 28.27 36.84
C GLN C 299 -11.62 27.61 36.32
N VAL C 300 -10.96 28.28 35.37
CA VAL C 300 -9.74 27.76 34.74
C VAL C 300 -8.69 28.87 34.72
N ALA C 301 -7.45 28.45 34.54
CA ALA C 301 -6.34 29.40 34.52
C ALA C 301 -6.45 30.34 33.32
N ALA C 302 -5.87 31.52 33.47
CA ALA C 302 -5.94 32.51 32.40
C ALA C 302 -5.20 32.06 31.15
N GLU C 303 -4.31 31.08 31.28
CA GLU C 303 -3.58 30.57 30.13
C GLU C 303 -4.51 29.94 29.11
N VAL C 304 -5.50 29.19 29.58
CA VAL C 304 -6.42 28.53 28.66
C VAL C 304 -7.59 29.42 28.26
N ARG C 305 -7.93 30.42 29.07
CA ARG C 305 -8.95 31.38 28.65
C ARG C 305 -8.47 32.17 27.44
N CYS C 306 -7.18 32.52 27.39
CA CYS C 306 -6.62 33.14 26.21
C CYS C 306 -6.67 32.19 25.01
N LEU C 307 -6.41 30.91 25.24
CA LEU C 307 -6.51 29.94 24.15
C LEU C 307 -7.95 29.77 23.69
N ALA C 308 -8.90 29.81 24.62
CA ALA C 308 -10.31 29.69 24.25
C ALA C 308 -10.73 30.82 23.33
N PHE C 309 -10.28 32.03 23.63
CA PHE C 309 -10.60 33.19 22.78
C PHE C 309 -10.04 33.00 21.38
N GLY C 310 -8.81 32.47 21.28
CA GLY C 310 -8.19 32.32 19.98
C GLY C 310 -9.01 31.48 19.03
N TYR C 311 -9.55 30.36 19.51
CA TYR C 311 -10.35 29.50 18.66
C TYR C 311 -11.76 30.06 18.46
N LEU C 312 -12.34 30.64 19.52
CA LEU C 312 -13.70 31.15 19.40
C LEU C 312 -13.76 32.43 18.58
N ALA C 313 -12.76 33.30 18.68
CA ALA C 313 -12.78 34.55 17.93
C ALA C 313 -12.72 34.28 16.43
N LEU C 314 -11.89 33.34 16.01
CA LEU C 314 -11.82 33.00 14.59
C LEU C 314 -13.06 32.29 14.11
N MET C 315 -13.94 31.88 15.02
CA MET C 315 -15.17 31.22 14.60
C MET C 315 -16.34 32.19 14.52
N LEU C 316 -16.31 33.25 15.32
CA LEU C 316 -17.43 34.19 15.38
C LEU C 316 -17.22 35.40 14.48
N LEU C 317 -16.18 36.18 14.72
CA LEU C 317 -15.97 37.45 14.03
C LEU C 317 -15.83 37.34 12.51
N PRO C 318 -15.01 36.41 11.96
CA PRO C 318 -14.77 36.40 10.51
C PRO C 318 -16.04 36.37 9.68
N ASP C 319 -16.27 37.44 8.91
CA ASP C 319 -17.43 37.53 8.03
C ASP C 319 -17.14 36.73 6.77
N VAL C 320 -17.85 35.64 6.59
CA VAL C 320 -17.62 34.73 5.47
C VAL C 320 -18.93 34.54 4.71
N PRO C 321 -18.90 34.13 3.44
CA PRO C 321 -20.16 33.91 2.72
C PRO C 321 -21.02 32.82 3.31
N ARG C 322 -20.46 31.92 4.12
CA ARG C 322 -21.25 30.87 4.76
C ARG C 322 -21.16 31.04 6.27
N PRO C 323 -22.00 31.90 6.85
CA PRO C 323 -21.87 32.21 8.27
C PRO C 323 -22.50 31.19 9.20
N TRP C 324 -22.71 29.98 8.69
CA TRP C 324 -23.43 28.95 9.46
C TRP C 324 -22.83 28.77 10.84
N LEU C 325 -21.51 28.73 10.95
CA LEU C 325 -20.88 28.55 12.26
C LEU C 325 -21.05 29.79 13.13
N ARG C 326 -21.02 30.99 12.53
CA ARG C 326 -21.34 32.19 13.28
C ARG C 326 -22.80 32.18 13.71
N GLU C 327 -23.69 31.70 12.85
CA GLU C 327 -25.11 31.67 13.17
C GLU C 327 -25.39 30.76 14.36
N ILE C 328 -24.74 29.61 14.40
CA ILE C 328 -24.95 28.66 15.50
C ILE C 328 -24.52 29.27 16.82
N MET C 329 -23.34 29.88 16.85
CA MET C 329 -22.82 30.43 18.10
C MET C 329 -23.66 31.60 18.59
N GLU C 330 -24.08 32.47 17.69
CA GLU C 330 -24.86 33.64 18.09
C GLU C 330 -26.21 33.25 18.67
N GLY C 331 -26.87 32.26 18.08
CA GLY C 331 -28.19 31.87 18.53
C GLY C 331 -28.20 30.88 19.68
N ARG C 332 -27.53 29.74 19.49
CA ARG C 332 -27.61 28.66 20.48
C ARG C 332 -26.77 28.93 21.71
N TYR C 333 -25.65 29.65 21.58
CA TYR C 333 -24.70 29.84 22.68
C TYR C 333 -24.41 31.32 22.90
N PRO C 334 -25.36 32.05 23.48
CA PRO C 334 -25.12 33.48 23.75
C PRO C 334 -23.98 33.74 24.71
N ALA C 335 -23.70 32.81 25.63
CA ALA C 335 -22.62 33.02 26.58
C ALA C 335 -21.27 33.09 25.88
N LEU C 336 -21.04 32.22 24.91
CA LEU C 336 -19.78 32.25 24.16
C LEU C 336 -19.67 33.54 23.34
N CYS C 337 -20.77 33.98 22.74
CA CYS C 337 -20.75 35.22 21.98
C CYS C 337 -20.40 36.40 22.88
N THR C 338 -20.99 36.45 24.07
CA THR C 338 -20.70 37.55 24.99
C THR C 338 -19.25 37.52 25.44
N PHE C 339 -18.71 36.33 25.70
CA PHE C 339 -17.33 36.22 26.14
C PHE C 339 -16.36 36.75 25.10
N VAL C 340 -16.59 36.41 23.83
CA VAL C 340 -15.70 36.84 22.77
C VAL C 340 -15.75 38.36 22.59
N ARG C 341 -16.96 38.92 22.58
CA ARG C 341 -17.10 40.35 22.36
C ARG C 341 -16.46 41.15 23.50
N ASP C 342 -16.69 40.72 24.74
CA ASP C 342 -16.09 41.41 25.87
C ASP C 342 -14.57 41.26 25.89
N PHE C 343 -14.08 40.05 25.58
CA PHE C 343 -12.65 39.83 25.58
C PHE C 343 -11.96 40.67 24.50
N ARG C 344 -12.55 40.72 23.30
CA ARG C 344 -11.96 41.50 22.23
C ARG C 344 -11.96 42.98 22.56
N ALA C 345 -13.06 43.49 23.13
CA ALA C 345 -13.14 44.90 23.46
C ALA C 345 -12.20 45.27 24.60
N ARG C 346 -11.83 44.30 25.43
CA ARG C 346 -10.96 44.58 26.57
C ARG C 346 -9.50 44.38 26.23
N VAL C 347 -9.18 43.29 25.53
CA VAL C 347 -7.78 42.97 25.26
C VAL C 347 -7.29 43.59 23.95
N PHE C 348 -8.16 43.72 22.95
CA PHE C 348 -7.79 44.28 21.66
C PHE C 348 -8.71 45.44 21.30
N PRO C 349 -8.63 46.56 22.02
CA PRO C 349 -9.44 47.72 21.65
C PRO C 349 -8.88 48.38 20.40
N GLN C 350 -9.78 48.87 19.56
CA GLN C 350 -9.36 49.59 18.32
C GLN C 350 -8.56 48.63 17.41
N GLY C 351 -9.20 47.57 16.92
CA GLY C 351 -8.56 46.69 15.96
C GLY C 351 -7.29 45.98 16.43
N GLY C 352 -6.86 46.22 17.65
CA GLY C 352 -5.62 45.64 18.13
C GLY C 352 -4.36 46.27 17.58
N LYS C 353 -4.46 47.46 16.98
CA LYS C 353 -3.29 48.12 16.43
C LYS C 353 -2.37 48.69 17.50
N LEU C 354 -2.82 48.73 18.76
CA LEU C 354 -2.01 49.27 19.84
C LEU C 354 -0.93 48.31 20.31
N LEU C 355 -0.91 47.09 19.80
CA LEU C 355 0.10 46.13 20.20
C LEU C 355 1.48 46.57 19.71
N PRO C 356 2.53 46.23 20.45
CA PRO C 356 3.89 46.67 20.05
C PRO C 356 4.44 45.86 18.88
N TRP C 357 3.89 46.10 17.70
CA TRP C 357 4.43 45.49 16.49
C TRP C 357 5.83 46.04 16.23
N ALA C 358 6.70 45.18 15.70
CA ALA C 358 8.06 45.61 15.40
C ALA C 358 8.06 46.67 14.31
N ASP C 359 8.96 47.65 14.46
CA ASP C 359 9.12 48.76 13.52
C ASP C 359 7.86 49.60 13.40
N GLY C 360 7.01 49.61 14.42
CA GLY C 360 5.88 50.51 14.48
C GLY C 360 4.68 50.14 13.65
N GLY C 361 4.62 48.92 13.12
CA GLY C 361 3.48 48.52 12.34
C GLY C 361 3.52 47.04 12.05
N ALA C 362 2.35 46.51 11.67
CA ALA C 362 2.24 45.09 11.35
C ALA C 362 3.03 44.76 10.09
N GLN C 363 2.91 45.59 9.06
CA GLN C 363 3.63 45.34 7.82
C GLN C 363 5.09 45.71 7.94
N ALA C 364 5.41 46.75 8.71
CA ALA C 364 6.80 47.16 8.86
C ALA C 364 7.62 46.11 9.60
N SER C 365 6.95 45.31 10.43
CA SER C 365 7.66 44.26 11.17
C SER C 365 8.26 43.21 10.23
N ALA C 366 7.52 42.83 9.19
CA ALA C 366 8.00 41.81 8.27
C ALA C 366 9.15 42.30 7.41
N SER C 367 9.42 43.62 7.39
CA SER C 367 10.46 44.16 6.53
C SER C 367 11.83 43.62 6.90
N ALA C 368 12.04 43.25 8.16
CA ALA C 368 13.32 42.68 8.57
C ALA C 368 13.63 41.38 7.85
N SER C 369 12.61 40.64 7.43
CA SER C 369 12.82 39.42 6.68
C SER C 369 12.12 39.43 5.34
N ALA C 370 11.70 40.60 4.84
CA ALA C 370 11.08 40.74 3.54
C ALA C 370 12.07 41.18 2.47
N SER C 371 13.37 41.09 2.76
CA SER C 371 14.37 41.47 1.78
C SER C 371 14.31 40.53 0.57
N ALA C 372 14.76 41.05 -0.57
CA ALA C 372 14.63 40.31 -1.82
C ALA C 372 15.35 38.97 -1.76
N SER C 373 16.56 38.96 -1.19
CA SER C 373 17.31 37.71 -1.09
C SER C 373 16.60 36.71 -0.17
N ALA C 374 16.09 37.18 0.97
CA ALA C 374 15.45 36.29 1.93
C ALA C 374 14.16 35.71 1.36
N VAL C 375 13.34 36.54 0.74
CA VAL C 375 12.07 36.07 0.19
C VAL C 375 12.30 35.10 -0.96
N ALA C 376 13.33 35.37 -1.76
CA ALA C 376 13.64 34.48 -2.88
C ALA C 376 14.01 33.10 -2.39
N LEU C 377 14.83 33.03 -1.33
CA LEU C 377 15.21 31.72 -0.79
C LEU C 377 14.01 30.99 -0.22
N ARG C 378 13.12 31.70 0.46
CA ARG C 378 11.93 31.07 1.02
C ARG C 378 11.05 30.52 -0.08
N PHE C 379 10.88 31.28 -1.17
CA PHE C 379 10.07 30.80 -2.29
C PHE C 379 10.73 29.62 -2.98
N VAL C 380 12.05 29.69 -3.20
CA VAL C 380 12.75 28.62 -3.90
C VAL C 380 12.68 27.33 -3.10
N ARG C 381 12.93 27.40 -1.79
CA ARG C 381 12.85 26.21 -0.96
C ARG C 381 11.44 25.65 -0.95
N ALA C 382 10.44 26.52 -0.99
CA ALA C 382 9.06 26.05 -1.05
C ALA C 382 8.77 25.34 -2.36
N VAL C 383 9.38 25.80 -3.46
CA VAL C 383 9.13 25.17 -4.77
C VAL C 383 9.75 23.77 -4.83
N MET C 384 10.96 23.63 -4.27
CA MET C 384 11.70 22.38 -4.41
C MET C 384 10.95 21.20 -3.82
N ALA C 385 10.09 21.45 -2.83
CA ALA C 385 9.43 20.36 -2.13
C ALA C 385 8.41 19.63 -2.99
N GLU C 386 7.97 20.22 -4.10
CA GLU C 386 6.93 19.64 -4.94
C GLU C 386 7.47 18.76 -6.05
N VAL C 387 8.79 18.58 -6.16
CA VAL C 387 9.32 17.63 -7.13
C VAL C 387 8.83 16.23 -6.76
N PRO C 388 8.30 15.45 -7.71
CA PRO C 388 7.65 14.18 -7.34
C PRO C 388 8.53 13.21 -6.57
N LEU C 389 9.82 13.13 -6.90
CA LEU C 389 10.71 12.19 -6.23
C LEU C 389 11.78 12.89 -5.39
N VAL C 390 12.47 13.88 -5.96
CA VAL C 390 13.51 14.57 -5.22
C VAL C 390 12.91 15.43 -4.10
N GLY C 391 11.77 16.08 -4.37
CA GLY C 391 11.22 17.02 -3.42
C GLY C 391 10.90 16.43 -2.06
N GLU C 392 10.39 15.19 -2.04
CA GLU C 392 10.05 14.56 -0.78
C GLU C 392 11.28 14.41 0.11
N TRP C 393 12.41 14.01 -0.49
CA TRP C 393 13.63 13.84 0.30
C TRP C 393 14.28 15.20 0.60
N TRP C 394 13.97 16.23 -0.17
CA TRP C 394 14.50 17.55 0.14
C TRP C 394 13.91 18.09 1.44
N SER C 395 12.59 18.01 1.58
CA SER C 395 11.94 18.51 2.79
C SER C 395 12.38 17.74 4.02
N ARG C 396 12.53 16.41 3.90
CA ARG C 396 12.99 15.62 5.03
C ARG C 396 14.39 16.01 5.46
N TRP C 397 15.27 16.27 4.49
CA TRP C 397 16.61 16.73 4.84
C TRP C 397 16.58 18.15 5.38
N TRP C 398 15.78 19.03 4.77
CA TRP C 398 15.71 20.41 5.22
C TRP C 398 15.14 20.51 6.63
N THR C 399 14.08 19.74 6.91
CA THR C 399 13.48 19.78 8.24
C THR C 399 14.46 19.33 9.30
N ALA C 400 15.23 18.28 9.02
CA ALA C 400 16.23 17.81 9.97
C ALA C 400 17.27 18.89 10.25
N ARG C 401 17.68 19.61 9.21
CA ARG C 401 18.63 20.69 9.40
C ARG C 401 18.06 21.78 10.29
N LYS C 402 16.79 22.14 10.09
CA LYS C 402 16.17 23.15 10.94
C LYS C 402 15.96 22.62 12.36
N LYS C 403 15.67 21.33 12.48
CA LYS C 403 15.49 20.74 13.81
C LYS C 403 16.77 20.86 14.64
N ARG C 404 17.92 20.61 14.02
CA ARG C 404 19.19 20.76 14.73
C ARG C 404 19.41 22.19 15.16
N GLU C 405 19.07 23.16 14.31
CA GLU C 405 19.30 24.56 14.64
C GLU C 405 18.50 24.99 15.86
N VAL C 406 17.24 24.56 15.96
CA VAL C 406 16.43 24.90 17.11
C VAL C 406 17.00 24.26 18.37
N LEU C 407 17.36 22.97 18.27
CA LEU C 407 17.90 22.26 19.43
C LEU C 407 19.22 22.87 19.89
N ALA C 408 20.07 23.26 18.94
CA ALA C 408 21.34 23.88 19.31
C ALA C 408 21.14 25.19 20.06
N SER C 409 20.12 25.97 19.67
CA SER C 409 19.83 27.20 20.39
C SER C 409 19.33 26.92 21.80
N LYS C 410 18.62 25.82 21.99
CA LYS C 410 18.05 25.45 23.28
C LYS C 410 19.09 24.97 24.28
N GLY C 411 20.38 25.10 23.99
CA GLY C 411 21.41 24.66 24.89
C GLY C 411 21.85 23.22 24.72
N ALA C 412 21.18 22.46 23.87
CA ALA C 412 21.56 21.08 23.64
C ALA C 412 22.78 21.02 22.72
N LYS C 413 23.31 19.81 22.56
CA LYS C 413 24.44 19.58 21.69
C LYS C 413 24.10 18.48 20.70
N PRO C 414 23.35 18.79 19.65
CA PRO C 414 22.93 17.75 18.71
C PRO C 414 24.11 17.12 18.00
N ALA C 415 24.02 15.82 17.77
CA ALA C 415 25.07 15.12 17.05
C ALA C 415 25.09 15.54 15.59
N PRO C 416 26.27 15.54 14.96
CA PRO C 416 26.34 15.86 13.54
C PRO C 416 25.63 14.81 12.71
N SER C 417 25.12 15.24 11.55
CA SER C 417 24.36 14.37 10.68
C SER C 417 25.04 14.29 9.33
N ASN C 418 24.92 13.13 8.69
CA ASN C 418 25.53 12.89 7.40
C ASN C 418 24.83 13.72 6.32
N ASP C 419 25.58 14.02 5.26
CA ASP C 419 25.06 14.80 4.15
C ASP C 419 24.04 14.00 3.34
N GLY C 434 32.22 12.36 -19.21
CA GLY C 434 31.98 11.30 -18.24
C GLY C 434 31.37 10.06 -18.85
N ALA C 435 30.98 9.11 -17.99
CA ALA C 435 30.37 7.88 -18.46
C ALA C 435 29.01 8.11 -19.10
N GLY C 436 28.34 9.21 -18.77
CA GLY C 436 27.03 9.49 -19.34
C GLY C 436 27.04 10.05 -20.73
N VAL C 437 28.24 10.35 -21.26
CA VAL C 437 28.37 10.89 -22.62
C VAL C 437 29.11 9.92 -23.51
N PHE C 438 29.78 8.93 -22.90
CA PHE C 438 30.52 7.93 -23.66
C PHE C 438 29.60 6.93 -24.37
N PHE C 439 28.35 6.79 -23.93
CA PHE C 439 27.40 5.87 -24.54
C PHE C 439 26.34 6.68 -25.26
N TYR C 440 25.92 6.19 -26.42
CA TYR C 440 25.03 6.87 -27.35
C TYR C 440 25.64 8.16 -27.89
N ARG C 441 26.90 8.42 -27.58
CA ARG C 441 27.60 9.60 -28.06
C ARG C 441 29.09 9.39 -27.90
N GLY C 442 29.88 10.14 -28.66
CA GLY C 442 31.32 10.07 -28.56
C GLY C 442 31.92 8.84 -29.20
N LEU C 443 31.64 7.67 -28.65
CA LEU C 443 32.18 6.44 -29.20
C LEU C 443 31.59 6.14 -30.57
N PRO C 444 32.39 5.61 -31.49
CA PRO C 444 31.90 5.32 -32.84
C PRO C 444 30.93 4.15 -32.81
N PRO C 445 30.12 3.98 -33.85
CA PRO C 445 29.29 2.78 -33.94
C PRO C 445 30.15 1.53 -33.99
N PHE C 446 29.64 0.47 -33.37
CA PHE C 446 30.43 -0.74 -33.14
C PHE C 446 30.79 -1.47 -34.43
N GLY C 447 30.19 -1.12 -35.55
CA GLY C 447 30.51 -1.78 -36.81
C GLY C 447 30.30 -0.85 -37.98
N GLU C 448 30.81 -1.28 -39.13
CA GLU C 448 30.58 -0.55 -40.36
C GLU C 448 29.26 -0.99 -40.99
N ALA C 449 28.76 -0.17 -41.91
CA ALA C 449 27.54 -0.51 -42.63
C ALA C 449 27.75 -1.70 -43.56
N VAL C 450 28.99 -2.05 -43.88
CA VAL C 450 29.31 -3.14 -44.79
C VAL C 450 30.19 -4.14 -44.06
N GLN C 451 29.72 -5.39 -43.97
CA GLN C 451 30.53 -6.50 -43.49
C GLN C 451 30.43 -7.63 -44.49
N VAL C 452 31.56 -8.27 -44.79
CA VAL C 452 31.64 -9.25 -45.84
C VAL C 452 32.59 -10.38 -45.42
N TRP C 453 32.24 -11.60 -45.79
CA TRP C 453 33.09 -12.76 -45.58
C TRP C 453 33.17 -13.58 -46.87
N ARG C 454 34.29 -14.28 -47.02
CA ARG C 454 34.54 -15.09 -48.21
C ARG C 454 35.11 -16.43 -47.78
N LYS C 455 35.07 -17.39 -48.71
CA LYS C 455 35.56 -18.74 -48.43
C LYS C 455 37.06 -18.72 -48.20
N PRO C 456 37.55 -19.30 -47.11
CA PRO C 456 38.98 -19.30 -46.83
C PRO C 456 39.76 -20.15 -47.82
N VAL C 457 41.02 -19.77 -48.00
CA VAL C 457 41.91 -20.48 -48.90
C VAL C 457 42.25 -21.85 -48.34
N TRP D 1 -4.23 11.87 -24.67
CA TRP D 1 -3.71 11.41 -25.96
C TRP D 1 -2.54 10.47 -25.73
N ASN D 2 -2.08 9.81 -26.79
CA ASN D 2 -0.95 8.91 -26.67
C ASN D 2 0.22 9.35 -27.56
C UX8 D 3 3.31 9.38 -28.02
CA UX8 D 3 2.33 10.51 -27.73
CG UX8 D 3 4.08 12.24 -27.88
CE2 UX8 D 3 6.03 12.82 -28.92
CB UX8 D 3 3.06 11.63 -26.98
CD1 UX8 D 3 3.82 13.07 -28.94
CD2 UX8 D 3 5.49 12.05 -27.86
CE3 UX8 D 3 6.36 11.33 -27.05
CZ3 UX8 D 3 7.72 11.38 -27.30
CH2 UX8 D 3 8.24 12.13 -28.36
CZ2 UX8 D 3 7.40 12.87 -29.17
N UX8 D 3 1.17 10.04 -26.98
NE1 UX8 D 3 4.99 13.43 -29.55
O UX8 D 3 3.39 8.40 -27.29
O9 UX8 D 3 2.13 12.60 -26.56
N SER D 4 4.04 9.52 -29.13
CA SER D 4 5.09 8.58 -29.47
C SER D 4 6.23 9.31 -30.18
N LYS D 5 7.38 9.39 -29.52
CA LYS D 5 8.57 10.07 -30.04
C LYS D 5 9.65 9.01 -30.19
N SER D 6 9.66 8.34 -31.34
CA SER D 6 10.59 7.26 -31.60
C SER D 6 11.75 7.77 -32.44
N PHE D 7 12.97 7.48 -32.00
CA PHE D 7 14.16 7.89 -32.73
C PHE D 7 15.33 6.96 -32.44
C1 ERG E . 5.96 -35.61 -4.19
C2 ERG E . 5.77 -35.07 -5.60
C3 ERG E . 6.30 -33.66 -5.70
C4 ERG E . 7.79 -33.67 -5.38
C5 ERG E . 8.09 -34.28 -4.04
C6 ERG E . 9.03 -33.77 -3.24
C7 ERG E . 9.41 -34.40 -1.99
C8 ERG E . 8.66 -35.36 -1.44
C9 ERG E . 7.40 -35.80 -2.14
C10 ERG E . 7.43 -35.60 -3.68
C11 ERG E . 7.00 -37.24 -1.74
C12 ERG E . 7.16 -37.56 -0.25
C13 ERG E . 8.56 -37.25 0.28
C14 ERG E . 8.77 -35.75 -0.02
C15 ERG E . 10.03 -35.38 0.75
C16 ERG E . 9.89 -36.20 2.05
C17 ERG E . 8.73 -37.22 1.82
C18 ERG E . 9.63 -38.08 -0.45
C19 ERG E . 8.24 -36.69 -4.40
C20 ERG E . 8.98 -38.48 2.70
C21 ERG E . 10.43 -38.97 2.77
C22 ERG E . 8.07 -39.62 2.31
C23 ERG E . 7.31 -40.38 3.08
C24 ERG E . 7.10 -40.37 4.58
C25 ERG E . 8.38 -40.71 5.37
C26 ERG E . 8.15 -40.68 6.88
C27 ERG E . 8.96 -42.06 4.96
C28 ERG E . 6.45 -39.05 5.01
O1 ERG E . 6.06 -33.17 -7.00
C1 ERG F . 17.53 -31.66 -21.43
C2 ERG F . 18.22 -32.23 -22.67
C3 ERG F . 19.06 -31.16 -23.34
C4 ERG F . 20.12 -30.66 -22.37
C5 ERG F . 19.54 -30.18 -21.06
C6 ERG F . 20.04 -29.11 -20.42
C7 ERG F . 19.54 -28.68 -19.13
C8 ERG F . 18.44 -29.22 -18.59
C9 ERG F . 17.64 -30.23 -19.38
C10 ERG F . 18.50 -31.06 -20.38
C11 ERG F . 16.78 -31.14 -18.49
C12 ERG F . 16.15 -30.48 -17.27
C13 ERG F . 17.18 -29.73 -16.43
C14 ERG F . 17.79 -28.66 -17.36
C15 ERG F . 18.57 -27.74 -16.45
C16 ERG F . 17.72 -27.71 -15.17
C17 ERG F . 16.64 -28.82 -15.30
C18 ERG F . 18.26 -30.65 -15.87
C19 ERG F . 19.29 -32.18 -19.68
C20 ERG F . 16.34 -29.43 -13.92
C21 ERG F . 15.13 -30.36 -13.89
C22 ERG F . 16.13 -28.34 -12.91
C23 ERG F . 15.23 -28.36 -11.94
C24 ERG F . 15.00 -27.28 -10.92
C25 ERG F . 13.50 -26.97 -10.76
C26 ERG F . 12.63 -28.21 -10.94
C27 ERG F . 13.20 -26.33 -9.40
C28 ERG F . 15.68 -27.68 -9.60
O1 ERG F . 19.63 -31.71 -24.50
C1 ERG G . -11.32 -40.17 -15.03
C2 ERG G . -10.39 -38.97 -15.19
C3 ERG G . -11.09 -37.70 -14.73
C4 ERG G . -11.45 -37.86 -13.26
C5 ERG G . -12.31 -39.05 -13.01
C6 ERG G . -13.34 -39.01 -12.15
C7 ERG G . -14.17 -40.16 -11.86
C8 ERG G . -14.05 -41.29 -12.55
C9 ERG G . -13.08 -41.37 -13.72
C10 ERG G . -11.88 -40.38 -13.61
C11 ERG G . -12.62 -42.81 -13.99
C12 ERG G . -13.71 -43.89 -13.86
C13 ERG G . -14.43 -43.81 -12.51
C14 ERG G . -15.04 -42.41 -12.45
C15 ERG G . -15.99 -42.45 -11.27
C16 ERG G . -16.56 -43.89 -11.33
C17 ERG G . -15.69 -44.68 -12.35
C18 ERG G . -13.46 -44.06 -11.35
C19 ERG G . -10.77 -40.92 -12.68
C20 ERG G . -15.56 -46.16 -11.91
C21 ERG G . -14.89 -47.08 -12.92
C22 ERG G . -16.92 -46.70 -11.59
C23 ERG G . -17.31 -47.19 -10.41
C24 ERG G . -18.68 -47.73 -10.10
C25 ERG G . -18.58 -49.12 -9.45
C26 ERG G . -19.96 -49.69 -9.10
C27 ERG G . -17.84 -50.11 -10.36
C28 ERG G . -19.41 -46.72 -9.22
O1 ERG G . -10.24 -36.60 -14.95
C1 ERG H . -13.37 -38.91 -19.88
C2 ERG H . -12.28 -37.91 -20.26
C3 ERG H . -12.89 -36.66 -20.89
C4 ERG H . -13.88 -36.03 -19.91
C5 ERG H . -14.90 -36.99 -19.38
C6 ERG H . -16.16 -36.62 -19.17
C7 ERG H . -17.11 -37.47 -18.45
C8 ERG H . -16.84 -38.75 -18.21
C9 ERG H . -15.58 -39.36 -18.79
C10 ERG H . -14.40 -38.35 -18.89
C11 ERG H . -15.15 -40.65 -18.08
C12 ERG H . -16.28 -41.56 -17.59
C13 ERG H . -17.29 -40.79 -16.73
C14 ERG H . -17.85 -39.69 -17.65
C15 ERG H . -19.03 -39.13 -16.87
C16 ERG H . -19.61 -40.37 -16.16
C17 ERG H . -18.60 -41.53 -16.34
C18 ERG H . -16.63 -40.20 -15.48
C19 ERG H . -13.75 -38.08 -17.52
C20 ERG H . -18.59 -42.46 -15.11
C21 ERG H . -17.83 -43.78 -15.30
C22 ERG H . -19.99 -42.73 -14.62
C23 ERG H . -21.02 -43.36 -15.19
C24 ERG H . -21.10 -44.03 -16.55
C25 ERG H . -21.68 -45.45 -16.43
C26 ERG H . -21.77 -46.15 -17.79
C27 ERG H . -20.87 -46.30 -15.46
C28 ERG H . -21.92 -43.13 -17.48
O1 ERG H . -11.84 -35.78 -21.21
C1 ERG I . -25.66 -36.74 -15.90
C2 ERG I . -26.26 -37.01 -14.53
C3 ERG I . -26.81 -38.42 -14.47
C4 ERG I . -25.68 -39.40 -14.72
C5 ERG I . -24.95 -39.14 -16.01
C6 ERG I . -24.52 -40.15 -16.79
C7 ERG I . -23.79 -39.93 -18.03
C8 ERG I . -23.68 -38.70 -18.55
C9 ERG I . -24.34 -37.52 -17.86
C10 ERG I . -24.55 -37.71 -16.34
C11 ERG I . -23.63 -36.19 -18.18
C12 ERG I . -23.19 -36.02 -19.63
C13 ERG I . -22.34 -37.19 -20.11
C14 ERG I . -23.22 -38.46 -19.95
C15 ERG I . -22.45 -39.54 -20.71
C16 ERG I . -21.81 -38.77 -21.89
C17 ERG I . -22.08 -37.26 -21.64
C18 ERG I . -21.04 -37.34 -19.32
C19 ERG I . -23.27 -37.44 -15.53
C20 ERG I . -21.01 -36.35 -22.26
C21 ERG I . -21.45 -35.71 -23.58
C22 ERG I . -19.74 -37.11 -22.49
C23 ERG I . -19.04 -37.12 -23.62
C24 ERG I . -17.76 -37.87 -23.86
C25 ERG I . -17.84 -38.73 -25.14
C26 ERG I . -18.59 -38.02 -26.27
C27 ERG I . -16.47 -39.16 -25.62
C28 ERG I . -16.59 -36.89 -23.87
O1 ERG I . -27.41 -38.62 -13.22
C1 ERG J . -7.78 -36.45 -28.65
C2 ERG J . -9.01 -36.68 -27.79
C3 ERG J . -9.88 -37.76 -28.42
C4 ERG J . -9.08 -39.05 -28.47
C5 ERG J . -7.78 -38.90 -29.21
C6 ERG J . -7.33 -39.86 -30.02
C7 ERG J . -6.04 -39.77 -30.68
C8 ERG J . -5.34 -38.63 -30.70
C9 ERG J . -5.93 -37.39 -30.05
C10 ERG J . -6.91 -37.70 -28.88
C11 ERG J . -4.85 -36.38 -29.64
C12 ERG J . -3.69 -36.22 -30.63
C13 ERG J . -3.05 -37.57 -30.97
C14 ERG J . -4.18 -38.42 -31.59
C15 ERG J . -3.47 -39.62 -32.18
C16 ERG J . -2.14 -39.02 -32.70
C17 ERG J . -2.03 -37.58 -32.13
C18 ERG J . -2.45 -38.23 -29.74
C19 ERG J . -6.17 -38.07 -27.58
C20 ERG J . -0.57 -37.22 -31.83
C21 ERG J . -0.30 -35.72 -31.79
C22 ERG J . 0.33 -37.85 -32.86
C23 ERG J . 1.37 -37.28 -33.45
C24 ERG J . 2.26 -37.93 -34.48
C25 ERG J . 2.48 -37.01 -35.70
C26 ERG J . 2.57 -35.54 -35.32
C27 ERG J . 3.69 -37.42 -36.52
C28 ERG J . 3.58 -38.34 -33.80
O1 ERG J . -11.05 -37.91 -27.64
C1 ERG K . -5.53 -42.37 -27.21
C2 ERG K . -6.27 -41.81 -26.01
C3 ERG K . -5.79 -42.48 -24.74
C4 ERG K . -4.29 -42.25 -24.58
C5 ERG K . -3.50 -42.66 -25.79
C6 ERG K . -2.29 -43.22 -25.67
C7 ERG K . -1.45 -43.51 -26.82
C8 ERG K . -1.92 -43.42 -28.07
C9 ERG K . -3.38 -43.09 -28.28
C10 ERG K . -4.01 -42.22 -27.15
C11 ERG K . -3.66 -42.50 -29.67
C12 ERG K . -2.85 -43.07 -30.82
C13 ERG K . -1.35 -43.02 -30.53
C14 ERG K . -1.15 -43.88 -29.26
C15 ERG K . 0.36 -44.07 -29.16
C16 ERG K . 0.80 -44.17 -30.63
C17 ERG K . -0.41 -43.77 -31.50
C18 ERG K . -0.85 -41.59 -30.32
C19 ERG K . -3.60 -40.74 -27.27
C20 ERG K . 0.05 -43.06 -32.80
C21 ERG K . -1.03 -42.92 -33.87
C22 ERG K . 1.23 -43.79 -33.37
C23 ERG K . 1.34 -44.22 -34.62
C24 ERG K . 2.51 -44.95 -35.21
C25 ERG K . 3.31 -45.73 -34.14
C26 ERG K . 2.57 -46.97 -33.64
C27 ERG K . 4.68 -46.15 -34.68
C28 ERG K . 2.02 -45.86 -36.34
O1 ERG K . -6.51 -41.96 -23.65
C1 ERG L . 5.78 -43.65 -31.06
C2 ERG L . 6.92 -44.59 -31.47
C3 ERG L . 8.14 -43.78 -31.88
C4 ERG L . 8.59 -42.92 -30.71
C5 ERG L . 7.50 -42.05 -30.16
C6 ERG L . 7.75 -40.81 -29.73
C7 ERG L . 6.73 -39.95 -29.15
C8 ERG L . 5.44 -40.31 -29.18
C9 ERG L . 5.02 -41.59 -29.87
C10 ERG L . 6.13 -42.67 -29.92
C11 ERG L . 3.69 -42.16 -29.34
C12 ERG L . 2.63 -41.12 -28.99
C13 ERG L . 3.17 -40.04 -28.04
C14 ERG L . 4.33 -39.38 -28.80
C15 ERG L . 4.65 -38.13 -27.99
C16 ERG L . 3.26 -37.67 -27.50
C17 ERG L . 2.26 -38.82 -27.79
C18 ERG L . 3.64 -40.63 -26.70
C19 ERG L . 6.25 -43.44 -28.59
C20 ERG L . 1.19 -38.89 -26.69
C21 ERG L . 0.01 -39.81 -27.00
C22 ERG L . 0.68 -37.50 -26.41
C23 ERG L . -0.59 -37.11 -26.49
C24 ERG L . -1.10 -35.74 -26.20
C25 ERG L . -2.20 -35.75 -25.12
C26 ERG L . -1.85 -36.68 -23.96
C27 ERG L . -3.54 -36.17 -25.70
C28 ERG L . 0.09 -34.84 -25.83
O1 ERG L . 9.14 -44.67 -32.31
C1 ERG M . 3.67 28.15 -10.84
C2 ERG M . 3.53 26.72 -10.33
C3 ERG M . 4.36 26.52 -9.06
C4 ERG M . 3.88 27.51 -8.00
C5 ERG M . 3.90 28.93 -8.47
C6 ERG M . 4.28 29.92 -7.67
C7 ERG M . 4.20 31.32 -8.05
C8 ERG M . 3.93 31.67 -9.30
C9 ERG M . 3.79 30.61 -10.37
C10 ERG M . 3.29 29.24 -9.83
C11 ERG M . 2.97 31.07 -11.59
C12 ERG M . 3.12 32.55 -11.98
C13 ERG M . 2.89 33.47 -10.79
C14 ERG M . 3.99 33.09 -9.78
C15 ERG M . 3.98 34.21 -8.74
C16 ERG M . 3.67 35.45 -9.58
C17 ERG M . 3.20 34.98 -10.98
C18 ERG M . 1.48 33.30 -10.19
C19 ERG M . 1.76 29.24 -9.60
C20 ERG M . 2.08 35.89 -11.52
C21 ERG M . 1.85 35.78 -13.02
C22 ERG M . 2.38 37.32 -11.16
C23 ERG M . 2.09 38.38 -11.89
C24 ERG M . 2.41 39.81 -11.51
C25 ERG M . 3.03 40.58 -12.69
C26 ERG M . 2.42 40.18 -14.04
C27 ERG M . 2.91 42.09 -12.51
C28 ERG M . 1.14 40.46 -10.96
O1 ERG M . 4.22 25.19 -8.63
C1 ERG N . 6.30 41.16 -10.53
C2 ERG N . 6.31 42.65 -10.22
C3 ERG N . 6.40 42.88 -8.72
C4 ERG N . 7.68 42.24 -8.19
C5 ERG N . 7.81 40.80 -8.55
C6 ERG N . 8.31 39.90 -7.68
C7 ERG N . 8.53 38.52 -8.03
C8 ERG N . 8.03 38.00 -9.16
C9 ERG N . 7.17 38.86 -10.06
C10 ERG N . 7.51 40.38 -9.99
C11 ERG N . 7.12 38.35 -11.51
C12 ERG N . 7.09 36.83 -11.69
C13 ERG N . 8.23 36.16 -10.91
C14 ERG N . 8.01 36.54 -9.44
C15 ERG N . 8.96 35.62 -8.67
C16 ERG N . 8.93 34.32 -9.49
C17 ERG N . 8.17 34.62 -10.81
C18 ERG N . 9.59 36.61 -11.42
C19 ERG N . 8.77 40.72 -10.79
C20 ERG N . 8.74 33.79 -11.97
C21 ERG N . 7.73 33.53 -13.10
C22 ERG N . 9.24 32.47 -11.46
C23 ERG N . 9.05 31.28 -12.01
C24 ERG N . 9.58 29.99 -11.47
C25 ERG N . 8.49 28.91 -11.46
C26 ERG N . 9.00 27.57 -10.90
C27 ERG N . 7.26 29.36 -10.67
C28 ERG N . 10.81 29.57 -12.28
O1 ERG N . 6.36 44.27 -8.47
C1 ERG O . 14.99 33.09 -10.18
C2 ERG O . 14.95 31.75 -10.91
C3 ERG O . 14.36 30.69 -10.01
C4 ERG O . 12.94 31.09 -9.62
C5 ERG O . 12.87 32.45 -8.99
C6 ERG O . 12.05 32.70 -7.97
C7 ERG O . 11.91 34.03 -7.40
C8 ERG O . 12.74 35.03 -7.72
C9 ERG O . 13.90 34.73 -8.65
C10 ERG O . 13.63 33.59 -9.66
C11 ERG O . 14.42 36.01 -9.35
C12 ERG O . 14.47 37.25 -8.46
C13 ERG O . 13.14 37.55 -7.79
C14 ERG O . 12.82 36.30 -6.95
C15 ERG O . 11.64 36.72 -6.08
C16 ERG O . 11.95 38.19 -5.76
C17 ERG O . 13.14 38.61 -6.66
C18 ERG O . 12.02 37.78 -8.82
C19 ERG O . 12.75 34.04 -10.84
C20 ERG O . 13.11 40.15 -6.91
C21 ERG O . 11.71 40.76 -7.04
C22 ERG O . 13.94 40.54 -8.11
C23 ERG O . 13.52 41.27 -9.13
C24 ERG O . 14.35 41.67 -10.34
C25 ERG O . 14.64 43.18 -10.33
C26 ERG O . 15.49 43.61 -11.53
C27 ERG O . 13.35 43.99 -10.30
C28 ERG O . 15.63 40.82 -10.35
O1 ERG O . 14.39 29.45 -10.69
C1 ERG P . 4.46 19.16 -9.31
C2 ERG P . 3.02 18.67 -9.15
C3 ERG P . 2.12 19.83 -8.78
C4 ERG P . 2.17 20.88 -9.87
C5 ERG P . 3.57 21.34 -10.19
C6 ERG P . 3.83 22.61 -10.47
C7 ERG P . 5.15 23.07 -10.86
C8 ERG P . 6.22 22.27 -10.76
C9 ERG P . 6.06 20.89 -10.15
C10 ERG P . 4.64 20.27 -10.36
C11 ERG P . 7.17 19.92 -10.59
C12 ERG P . 8.56 20.52 -10.71
C13 ERG P . 8.57 21.75 -11.60
C14 ERG P . 7.62 22.76 -10.93
C15 ERG P . 7.87 24.07 -11.66
C16 ERG P . 9.38 24.03 -11.95
C17 ERG P . 9.88 22.59 -11.64
C18 ERG P . 8.13 21.43 -13.04
C19 ERG P . 4.46 19.72 -11.78
C20 ERG P . 11.02 22.18 -12.59
C21 ERG P . 11.75 20.90 -12.18
C22 ERG P . 12.01 23.30 -12.69
C23 ERG P . 12.39 23.89 -13.82
C24 ERG P . 13.38 25.00 -13.95
C25 ERG P . 12.72 26.28 -14.50
C26 ERG P . 13.70 27.44 -14.63
C27 ERG P . 12.06 26.02 -15.85
C28 ERG P . 14.05 25.23 -12.59
O1 ERG P . 0.81 19.32 -8.59
#